data_4L8L
# 
_entry.id   4L8L 
# 
_audit_conform.dict_name       mmcif_pdbx.dic 
_audit_conform.dict_version    5.387 
_audit_conform.dict_location   http://mmcif.pdb.org/dictionaries/ascii/mmcif_pdbx.dic 
# 
loop_
_database_2.database_id 
_database_2.database_code 
_database_2.pdbx_database_accession 
_database_2.pdbx_DOI 
PDB   4L8L         pdb_00004l8l 10.2210/pdb4l8l/pdb 
RCSB  RCSB080317   ?            ?                   
WWPDB D_1000080317 ?            ?                   
# 
loop_
_pdbx_audit_revision_history.ordinal 
_pdbx_audit_revision_history.data_content_type 
_pdbx_audit_revision_history.major_revision 
_pdbx_audit_revision_history.minor_revision 
_pdbx_audit_revision_history.revision_date 
1 'Structure model' 1 0 2014-07-23 
2 'Structure model' 1 1 2014-11-12 
3 'Structure model' 1 2 2014-11-19 
4 'Structure model' 1 3 2024-02-28 
# 
_pdbx_audit_revision_details.ordinal             1 
_pdbx_audit_revision_details.revision_ordinal    1 
_pdbx_audit_revision_details.data_content_type   'Structure model' 
_pdbx_audit_revision_details.provider            repository 
_pdbx_audit_revision_details.type                'Initial release' 
_pdbx_audit_revision_details.description         ? 
_pdbx_audit_revision_details.details             ? 
# 
loop_
_pdbx_audit_revision_group.ordinal 
_pdbx_audit_revision_group.revision_ordinal 
_pdbx_audit_revision_group.data_content_type 
_pdbx_audit_revision_group.group 
1 2 'Structure model' 'Structure summary'   
2 3 'Structure model' 'Database references' 
3 4 'Structure model' 'Data collection'     
4 4 'Structure model' 'Database references' 
# 
loop_
_pdbx_audit_revision_category.ordinal 
_pdbx_audit_revision_category.revision_ordinal 
_pdbx_audit_revision_category.data_content_type 
_pdbx_audit_revision_category.category 
1 4 'Structure model' chem_comp_atom     
2 4 'Structure model' chem_comp_bond     
3 4 'Structure model' database_2         
4 4 'Structure model' struct_ref_seq_dif 
# 
loop_
_pdbx_audit_revision_item.ordinal 
_pdbx_audit_revision_item.revision_ordinal 
_pdbx_audit_revision_item.data_content_type 
_pdbx_audit_revision_item.item 
1 4 'Structure model' '_database_2.pdbx_DOI'                
2 4 'Structure model' '_database_2.pdbx_database_accession' 
3 4 'Structure model' '_struct_ref_seq_dif.details'         
# 
_pdbx_database_status.status_code                     REL 
_pdbx_database_status.entry_id                        4L8L 
_pdbx_database_status.recvd_initial_deposition_date   2013-06-17 
_pdbx_database_status.deposit_site                    RCSB 
_pdbx_database_status.process_site                    RCSB 
_pdbx_database_status.status_code_sf                  REL 
_pdbx_database_status.status_code_mr                  ? 
_pdbx_database_status.SG_entry                        ? 
_pdbx_database_status.status_code_cs                  ? 
_pdbx_database_status.methods_development_category    ? 
_pdbx_database_status.pdb_format_compatible           Y 
_pdbx_database_status.status_code_nmr_data            ? 
# 
loop_
_audit_author.name 
_audit_author.pdbx_ordinal 
'Reiling, S.A.' 1 
'Asojo, O.A.'   2 
# 
_citation.id                        primary 
_citation.title                     'Structure of type II dehydroquinase from Pseudomonas aeruginosa.' 
_citation.journal_abbrev            'Acta Crystallogr F Struct Biol Commun' 
_citation.journal_volume            70 
_citation.page_first                1485 
_citation.page_last                 1491 
_citation.year                      2014 
_citation.journal_id_ASTM           ? 
_citation.country                   ? 
_citation.journal_id_ISSN           ? 
_citation.journal_id_CSD            0353 
_citation.book_publisher            ? 
_citation.pdbx_database_id_PubMed   25372814 
_citation.pdbx_database_id_DOI      10.1107/S2053230X14020214 
# 
loop_
_citation_author.citation_id 
_citation_author.name 
_citation_author.ordinal 
_citation_author.identifier_ORCID 
primary 'Reiling, S.'     1 ? 
primary 'Kelleher, A.'    2 ? 
primary 'Matsumoto, M.M.' 3 ? 
primary 'Robinson, G.'    4 ? 
primary 'Asojo, O.A.'     5 ? 
# 
loop_
_entity.id 
_entity.type 
_entity.src_method 
_entity.pdbx_description 
_entity.formula_weight 
_entity.pdbx_number_of_molecules 
_entity.pdbx_ec 
_entity.pdbx_mutation 
_entity.pdbx_fragment 
_entity.details 
1 polymer man '3-dehydroquinate dehydratase 1' 15985.019 1   4.2.1.10 ? ? ? 
2 water   nat water                            18.015    113 ?        ? ? ? 
# 
_entity_name_com.entity_id   1 
_entity_name_com.name        '3-dehydroquinase 1, Type II DHQase 1' 
# 
_entity_poly.entity_id                      1 
_entity_poly.type                           'polypeptide(L)' 
_entity_poly.nstd_linkage                   no 
_entity_poly.nstd_monomer                   no 
_entity_poly.pdbx_seq_one_letter_code       
;QGTLLVLHGPNLNLLGTREPGTYGSTTLGQINQDLERRAREAGHHLLHLQSNAEYELIDRIHAARDEGVDFIIINPAAFT
HTSVALRDALLAVSIPFIEVHLSNVHKREPFRHHSYFSDVAVGVICGLGATGYRLALESALEQLQ
;
_entity_poly.pdbx_seq_one_letter_code_can   
;QGTLLVLHGPNLNLLGTREPGTYGSTTLGQINQDLERRAREAGHHLLHLQSNAEYELIDRIHAARDEGVDFIIINPAAFT
HTSVALRDALLAVSIPFIEVHLSNVHKREPFRHHSYFSDVAVGVICGLGATGYRLALESALEQLQ
;
_entity_poly.pdbx_strand_id                 A 
_entity_poly.pdbx_target_identifier         ? 
# 
_pdbx_entity_nonpoly.entity_id   2 
_pdbx_entity_nonpoly.name        water 
_pdbx_entity_nonpoly.comp_id     HOH 
# 
loop_
_entity_poly_seq.entity_id 
_entity_poly_seq.num 
_entity_poly_seq.mon_id 
_entity_poly_seq.hetero 
1 1   GLN n 
1 2   GLY n 
1 3   THR n 
1 4   LEU n 
1 5   LEU n 
1 6   VAL n 
1 7   LEU n 
1 8   HIS n 
1 9   GLY n 
1 10  PRO n 
1 11  ASN n 
1 12  LEU n 
1 13  ASN n 
1 14  LEU n 
1 15  LEU n 
1 16  GLY n 
1 17  THR n 
1 18  ARG n 
1 19  GLU n 
1 20  PRO n 
1 21  GLY n 
1 22  THR n 
1 23  TYR n 
1 24  GLY n 
1 25  SER n 
1 26  THR n 
1 27  THR n 
1 28  LEU n 
1 29  GLY n 
1 30  GLN n 
1 31  ILE n 
1 32  ASN n 
1 33  GLN n 
1 34  ASP n 
1 35  LEU n 
1 36  GLU n 
1 37  ARG n 
1 38  ARG n 
1 39  ALA n 
1 40  ARG n 
1 41  GLU n 
1 42  ALA n 
1 43  GLY n 
1 44  HIS n 
1 45  HIS n 
1 46  LEU n 
1 47  LEU n 
1 48  HIS n 
1 49  LEU n 
1 50  GLN n 
1 51  SER n 
1 52  ASN n 
1 53  ALA n 
1 54  GLU n 
1 55  TYR n 
1 56  GLU n 
1 57  LEU n 
1 58  ILE n 
1 59  ASP n 
1 60  ARG n 
1 61  ILE n 
1 62  HIS n 
1 63  ALA n 
1 64  ALA n 
1 65  ARG n 
1 66  ASP n 
1 67  GLU n 
1 68  GLY n 
1 69  VAL n 
1 70  ASP n 
1 71  PHE n 
1 72  ILE n 
1 73  ILE n 
1 74  ILE n 
1 75  ASN n 
1 76  PRO n 
1 77  ALA n 
1 78  ALA n 
1 79  PHE n 
1 80  THR n 
1 81  HIS n 
1 82  THR n 
1 83  SER n 
1 84  VAL n 
1 85  ALA n 
1 86  LEU n 
1 87  ARG n 
1 88  ASP n 
1 89  ALA n 
1 90  LEU n 
1 91  LEU n 
1 92  ALA n 
1 93  VAL n 
1 94  SER n 
1 95  ILE n 
1 96  PRO n 
1 97  PHE n 
1 98  ILE n 
1 99  GLU n 
1 100 VAL n 
1 101 HIS n 
1 102 LEU n 
1 103 SER n 
1 104 ASN n 
1 105 VAL n 
1 106 HIS n 
1 107 LYS n 
1 108 ARG n 
1 109 GLU n 
1 110 PRO n 
1 111 PHE n 
1 112 ARG n 
1 113 HIS n 
1 114 HIS n 
1 115 SER n 
1 116 TYR n 
1 117 PHE n 
1 118 SER n 
1 119 ASP n 
1 120 VAL n 
1 121 ALA n 
1 122 VAL n 
1 123 GLY n 
1 124 VAL n 
1 125 ILE n 
1 126 CYS n 
1 127 GLY n 
1 128 LEU n 
1 129 GLY n 
1 130 ALA n 
1 131 THR n 
1 132 GLY n 
1 133 TYR n 
1 134 ARG n 
1 135 LEU n 
1 136 ALA n 
1 137 LEU n 
1 138 GLU n 
1 139 SER n 
1 140 ALA n 
1 141 LEU n 
1 142 GLU n 
1 143 GLN n 
1 144 LEU n 
1 145 GLN n 
# 
_entity_src_gen.entity_id                          1 
_entity_src_gen.pdbx_src_id                        1 
_entity_src_gen.pdbx_alt_source_flag               sample 
_entity_src_gen.pdbx_seq_type                      ? 
_entity_src_gen.pdbx_beg_seq_num                   ? 
_entity_src_gen.pdbx_end_seq_num                   ? 
_entity_src_gen.gene_src_common_name               ? 
_entity_src_gen.gene_src_genus                     ? 
_entity_src_gen.pdbx_gene_src_gene                 'aroQ, aroQ1, PA4846' 
_entity_src_gen.gene_src_species                   ? 
_entity_src_gen.gene_src_strain                    PAO1 
_entity_src_gen.gene_src_tissue                    ? 
_entity_src_gen.gene_src_tissue_fraction           ? 
_entity_src_gen.gene_src_details                   ? 
_entity_src_gen.pdbx_gene_src_fragment             ? 
_entity_src_gen.pdbx_gene_src_scientific_name      'Pseudomonas aeruginosa' 
_entity_src_gen.pdbx_gene_src_ncbi_taxonomy_id     208964 
_entity_src_gen.pdbx_gene_src_variant              ? 
_entity_src_gen.pdbx_gene_src_cell_line            ? 
_entity_src_gen.pdbx_gene_src_atcc                 ? 
_entity_src_gen.pdbx_gene_src_organ                ? 
_entity_src_gen.pdbx_gene_src_organelle            ? 
_entity_src_gen.pdbx_gene_src_cell                 ? 
_entity_src_gen.pdbx_gene_src_cellular_location    ? 
_entity_src_gen.host_org_common_name               ? 
_entity_src_gen.pdbx_host_org_scientific_name      'Escherichia coli' 
_entity_src_gen.pdbx_host_org_ncbi_taxonomy_id     469008 
_entity_src_gen.host_org_genus                     ? 
_entity_src_gen.pdbx_host_org_gene                 ? 
_entity_src_gen.pdbx_host_org_organ                ? 
_entity_src_gen.host_org_species                   ? 
_entity_src_gen.pdbx_host_org_tissue               ? 
_entity_src_gen.pdbx_host_org_tissue_fraction      ? 
_entity_src_gen.pdbx_host_org_strain               'BL21(DE3)RIPL' 
_entity_src_gen.pdbx_host_org_variant              ? 
_entity_src_gen.pdbx_host_org_cell_line            ? 
_entity_src_gen.pdbx_host_org_atcc                 ? 
_entity_src_gen.pdbx_host_org_culture_collection   ? 
_entity_src_gen.pdbx_host_org_cell                 ? 
_entity_src_gen.pdbx_host_org_organelle            ? 
_entity_src_gen.pdbx_host_org_cellular_location    ? 
_entity_src_gen.pdbx_host_org_vector_type          Plasmid 
_entity_src_gen.pdbx_host_org_vector               ? 
_entity_src_gen.host_org_details                   ? 
_entity_src_gen.expression_system_id               ? 
_entity_src_gen.plasmid_name                       'pET28a(+)' 
_entity_src_gen.plasmid_details                    ? 
_entity_src_gen.pdbx_description                   ? 
# 
loop_
_chem_comp.id 
_chem_comp.type 
_chem_comp.mon_nstd_flag 
_chem_comp.name 
_chem_comp.pdbx_synonyms 
_chem_comp.formula 
_chem_comp.formula_weight 
ALA 'L-peptide linking' y ALANINE         ? 'C3 H7 N O2'     89.093  
ARG 'L-peptide linking' y ARGININE        ? 'C6 H15 N4 O2 1' 175.209 
ASN 'L-peptide linking' y ASPARAGINE      ? 'C4 H8 N2 O3'    132.118 
ASP 'L-peptide linking' y 'ASPARTIC ACID' ? 'C4 H7 N O4'     133.103 
CYS 'L-peptide linking' y CYSTEINE        ? 'C3 H7 N O2 S'   121.158 
GLN 'L-peptide linking' y GLUTAMINE       ? 'C5 H10 N2 O3'   146.144 
GLU 'L-peptide linking' y 'GLUTAMIC ACID' ? 'C5 H9 N O4'     147.129 
GLY 'peptide linking'   y GLYCINE         ? 'C2 H5 N O2'     75.067  
HIS 'L-peptide linking' y HISTIDINE       ? 'C6 H10 N3 O2 1' 156.162 
HOH non-polymer         . WATER           ? 'H2 O'           18.015  
ILE 'L-peptide linking' y ISOLEUCINE      ? 'C6 H13 N O2'    131.173 
LEU 'L-peptide linking' y LEUCINE         ? 'C6 H13 N O2'    131.173 
LYS 'L-peptide linking' y LYSINE          ? 'C6 H15 N2 O2 1' 147.195 
PHE 'L-peptide linking' y PHENYLALANINE   ? 'C9 H11 N O2'    165.189 
PRO 'L-peptide linking' y PROLINE         ? 'C5 H9 N O2'     115.130 
SER 'L-peptide linking' y SERINE          ? 'C3 H7 N O3'     105.093 
THR 'L-peptide linking' y THREONINE       ? 'C4 H9 N O3'     119.119 
TYR 'L-peptide linking' y TYROSINE        ? 'C9 H11 N O3'    181.189 
VAL 'L-peptide linking' y VALINE          ? 'C5 H11 N O2'    117.146 
# 
loop_
_pdbx_poly_seq_scheme.asym_id 
_pdbx_poly_seq_scheme.entity_id 
_pdbx_poly_seq_scheme.seq_id 
_pdbx_poly_seq_scheme.mon_id 
_pdbx_poly_seq_scheme.ndb_seq_num 
_pdbx_poly_seq_scheme.pdb_seq_num 
_pdbx_poly_seq_scheme.auth_seq_num 
_pdbx_poly_seq_scheme.pdb_mon_id 
_pdbx_poly_seq_scheme.auth_mon_id 
_pdbx_poly_seq_scheme.pdb_strand_id 
_pdbx_poly_seq_scheme.pdb_ins_code 
_pdbx_poly_seq_scheme.hetero 
A 1 1   GLN 1   1   1   GLN GLN A . n 
A 1 2   GLY 2   2   2   GLY GLY A . n 
A 1 3   THR 3   3   3   THR THR A . n 
A 1 4   LEU 4   4   4   LEU LEU A . n 
A 1 5   LEU 5   5   5   LEU LEU A . n 
A 1 6   VAL 6   6   6   VAL VAL A . n 
A 1 7   LEU 7   7   7   LEU LEU A . n 
A 1 8   HIS 8   8   8   HIS HIS A . n 
A 1 9   GLY 9   9   9   GLY GLY A . n 
A 1 10  PRO 10  10  10  PRO PRO A . n 
A 1 11  ASN 11  11  11  ASN ASN A . n 
A 1 12  LEU 12  12  12  LEU LEU A . n 
A 1 13  ASN 13  13  13  ASN ASN A . n 
A 1 14  LEU 14  14  14  LEU LEU A . n 
A 1 15  LEU 15  15  15  LEU LEU A . n 
A 1 16  GLY 16  16  16  GLY GLY A . n 
A 1 17  THR 17  17  17  THR THR A . n 
A 1 18  ARG 18  18  ?   ?   ?   A . n 
A 1 19  GLU 19  19  ?   ?   ?   A . n 
A 1 20  PRO 20  20  ?   ?   ?   A . n 
A 1 21  GLY 21  21  ?   ?   ?   A . n 
A 1 22  THR 22  22  ?   ?   ?   A . n 
A 1 23  TYR 23  23  ?   ?   ?   A . n 
A 1 24  GLY 24  24  ?   ?   ?   A . n 
A 1 25  SER 25  25  25  SER SER A . n 
A 1 26  THR 26  26  26  THR THR A . n 
A 1 27  THR 27  27  27  THR THR A . n 
A 1 28  LEU 28  28  28  LEU LEU A . n 
A 1 29  GLY 29  29  29  GLY GLY A . n 
A 1 30  GLN 30  30  30  GLN GLN A . n 
A 1 31  ILE 31  31  31  ILE ILE A . n 
A 1 32  ASN 32  32  32  ASN ASN A . n 
A 1 33  GLN 33  33  33  GLN GLN A . n 
A 1 34  ASP 34  34  34  ASP ASP A . n 
A 1 35  LEU 35  35  35  LEU LEU A . n 
A 1 36  GLU 36  36  36  GLU GLU A . n 
A 1 37  ARG 37  37  37  ARG ARG A . n 
A 1 38  ARG 38  38  38  ARG ARG A . n 
A 1 39  ALA 39  39  39  ALA ALA A . n 
A 1 40  ARG 40  40  40  ARG ARG A . n 
A 1 41  GLU 41  41  41  GLU GLU A . n 
A 1 42  ALA 42  42  42  ALA ALA A . n 
A 1 43  GLY 43  43  43  GLY GLY A . n 
A 1 44  HIS 44  44  44  HIS HIS A . n 
A 1 45  HIS 45  45  45  HIS HIS A . n 
A 1 46  LEU 46  46  46  LEU LEU A . n 
A 1 47  LEU 47  47  47  LEU LEU A . n 
A 1 48  HIS 48  48  48  HIS HIS A . n 
A 1 49  LEU 49  49  49  LEU LEU A . n 
A 1 50  GLN 50  50  50  GLN GLN A . n 
A 1 51  SER 51  51  51  SER SER A . n 
A 1 52  ASN 52  52  52  ASN ASN A . n 
A 1 53  ALA 53  53  53  ALA ALA A . n 
A 1 54  GLU 54  54  54  GLU GLU A . n 
A 1 55  TYR 55  55  55  TYR TYR A . n 
A 1 56  GLU 56  56  56  GLU GLU A . n 
A 1 57  LEU 57  57  57  LEU LEU A . n 
A 1 58  ILE 58  58  58  ILE ILE A . n 
A 1 59  ASP 59  59  59  ASP ASP A . n 
A 1 60  ARG 60  60  60  ARG ARG A . n 
A 1 61  ILE 61  61  61  ILE ILE A . n 
A 1 62  HIS 62  62  62  HIS HIS A . n 
A 1 63  ALA 63  63  63  ALA ALA A . n 
A 1 64  ALA 64  64  64  ALA ALA A . n 
A 1 65  ARG 65  65  65  ARG ARG A . n 
A 1 66  ASP 66  66  66  ASP ASP A . n 
A 1 67  GLU 67  67  67  GLU GLU A . n 
A 1 68  GLY 68  68  68  GLY GLY A . n 
A 1 69  VAL 69  69  69  VAL VAL A . n 
A 1 70  ASP 70  70  70  ASP ASP A . n 
A 1 71  PHE 71  71  71  PHE PHE A . n 
A 1 72  ILE 72  72  72  ILE ILE A . n 
A 1 73  ILE 73  73  73  ILE ILE A . n 
A 1 74  ILE 74  74  74  ILE ILE A . n 
A 1 75  ASN 75  75  75  ASN ASN A . n 
A 1 76  PRO 76  76  76  PRO PRO A . n 
A 1 77  ALA 77  77  77  ALA ALA A . n 
A 1 78  ALA 78  78  78  ALA ALA A . n 
A 1 79  PHE 79  79  79  PHE PHE A . n 
A 1 80  THR 80  80  80  THR THR A . n 
A 1 81  HIS 81  81  81  HIS HIS A . n 
A 1 82  THR 82  82  82  THR THR A . n 
A 1 83  SER 83  83  83  SER SER A . n 
A 1 84  VAL 84  84  84  VAL VAL A . n 
A 1 85  ALA 85  85  85  ALA ALA A . n 
A 1 86  LEU 86  86  86  LEU LEU A . n 
A 1 87  ARG 87  87  87  ARG ARG A . n 
A 1 88  ASP 88  88  88  ASP ASP A . n 
A 1 89  ALA 89  89  89  ALA ALA A . n 
A 1 90  LEU 90  90  90  LEU LEU A . n 
A 1 91  LEU 91  91  91  LEU LEU A . n 
A 1 92  ALA 92  92  92  ALA ALA A . n 
A 1 93  VAL 93  93  93  VAL VAL A . n 
A 1 94  SER 94  94  94  SER SER A . n 
A 1 95  ILE 95  95  95  ILE ILE A . n 
A 1 96  PRO 96  96  96  PRO PRO A . n 
A 1 97  PHE 97  97  97  PHE PHE A . n 
A 1 98  ILE 98  98  98  ILE ILE A . n 
A 1 99  GLU 99  99  99  GLU GLU A . n 
A 1 100 VAL 100 100 100 VAL VAL A . n 
A 1 101 HIS 101 101 101 HIS HIS A . n 
A 1 102 LEU 102 102 102 LEU LEU A . n 
A 1 103 SER 103 103 103 SER SER A . n 
A 1 104 ASN 104 104 104 ASN ASN A . n 
A 1 105 VAL 105 105 105 VAL VAL A . n 
A 1 106 HIS 106 106 106 HIS HIS A . n 
A 1 107 LYS 107 107 107 LYS LYS A . n 
A 1 108 ARG 108 108 108 ARG ARG A . n 
A 1 109 GLU 109 109 109 GLU GLU A . n 
A 1 110 PRO 110 110 110 PRO PRO A . n 
A 1 111 PHE 111 111 111 PHE PHE A . n 
A 1 112 ARG 112 112 112 ARG ARG A . n 
A 1 113 HIS 113 113 113 HIS HIS A . n 
A 1 114 HIS 114 114 114 HIS HIS A . n 
A 1 115 SER 115 115 115 SER SER A . n 
A 1 116 TYR 116 116 116 TYR TYR A . n 
A 1 117 PHE 117 117 117 PHE PHE A . n 
A 1 118 SER 118 118 118 SER SER A . n 
A 1 119 ASP 119 119 119 ASP ASP A . n 
A 1 120 VAL 120 120 120 VAL VAL A . n 
A 1 121 ALA 121 121 121 ALA ALA A . n 
A 1 122 VAL 122 122 122 VAL VAL A . n 
A 1 123 GLY 123 123 123 GLY GLY A . n 
A 1 124 VAL 124 124 124 VAL VAL A . n 
A 1 125 ILE 125 125 125 ILE ILE A . n 
A 1 126 CYS 126 126 126 CYS CYS A . n 
A 1 127 GLY 127 127 127 GLY GLY A . n 
A 1 128 LEU 128 128 128 LEU LEU A . n 
A 1 129 GLY 129 129 129 GLY GLY A . n 
A 1 130 ALA 130 130 130 ALA ALA A . n 
A 1 131 THR 131 131 131 THR THR A . n 
A 1 132 GLY 132 132 132 GLY GLY A . n 
A 1 133 TYR 133 133 133 TYR TYR A . n 
A 1 134 ARG 134 134 134 ARG ARG A . n 
A 1 135 LEU 135 135 135 LEU LEU A . n 
A 1 136 ALA 136 136 136 ALA ALA A . n 
A 1 137 LEU 137 137 137 LEU LEU A . n 
A 1 138 GLU 138 138 138 GLU GLU A . n 
A 1 139 SER 139 139 139 SER SER A . n 
A 1 140 ALA 140 140 140 ALA ALA A . n 
A 1 141 LEU 141 141 141 LEU LEU A . n 
A 1 142 GLU 142 142 142 GLU GLU A . n 
A 1 143 GLN 143 143 143 GLN GLN A . n 
A 1 144 LEU 144 144 144 LEU LEU A . n 
A 1 145 GLN 145 145 145 GLN GLN A . n 
# 
loop_
_pdbx_nonpoly_scheme.asym_id 
_pdbx_nonpoly_scheme.entity_id 
_pdbx_nonpoly_scheme.mon_id 
_pdbx_nonpoly_scheme.ndb_seq_num 
_pdbx_nonpoly_scheme.pdb_seq_num 
_pdbx_nonpoly_scheme.auth_seq_num 
_pdbx_nonpoly_scheme.pdb_mon_id 
_pdbx_nonpoly_scheme.auth_mon_id 
_pdbx_nonpoly_scheme.pdb_strand_id 
_pdbx_nonpoly_scheme.pdb_ins_code 
B 2 HOH 1   201 200 HOH HOH A . 
B 2 HOH 2   202 201 HOH HOH A . 
B 2 HOH 3   203 202 HOH HOH A . 
B 2 HOH 4   204 203 HOH HOH A . 
B 2 HOH 5   205 204 HOH HOH A . 
B 2 HOH 6   206 205 HOH HOH A . 
B 2 HOH 7   207 206 HOH HOH A . 
B 2 HOH 8   208 207 HOH HOH A . 
B 2 HOH 9   209 208 HOH HOH A . 
B 2 HOH 10  210 209 HOH HOH A . 
B 2 HOH 11  211 211 HOH HOH A . 
B 2 HOH 12  212 212 HOH HOH A . 
B 2 HOH 13  213 213 HOH HOH A . 
B 2 HOH 14  214 214 HOH HOH A . 
B 2 HOH 15  215 215 HOH HOH A . 
B 2 HOH 16  216 216 HOH HOH A . 
B 2 HOH 17  217 217 HOH HOH A . 
B 2 HOH 18  218 218 HOH HOH A . 
B 2 HOH 19  219 219 HOH HOH A . 
B 2 HOH 20  220 220 HOH HOH A . 
B 2 HOH 21  221 222 HOH HOH A . 
B 2 HOH 22  222 223 HOH HOH A . 
B 2 HOH 23  223 224 HOH HOH A . 
B 2 HOH 24  224 225 HOH HOH A . 
B 2 HOH 25  225 226 HOH HOH A . 
B 2 HOH 26  226 227 HOH HOH A . 
B 2 HOH 27  227 228 HOH HOH A . 
B 2 HOH 28  228 229 HOH HOH A . 
B 2 HOH 29  229 230 HOH HOH A . 
B 2 HOH 30  230 231 HOH HOH A . 
B 2 HOH 31  231 232 HOH HOH A . 
B 2 HOH 32  232 233 HOH HOH A . 
B 2 HOH 33  233 234 HOH HOH A . 
B 2 HOH 34  234 235 HOH HOH A . 
B 2 HOH 35  235 236 HOH HOH A . 
B 2 HOH 36  236 237 HOH HOH A . 
B 2 HOH 37  237 238 HOH HOH A . 
B 2 HOH 38  238 239 HOH HOH A . 
B 2 HOH 39  239 240 HOH HOH A . 
B 2 HOH 40  240 241 HOH HOH A . 
B 2 HOH 41  241 242 HOH HOH A . 
B 2 HOH 42  242 243 HOH HOH A . 
B 2 HOH 43  243 244 HOH HOH A . 
B 2 HOH 44  244 245 HOH HOH A . 
B 2 HOH 45  245 246 HOH HOH A . 
B 2 HOH 46  246 247 HOH HOH A . 
B 2 HOH 47  247 248 HOH HOH A . 
B 2 HOH 48  248 249 HOH HOH A . 
B 2 HOH 49  249 250 HOH HOH A . 
B 2 HOH 50  250 251 HOH HOH A . 
B 2 HOH 51  251 252 HOH HOH A . 
B 2 HOH 52  252 253 HOH HOH A . 
B 2 HOH 53  253 254 HOH HOH A . 
B 2 HOH 54  254 255 HOH HOH A . 
B 2 HOH 55  255 256 HOH HOH A . 
B 2 HOH 56  256 257 HOH HOH A . 
B 2 HOH 57  257 258 HOH HOH A . 
B 2 HOH 58  258 259 HOH HOH A . 
B 2 HOH 59  259 260 HOH HOH A . 
B 2 HOH 60  260 261 HOH HOH A . 
B 2 HOH 61  261 262 HOH HOH A . 
B 2 HOH 62  262 263 HOH HOH A . 
B 2 HOH 63  263 264 HOH HOH A . 
B 2 HOH 64  264 265 HOH HOH A . 
B 2 HOH 65  265 266 HOH HOH A . 
B 2 HOH 66  266 267 HOH HOH A . 
B 2 HOH 67  267 268 HOH HOH A . 
B 2 HOH 68  268 269 HOH HOH A . 
B 2 HOH 69  269 270 HOH HOH A . 
B 2 HOH 70  270 272 HOH HOH A . 
B 2 HOH 71  271 273 HOH HOH A . 
B 2 HOH 72  272 274 HOH HOH A . 
B 2 HOH 73  273 275 HOH HOH A . 
B 2 HOH 74  274 276 HOH HOH A . 
B 2 HOH 75  275 278 HOH HOH A . 
B 2 HOH 76  276 279 HOH HOH A . 
B 2 HOH 77  277 280 HOH HOH A . 
B 2 HOH 78  278 283 HOH HOH A . 
B 2 HOH 79  279 284 HOH HOH A . 
B 2 HOH 80  280 285 HOH HOH A . 
B 2 HOH 81  281 286 HOH HOH A . 
B 2 HOH 82  282 287 HOH HOH A . 
B 2 HOH 83  283 288 HOH HOH A . 
B 2 HOH 84  284 289 HOH HOH A . 
B 2 HOH 85  285 291 HOH HOH A . 
B 2 HOH 86  286 292 HOH HOH A . 
B 2 HOH 87  287 294 HOH HOH A . 
B 2 HOH 88  288 295 HOH HOH A . 
B 2 HOH 89  289 1   HOH HOH A . 
B 2 HOH 90  290 2   HOH HOH A . 
B 2 HOH 91  291 3   HOH HOH A . 
B 2 HOH 92  292 4   HOH HOH A . 
B 2 HOH 93  293 5   HOH HOH A . 
B 2 HOH 94  294 6   HOH HOH A . 
B 2 HOH 95  295 7   HOH HOH A . 
B 2 HOH 96  296 8   HOH HOH A . 
B 2 HOH 97  297 9   HOH HOH A . 
B 2 HOH 98  298 10  HOH HOH A . 
B 2 HOH 99  299 11  HOH HOH A . 
B 2 HOH 100 300 12  HOH HOH A . 
B 2 HOH 101 301 13  HOH HOH A . 
B 2 HOH 102 302 14  HOH HOH A . 
B 2 HOH 103 303 15  HOH HOH A . 
B 2 HOH 104 304 16  HOH HOH A . 
B 2 HOH 105 305 17  HOH HOH A . 
B 2 HOH 106 306 18  HOH HOH A . 
B 2 HOH 107 307 19  HOH HOH A . 
B 2 HOH 108 308 20  HOH HOH A . 
B 2 HOH 109 309 21  HOH HOH A . 
B 2 HOH 110 310 22  HOH HOH A . 
B 2 HOH 111 311 23  HOH HOH A . 
B 2 HOH 112 312 24  HOH HOH A . 
B 2 HOH 113 313 25  HOH HOH A . 
# 
loop_
_software.name 
_software.classification 
_software.version 
_software.citation_id 
_software.pdbx_ordinal 
CrystalClear 'data collection' .        ? 1 
PHASER       phasing           .        ? 2 
REFMAC       refinement        5.7.0032 ? 3 
MOSFLM       'data reduction'  .        ? 4 
SCALA        'data scaling'    .        ? 5 
# 
_cell.entry_id           4L8L 
_cell.length_a           125.390 
_cell.length_b           125.390 
_cell.length_c           125.390 
_cell.angle_alpha        90.00 
_cell.angle_beta         90.00 
_cell.angle_gamma        90.00 
_cell.Z_PDB              48 
_cell.pdbx_unique_axis   ? 
_cell.length_a_esd       ? 
_cell.length_b_esd       ? 
_cell.length_c_esd       ? 
_cell.angle_alpha_esd    ? 
_cell.angle_beta_esd     ? 
_cell.angle_gamma_esd    ? 
# 
_symmetry.entry_id                         4L8L 
_symmetry.space_group_name_H-M             'F 2 3' 
_symmetry.pdbx_full_space_group_name_H-M   ? 
_symmetry.cell_setting                     ? 
_symmetry.Int_Tables_number                196 
_symmetry.space_group_name_Hall            ? 
# 
_exptl.entry_id          4L8L 
_exptl.method            'X-RAY DIFFRACTION' 
_exptl.crystals_number   1 
# 
_exptl_crystal.id                    1 
_exptl_crystal.density_meas          ? 
_exptl_crystal.density_Matthews      2.57 
_exptl_crystal.density_percent_sol   52.13 
_exptl_crystal.description           ? 
_exptl_crystal.F_000                 ? 
_exptl_crystal.preparation           ? 
# 
_exptl_crystal_grow.crystal_id      1 
_exptl_crystal_grow.method          'VAPOR DIFFUSION, SITTING DROP' 
_exptl_crystal_grow.temp            293 
_exptl_crystal_grow.temp_details    ? 
_exptl_crystal_grow.pH              7.5 
_exptl_crystal_grow.pdbx_pH_range   ? 
_exptl_crystal_grow.pdbx_details    
'0.8M potassium sodium tartarate and 0.1M Sodium HEPES pH 7.5, VAPOR DIFFUSION, SITTING DROP, temperature 293K' 
# 
_diffrn.id                     1 
_diffrn.ambient_temp           170 
_diffrn.ambient_temp_details   ? 
_diffrn.crystal_id             1 
# 
_diffrn_detector.diffrn_id              1 
_diffrn_detector.detector               'IMAGE PLATE' 
_diffrn_detector.type                   'RIGAKU RAXIS HTC' 
_diffrn_detector.pdbx_collection_date   2013-01-03 
_diffrn_detector.details                ? 
# 
_diffrn_radiation.diffrn_id                        1 
_diffrn_radiation.wavelength_id                    1 
_diffrn_radiation.pdbx_monochromatic_or_laue_m_l   M 
_diffrn_radiation.monochromator                    ? 
_diffrn_radiation.pdbx_diffrn_protocol             'SINGLE WAVELENGTH' 
_diffrn_radiation.pdbx_scattering_type             x-ray 
# 
_diffrn_radiation_wavelength.id           1 
_diffrn_radiation_wavelength.wavelength   1.5418 
_diffrn_radiation_wavelength.wt           1.0 
# 
_diffrn_source.diffrn_id                   1 
_diffrn_source.source                      'ROTATING ANODE' 
_diffrn_source.type                        'RIGAKU FR-E+ SUPERBRIGHT' 
_diffrn_source.pdbx_synchrotron_site       ? 
_diffrn_source.pdbx_synchrotron_beamline   ? 
_diffrn_source.pdbx_wavelength             ? 
_diffrn_source.pdbx_wavelength_list        1.5418 
# 
_reflns.pdbx_diffrn_id               1 
_reflns.pdbx_ordinal                 1 
_reflns.entry_id                     4L8L 
_reflns.observed_criterion_sigma_I   0 
_reflns.observed_criterion_sigma_F   0 
_reflns.d_resolution_low             31.35 
_reflns.d_resolution_high            1.7362 
_reflns.number_obs                   16975 
_reflns.number_all                   16975 
_reflns.percent_possible_obs         99 
_reflns.pdbx_Rmerge_I_obs            0.1 
_reflns.pdbx_Rsym_value              0.1 
_reflns.pdbx_netI_over_sigmaI        31.2 
_reflns.B_iso_Wilson_estimate        ? 
_reflns.pdbx_redundancy              41.8 
_reflns.R_free_details               ? 
_reflns.limit_h_max                  ? 
_reflns.limit_h_min                  ? 
_reflns.limit_k_max                  ? 
_reflns.limit_k_min                  ? 
_reflns.limit_l_max                  ? 
_reflns.limit_l_min                  ? 
_reflns.observed_criterion_F_max     ? 
_reflns.observed_criterion_F_min     ? 
_reflns.pdbx_chi_squared             ? 
_reflns.pdbx_scaling_rejects         ? 
# 
_reflns_shell.pdbx_diffrn_id         1 
_reflns_shell.pdbx_ordinal           1 
_reflns_shell.d_res_high             1.74 
_reflns_shell.d_res_low              1.8 
_reflns_shell.percent_possible_all   100 
_reflns_shell.Rmerge_I_obs           0.215 
_reflns_shell.pdbx_Rsym_value        0.204 
_reflns_shell.meanI_over_sigI_obs    3.5 
_reflns_shell.pdbx_redundancy        6.96 
_reflns_shell.percent_possible_obs   ? 
_reflns_shell.number_unique_all      ? 
_reflns_shell.number_measured_all    ? 
_reflns_shell.number_measured_obs    ? 
_reflns_shell.number_unique_obs      ? 
_reflns_shell.pdbx_chi_squared       ? 
# 
_refine.pdbx_refine_id                           'X-RAY DIFFRACTION' 
_refine.entry_id                                 4L8L 
_refine.pdbx_diffrn_id                           1 
_refine.pdbx_TLS_residual_ADP_flag               ? 
_refine.ls_number_reflns_obs                     16108 
_refine.ls_number_reflns_all                     ? 
_refine.pdbx_ls_sigma_I                          ? 
_refine.pdbx_ls_sigma_F                          . 
_refine.pdbx_data_cutoff_high_absF               ? 
_refine.pdbx_data_cutoff_low_absF                ? 
_refine.pdbx_data_cutoff_high_rms_absF           ? 
_refine.ls_d_res_low                             31.35 
_refine.ls_d_res_high                            1.74 
_refine.ls_percent_reflns_obs                    99.93 
_refine.ls_R_factor_obs                          0.16268 
_refine.ls_R_factor_all                          ? 
_refine.ls_R_factor_R_work                       0.16129 
_refine.ls_R_factor_R_free                       0.19185 
_refine.ls_R_factor_R_free_error                 ? 
_refine.ls_R_factor_R_free_error_details         ? 
_refine.ls_percent_reflns_R_free                 5.1 
_refine.ls_number_reflns_R_free                  860 
_refine.ls_number_parameters                     ? 
_refine.ls_number_restraints                     ? 
_refine.occupancy_min                            ? 
_refine.occupancy_max                            ? 
_refine.correlation_coeff_Fo_to_Fc               0.970 
_refine.correlation_coeff_Fo_to_Fc_free          0.962 
_refine.B_iso_mean                               24.983 
_refine.aniso_B[1][1]                            -7.58 
_refine.aniso_B[2][2]                            -7.86 
_refine.aniso_B[3][3]                            15.44 
_refine.aniso_B[1][2]                            -1.24 
_refine.aniso_B[1][3]                            -6.86 
_refine.aniso_B[2][3]                            5.68 
_refine.solvent_model_details                    MASK 
_refine.solvent_model_param_ksol                 ? 
_refine.solvent_model_param_bsol                 ? 
_refine.pdbx_solvent_vdw_probe_radii             1.20 
_refine.pdbx_solvent_ion_probe_radii             0.80 
_refine.pdbx_solvent_shrinkage_radii             0.80 
_refine.pdbx_ls_cross_valid_method               THROUGHOUT 
_refine.details                                  'HYDROGENS HAVE BEEN ADDED IN THE RIDING POSITIONS' 
_refine.pdbx_starting_model                      ? 
_refine.pdbx_method_to_determine_struct          'MOLECULAR REPLACEMENT' 
_refine.pdbx_isotropic_thermal_model             ? 
_refine.pdbx_stereochemistry_target_values       'MAXIMUM LIKELIHOOD' 
_refine.pdbx_stereochem_target_val_spec_case     ? 
_refine.pdbx_R_Free_selection_details            RANDOM 
_refine.pdbx_overall_ESU_R                       0.019 
_refine.pdbx_overall_ESU_R_Free                  0.019 
_refine.overall_SU_ML                            0.040 
_refine.pdbx_overall_phase_error                 ? 
_refine.overall_SU_B                             1.163 
_refine.overall_SU_R_Cruickshank_DPI             ? 
_refine.pdbx_overall_SU_R_free_Cruickshank_DPI   ? 
_refine.pdbx_overall_SU_R_Blow_DPI               ? 
_refine.pdbx_overall_SU_R_free_Blow_DPI          ? 
_refine.ls_redundancy_reflns_obs                 ? 
_refine.B_iso_min                                ? 
_refine.B_iso_max                                ? 
_refine.overall_SU_R_free                        ? 
_refine.ls_wR_factor_R_free                      ? 
_refine.ls_wR_factor_R_work                      ? 
_refine.overall_FOM_free_R_set                   ? 
_refine.overall_FOM_work_R_set                   ? 
# 
_refine_hist.pdbx_refine_id                   'X-RAY DIFFRACTION' 
_refine_hist.cycle_id                         LAST 
_refine_hist.pdbx_number_atoms_protein        1074 
_refine_hist.pdbx_number_atoms_nucleic_acid   0 
_refine_hist.pdbx_number_atoms_ligand         0 
_refine_hist.number_atoms_solvent             113 
_refine_hist.number_atoms_total               1187 
_refine_hist.d_res_high                       1.74 
_refine_hist.d_res_low                        31.35 
# 
loop_
_refine_ls_restr.type 
_refine_ls_restr.dev_ideal 
_refine_ls_restr.dev_ideal_target 
_refine_ls_restr.weight 
_refine_ls_restr.number 
_refine_ls_restr.pdbx_refine_id 
_refine_ls_restr.pdbx_restraint_function 
r_bond_refined_d             0.021  0.019  ? 1101 'X-RAY DIFFRACTION' ? 
r_bond_other_d               0.002  0.020  ? 1064 'X-RAY DIFFRACTION' ? 
r_angle_refined_deg          1.923  1.945  ? 1496 'X-RAY DIFFRACTION' ? 
r_angle_other_deg            0.987  3.000  ? 2426 'X-RAY DIFFRACTION' ? 
r_dihedral_angle_1_deg       5.840  5.000  ? 138  'X-RAY DIFFRACTION' ? 
r_dihedral_angle_2_deg       38.460 23.333 ? 54   'X-RAY DIFFRACTION' ? 
r_dihedral_angle_3_deg       12.585 15.000 ? 177  'X-RAY DIFFRACTION' ? 
r_dihedral_angle_4_deg       13.924 15.000 ? 9    'X-RAY DIFFRACTION' ? 
r_chiral_restr               0.136  0.200  ? 175  'X-RAY DIFFRACTION' ? 
r_gen_planes_refined         0.011  0.020  ? 1266 'X-RAY DIFFRACTION' ? 
r_gen_planes_other           0.002  0.020  ? 271  'X-RAY DIFFRACTION' ? 
r_nbd_refined                ?      ?      ? ?    'X-RAY DIFFRACTION' ? 
r_nbd_other                  ?      ?      ? ?    'X-RAY DIFFRACTION' ? 
r_nbtor_refined              ?      ?      ? ?    'X-RAY DIFFRACTION' ? 
r_nbtor_other                ?      ?      ? ?    'X-RAY DIFFRACTION' ? 
r_xyhbond_nbd_refined        ?      ?      ? ?    'X-RAY DIFFRACTION' ? 
r_xyhbond_nbd_other          ?      ?      ? ?    'X-RAY DIFFRACTION' ? 
r_metal_ion_refined          ?      ?      ? ?    'X-RAY DIFFRACTION' ? 
r_metal_ion_other            ?      ?      ? ?    'X-RAY DIFFRACTION' ? 
r_symmetry_vdw_refined       ?      ?      ? ?    'X-RAY DIFFRACTION' ? 
r_symmetry_vdw_other         ?      ?      ? ?    'X-RAY DIFFRACTION' ? 
r_symmetry_hbond_refined     ?      ?      ? ?    'X-RAY DIFFRACTION' ? 
r_symmetry_hbond_other       ?      ?      ? ?    'X-RAY DIFFRACTION' ? 
r_symmetry_metal_ion_refined ?      ?      ? ?    'X-RAY DIFFRACTION' ? 
r_symmetry_metal_ion_other   ?      ?      ? ?    'X-RAY DIFFRACTION' ? 
r_mcbond_it                  2.304  2.226  ? 555  'X-RAY DIFFRACTION' ? 
r_mcbond_other               2.297  2.221  ? 554  'X-RAY DIFFRACTION' ? 
r_mcangle_it                 3.279  3.313  ? 692  'X-RAY DIFFRACTION' ? 
r_mcangle_other              ?      ?      ? ?    'X-RAY DIFFRACTION' ? 
r_scbond_it                  3.242  2.605  ? 546  'X-RAY DIFFRACTION' ? 
r_scbond_other               ?      ?      ? ?    'X-RAY DIFFRACTION' ? 
r_scangle_it                 ?      ?      ? ?    'X-RAY DIFFRACTION' ? 
r_scangle_other              ?      ?      ? ?    'X-RAY DIFFRACTION' ? 
r_long_range_B_refined       ?      ?      ? ?    'X-RAY DIFFRACTION' ? 
r_long_range_B_other         ?      ?      ? ?    'X-RAY DIFFRACTION' ? 
r_rigid_bond_restr           ?      ?      ? ?    'X-RAY DIFFRACTION' ? 
r_sphericity_free            ?      ?      ? ?    'X-RAY DIFFRACTION' ? 
r_sphericity_bonded          ?      ?      ? ?    'X-RAY DIFFRACTION' ? 
# 
_refine_ls_shell.pdbx_refine_id                   'X-RAY DIFFRACTION' 
_refine_ls_shell.pdbx_total_number_of_bins_used   20 
_refine_ls_shell.d_res_high                       1.74 
_refine_ls_shell.d_res_low                        1.781 
_refine_ls_shell.number_reflns_R_work             1143 
_refine_ls_shell.R_factor_R_work                  0.390 
_refine_ls_shell.percent_reflns_obs               100.00 
_refine_ls_shell.R_factor_R_free                  0.448 
_refine_ls_shell.R_factor_R_free_error            ? 
_refine_ls_shell.percent_reflns_R_free            ? 
_refine_ls_shell.number_reflns_R_free             74 
_refine_ls_shell.number_reflns_all                ? 
_refine_ls_shell.R_factor_all                     ? 
_refine_ls_shell.redundancy_reflns_obs            ? 
_refine_ls_shell.number_reflns_obs                ? 
# 
_struct.entry_id                  4L8L 
_struct.title                     'Crystal Structure of the Type II Dehydroquinase from Pseudomonas aeruginosa' 
_struct.pdbx_model_details        ? 
_struct.pdbx_CASP_flag            ? 
_struct.pdbx_model_type_details   ? 
# 
_struct_keywords.entry_id        4L8L 
_struct_keywords.pdbx_keywords   LYASE 
_struct_keywords.text            
'Flavodoxin-like fold, Rossmann Fold, alpha helix, beta sheet, Dehydratase, Dehydroquinic acid, LYASE' 
# 
loop_
_struct_asym.id 
_struct_asym.pdbx_blank_PDB_chainid_flag 
_struct_asym.pdbx_modified 
_struct_asym.entity_id 
_struct_asym.details 
A N N 1 ? 
B N N 2 ? 
# 
_struct_ref.id                         1 
_struct_ref.db_name                    UNP 
_struct_ref.db_code                    AROQ1_PSEAE 
_struct_ref.pdbx_db_accession          O30557 
_struct_ref.entity_id                  1 
_struct_ref.pdbx_seq_one_letter_code   
;TLLVLHGPNLNLLGTREPGTYGSTTLGQINQDLERRAREAGHHLLHLQSNAEYELIDRIHAARDEGVDFIIINPAAFTHT
SVALRDALLAVSIPFIEVHLSNVHKREPFRHHSYFSDVAVGVICGLGATGYRLALESALEQLQ
;
_struct_ref.pdbx_align_begin           3 
_struct_ref.pdbx_db_isoform            ? 
# 
_struct_ref_seq.align_id                      1 
_struct_ref_seq.ref_id                        1 
_struct_ref_seq.pdbx_PDB_id_code              4L8L 
_struct_ref_seq.pdbx_strand_id                A 
_struct_ref_seq.seq_align_beg                 3 
_struct_ref_seq.pdbx_seq_align_beg_ins_code   ? 
_struct_ref_seq.seq_align_end                 145 
_struct_ref_seq.pdbx_seq_align_end_ins_code   ? 
_struct_ref_seq.pdbx_db_accession             O30557 
_struct_ref_seq.db_align_beg                  3 
_struct_ref_seq.pdbx_db_align_beg_ins_code    ? 
_struct_ref_seq.db_align_end                  145 
_struct_ref_seq.pdbx_db_align_end_ins_code    ? 
_struct_ref_seq.pdbx_auth_seq_align_beg       3 
_struct_ref_seq.pdbx_auth_seq_align_end       145 
# 
loop_
_struct_ref_seq_dif.align_id 
_struct_ref_seq_dif.pdbx_pdb_id_code 
_struct_ref_seq_dif.mon_id 
_struct_ref_seq_dif.pdbx_pdb_strand_id 
_struct_ref_seq_dif.seq_num 
_struct_ref_seq_dif.pdbx_pdb_ins_code 
_struct_ref_seq_dif.pdbx_seq_db_name 
_struct_ref_seq_dif.pdbx_seq_db_accession_code 
_struct_ref_seq_dif.db_mon_id 
_struct_ref_seq_dif.pdbx_seq_db_seq_num 
_struct_ref_seq_dif.details 
_struct_ref_seq_dif.pdbx_auth_seq_num 
_struct_ref_seq_dif.pdbx_ordinal 
1 4L8L GLN A 1 ? UNP O30557 ? ? 'expression tag' 1 1 
1 4L8L GLY A 2 ? UNP O30557 ? ? 'expression tag' 2 2 
# 
loop_
_pdbx_struct_assembly.id 
_pdbx_struct_assembly.details 
_pdbx_struct_assembly.method_details 
_pdbx_struct_assembly.oligomeric_details 
_pdbx_struct_assembly.oligomeric_count 
1 author_defined_assembly   ?    monomeric   1  
2 software_defined_assembly PISA dimeric     2  
3 software_defined_assembly PISA dodecameric 12 
# 
loop_
_pdbx_struct_assembly_prop.biol_id 
_pdbx_struct_assembly_prop.type 
_pdbx_struct_assembly_prop.value 
_pdbx_struct_assembly_prop.details 
2 'ABSA (A^2)' 1840  ? 
2 MORE         -6    ? 
2 'SSA (A^2)'  12860 ? 
3 'ABSA (A^2)' 27580 ? 
3 MORE         -68   ? 
3 'SSA (A^2)'  60650 ? 
# 
loop_
_pdbx_struct_assembly_gen.assembly_id 
_pdbx_struct_assembly_gen.oper_expression 
_pdbx_struct_assembly_gen.asym_id_list 
1 1                          A,B 
2 1,2                        A,B 
3 1,3,4,2,5,6,7,8,9,10,11,12 A,B 
# 
loop_
_pdbx_struct_oper_list.id 
_pdbx_struct_oper_list.type 
_pdbx_struct_oper_list.name 
_pdbx_struct_oper_list.symmetry_operation 
_pdbx_struct_oper_list.matrix[1][1] 
_pdbx_struct_oper_list.matrix[1][2] 
_pdbx_struct_oper_list.matrix[1][3] 
_pdbx_struct_oper_list.vector[1] 
_pdbx_struct_oper_list.matrix[2][1] 
_pdbx_struct_oper_list.matrix[2][2] 
_pdbx_struct_oper_list.matrix[2][3] 
_pdbx_struct_oper_list.vector[2] 
_pdbx_struct_oper_list.matrix[3][1] 
_pdbx_struct_oper_list.matrix[3][2] 
_pdbx_struct_oper_list.matrix[3][3] 
_pdbx_struct_oper_list.vector[3] 
1  'identity operation'         1_555  x,y,z             1.0000000000  0.0000000000  0.0000000000  0.0000000000   0.0000000000  1.0000000000  0.0000000000  0.0000000000   0.0000000000  0.0000000000  1.0000000000  0.0000000000   
2  'crystal symmetry operation' 16_555 x,-y+1/2,-z+1/2   -0.3681335469 -0.7906991194 0.4891549798  -11.8887292837 -0.7906991194 -0.0105423475 -0.6121141736 -17.2793087618 0.4891549798  -0.6121141736 -0.6213241056 -12.5740210581 
3  'crystal symmetry operation' 5_645  z+1,x-1,y         0.4281417222  -0.1696178022 -0.8876510952 7.4362901661   -0.8976735652 -0.1931743193 -0.3960629403 -23.0686066052 -0.1042920706 0.9663919927  -0.2349674030 38.7368836621  
4  'crystal symmetry operation' 9_654  y+1,z,x-1         0.4281417222  -0.8976735652 -0.1042920706 -19.8519146101 -0.1696178022 -0.1931743193 0.9663919927  -40.6299493754 -0.8876510952 -0.3960629403 -0.2349674030 6.5661159033   
5  'crystal symmetry operation' 18_665 z+1,-x+3/2,-y+1/2 0.5011613810  0.6879002230  0.5250052890  22.5623893149  -0.2652290415 -0.4553890784 0.8498672501  -46.6273751120 0.8237055455  -0.5651672943 -0.0457723026 -18.8840612166 
6  'crystal symmetry operation' 23_656 y+1,-z+1/2,-x+3/2 -0.4576956375 0.2894703581  -0.8406673630 30.7573399376  0.2066007037  0.9542619477  0.2161024859  -5.1732949267  0.8647721391  -0.0747733037 -0.4965663102 -1.4942021524  
7  'crystal symmetry operation' 27_755 -x+5/2,y,-z+1/2   -0.9986176922 0.0284471283  0.0441980278  22.8086037516  0.0284471283  -0.4145738560 0.9095709312  -49.0875117798 0.0441980278  0.9095709312  0.4131915482  30.8807950011  
8  'crystal symmetry operation' 32_645 -z+3/2,x-1,-y+1/2 -0.4576956375 0.2066007037  0.8647721391  16.4384510750  0.2894703581  0.9542619477  -0.0747733037 -4.0783861440  -0.8406673630 0.2161024859  -0.4965663102 26.2326833021  
9  'crystal symmetry operation' 34_656 -y+3/2,z,-x+3/2   -0.4716074657 0.8734322486  0.1212538880  41.7674808968  -0.7248831244 -0.3056985501 -0.6173271842 -26.8357788047 -0.5021263329 -0.3790310061 0.7773060158  -4.2393777632  
10 'crystal symmetry operation' 38_755 -x+5/2,-y+1/2,z   0.3667512392  0.7622519911  -0.5333530076 33.6336055078  0.7622519911  -0.5748837965 -0.2974567575 -53.6991263675 -0.5333530076 -0.2974567575 -0.7918674426 9.4431004256   
11 'crystal symmetry operation' 43_665 -z+3/2,-x+3/2,y   -0.4716074657 -0.7248831244 -0.5021263329 -1.8836505803  0.8734322486  -0.3056985501 -0.3790310061 -46.2915790480 0.1212538880  -0.6173271842 0.7773060158  -18.3356313791 
12 'crystal symmetry operation' 48_654 -y+3/2,-z+1/2,x-1 0.5011613810  -0.2652290415 0.8237055455  -8.1194262487  0.6879002230  -0.4553890784 -0.5651672943 -47.4269238023 0.5250052890  0.8498672501  -0.0457723026 26.9173383808 
# 
_struct_biol.id        1 
_struct_biol.details   ? 
# 
loop_
_struct_conf.conf_type_id 
_struct_conf.id 
_struct_conf.pdbx_PDB_helix_id 
_struct_conf.beg_label_comp_id 
_struct_conf.beg_label_asym_id 
_struct_conf.beg_label_seq_id 
_struct_conf.pdbx_beg_PDB_ins_code 
_struct_conf.end_label_comp_id 
_struct_conf.end_label_asym_id 
_struct_conf.end_label_seq_id 
_struct_conf.pdbx_end_PDB_ins_code 
_struct_conf.beg_auth_comp_id 
_struct_conf.beg_auth_asym_id 
_struct_conf.beg_auth_seq_id 
_struct_conf.end_auth_comp_id 
_struct_conf.end_auth_asym_id 
_struct_conf.end_auth_seq_id 
_struct_conf.pdbx_PDB_helix_class 
_struct_conf.details 
_struct_conf.pdbx_PDB_helix_length 
HELX_P HELX_P1 1 ASN A 11  ? LEU A 15  ? ASN A 11  LEU A 15  5 ? 5  
HELX_P HELX_P2 2 THR A 27  ? ALA A 42  ? THR A 27  ALA A 42  1 ? 16 
HELX_P HELX_P3 3 ALA A 53  ? GLU A 67  ? ALA A 53  GLU A 67  1 ? 15 
HELX_P HELX_P4 4 PRO A 76  ? THR A 82  ? PRO A 76  THR A 82  5 ? 7  
HELX_P HELX_P5 5 SER A 83  ? SER A 94  ? SER A 83  SER A 94  1 ? 12 
HELX_P HELX_P6 6 ASN A 104 ? ARG A 108 ? ASN A 104 ARG A 108 5 ? 5  
HELX_P HELX_P7 7 GLU A 109 ? HIS A 114 ? GLU A 109 HIS A 114 5 ? 6  
HELX_P HELX_P8 8 PHE A 117 ? ALA A 121 ? PHE A 117 ALA A 121 5 ? 5  
HELX_P HELX_P9 9 ALA A 130 ? GLN A 145 ? ALA A 130 GLN A 145 1 ? 16 
# 
_struct_conf_type.id          HELX_P 
_struct_conf_type.criteria    ? 
_struct_conf_type.reference   ? 
# 
_struct_sheet.id               A 
_struct_sheet.type             ? 
_struct_sheet.number_strands   5 
_struct_sheet.details          ? 
# 
loop_
_struct_sheet_order.sheet_id 
_struct_sheet_order.range_id_1 
_struct_sheet_order.range_id_2 
_struct_sheet_order.offset 
_struct_sheet_order.sense 
A 1 2 ? parallel 
A 2 3 ? parallel 
A 3 4 ? parallel 
A 4 5 ? parallel 
# 
loop_
_struct_sheet_range.sheet_id 
_struct_sheet_range.id 
_struct_sheet_range.beg_label_comp_id 
_struct_sheet_range.beg_label_asym_id 
_struct_sheet_range.beg_label_seq_id 
_struct_sheet_range.pdbx_beg_PDB_ins_code 
_struct_sheet_range.end_label_comp_id 
_struct_sheet_range.end_label_asym_id 
_struct_sheet_range.end_label_seq_id 
_struct_sheet_range.pdbx_end_PDB_ins_code 
_struct_sheet_range.beg_auth_comp_id 
_struct_sheet_range.beg_auth_asym_id 
_struct_sheet_range.beg_auth_seq_id 
_struct_sheet_range.end_auth_comp_id 
_struct_sheet_range.end_auth_asym_id 
_struct_sheet_range.end_auth_seq_id 
A 1 HIS A 45  ? GLN A 50  ? HIS A 45  GLN A 50  
A 2 THR A 3   ? HIS A 8   ? THR A 3   HIS A 8   
A 3 PHE A 71  ? ASN A 75  ? PHE A 71  ASN A 75  
A 4 PHE A 97  ? HIS A 101 ? PHE A 97  HIS A 101 
A 5 GLY A 123 ? CYS A 126 ? GLY A 123 CYS A 126 
# 
loop_
_pdbx_struct_sheet_hbond.sheet_id 
_pdbx_struct_sheet_hbond.range_id_1 
_pdbx_struct_sheet_hbond.range_id_2 
_pdbx_struct_sheet_hbond.range_1_label_atom_id 
_pdbx_struct_sheet_hbond.range_1_label_comp_id 
_pdbx_struct_sheet_hbond.range_1_label_asym_id 
_pdbx_struct_sheet_hbond.range_1_label_seq_id 
_pdbx_struct_sheet_hbond.range_1_PDB_ins_code 
_pdbx_struct_sheet_hbond.range_1_auth_atom_id 
_pdbx_struct_sheet_hbond.range_1_auth_comp_id 
_pdbx_struct_sheet_hbond.range_1_auth_asym_id 
_pdbx_struct_sheet_hbond.range_1_auth_seq_id 
_pdbx_struct_sheet_hbond.range_2_label_atom_id 
_pdbx_struct_sheet_hbond.range_2_label_comp_id 
_pdbx_struct_sheet_hbond.range_2_label_asym_id 
_pdbx_struct_sheet_hbond.range_2_label_seq_id 
_pdbx_struct_sheet_hbond.range_2_PDB_ins_code 
_pdbx_struct_sheet_hbond.range_2_auth_atom_id 
_pdbx_struct_sheet_hbond.range_2_auth_comp_id 
_pdbx_struct_sheet_hbond.range_2_auth_asym_id 
_pdbx_struct_sheet_hbond.range_2_auth_seq_id 
A 1 2 O LEU A 47  ? O LEU A 47  N LEU A 4   ? N LEU A 4   
A 2 3 N LEU A 7   ? N LEU A 7   O ILE A 73  ? O ILE A 73  
A 3 4 N ILE A 74  ? N ILE A 74  O ILE A 98  ? O ILE A 98  
A 4 5 N HIS A 101 ? N HIS A 101 O ILE A 125 ? O ILE A 125 
# 
loop_
_pdbx_validate_close_contact.id 
_pdbx_validate_close_contact.PDB_model_num 
_pdbx_validate_close_contact.auth_atom_id_1 
_pdbx_validate_close_contact.auth_asym_id_1 
_pdbx_validate_close_contact.auth_comp_id_1 
_pdbx_validate_close_contact.auth_seq_id_1 
_pdbx_validate_close_contact.PDB_ins_code_1 
_pdbx_validate_close_contact.label_alt_id_1 
_pdbx_validate_close_contact.auth_atom_id_2 
_pdbx_validate_close_contact.auth_asym_id_2 
_pdbx_validate_close_contact.auth_comp_id_2 
_pdbx_validate_close_contact.auth_seq_id_2 
_pdbx_validate_close_contact.PDB_ins_code_2 
_pdbx_validate_close_contact.label_alt_id_2 
_pdbx_validate_close_contact.dist 
1 1 O A HOH 278 ? ? O A HOH 303 ? ? 2.06 
2 1 O A HOH 261 ? ? O A HOH 312 ? ? 2.07 
# 
loop_
_pdbx_validate_rmsd_angle.id 
_pdbx_validate_rmsd_angle.PDB_model_num 
_pdbx_validate_rmsd_angle.auth_atom_id_1 
_pdbx_validate_rmsd_angle.auth_asym_id_1 
_pdbx_validate_rmsd_angle.auth_comp_id_1 
_pdbx_validate_rmsd_angle.auth_seq_id_1 
_pdbx_validate_rmsd_angle.PDB_ins_code_1 
_pdbx_validate_rmsd_angle.label_alt_id_1 
_pdbx_validate_rmsd_angle.auth_atom_id_2 
_pdbx_validate_rmsd_angle.auth_asym_id_2 
_pdbx_validate_rmsd_angle.auth_comp_id_2 
_pdbx_validate_rmsd_angle.auth_seq_id_2 
_pdbx_validate_rmsd_angle.PDB_ins_code_2 
_pdbx_validate_rmsd_angle.label_alt_id_2 
_pdbx_validate_rmsd_angle.auth_atom_id_3 
_pdbx_validate_rmsd_angle.auth_asym_id_3 
_pdbx_validate_rmsd_angle.auth_comp_id_3 
_pdbx_validate_rmsd_angle.auth_seq_id_3 
_pdbx_validate_rmsd_angle.PDB_ins_code_3 
_pdbx_validate_rmsd_angle.label_alt_id_3 
_pdbx_validate_rmsd_angle.angle_value 
_pdbx_validate_rmsd_angle.angle_target_value 
_pdbx_validate_rmsd_angle.angle_deviation 
_pdbx_validate_rmsd_angle.angle_standard_deviation 
_pdbx_validate_rmsd_angle.linker_flag 
1 1 CB A CYS 126 ? A CA A CYS 126 ? A C  A CYS 126 ? A 119.60 111.50 8.10  1.20 N 
2 1 CA A CYS 126 ? A CB A CYS 126 ? A SG A CYS 126 ? A 126.13 114.20 11.93 1.10 N 
# 
loop_
_pdbx_validate_torsion.id 
_pdbx_validate_torsion.PDB_model_num 
_pdbx_validate_torsion.auth_comp_id 
_pdbx_validate_torsion.auth_asym_id 
_pdbx_validate_torsion.auth_seq_id 
_pdbx_validate_torsion.PDB_ins_code 
_pdbx_validate_torsion.label_alt_id 
_pdbx_validate_torsion.phi 
_pdbx_validate_torsion.psi 
1 1 ASN A 11  ? ? 75.03   -12.90  
2 1 ALA A 77  ? ? 59.08   -132.47 
3 1 THR A 82  ? ? -131.16 -33.94  
4 1 ARG A 108 ? ? -107.33 -161.49 
# 
_pdbx_struct_special_symmetry.id              1 
_pdbx_struct_special_symmetry.PDB_model_num   1 
_pdbx_struct_special_symmetry.auth_asym_id    A 
_pdbx_struct_special_symmetry.auth_comp_id    HOH 
_pdbx_struct_special_symmetry.auth_seq_id     298 
_pdbx_struct_special_symmetry.PDB_ins_code    ? 
_pdbx_struct_special_symmetry.label_asym_id   B 
_pdbx_struct_special_symmetry.label_comp_id   HOH 
_pdbx_struct_special_symmetry.label_seq_id    . 
# 
loop_
_pdbx_unobs_or_zero_occ_residues.id 
_pdbx_unobs_or_zero_occ_residues.PDB_model_num 
_pdbx_unobs_or_zero_occ_residues.polymer_flag 
_pdbx_unobs_or_zero_occ_residues.occupancy_flag 
_pdbx_unobs_or_zero_occ_residues.auth_asym_id 
_pdbx_unobs_or_zero_occ_residues.auth_comp_id 
_pdbx_unobs_or_zero_occ_residues.auth_seq_id 
_pdbx_unobs_or_zero_occ_residues.PDB_ins_code 
_pdbx_unobs_or_zero_occ_residues.label_asym_id 
_pdbx_unobs_or_zero_occ_residues.label_comp_id 
_pdbx_unobs_or_zero_occ_residues.label_seq_id 
1 1 Y 1 A ARG 18 ? A ARG 18 
2 1 Y 1 A GLU 19 ? A GLU 19 
3 1 Y 1 A PRO 20 ? A PRO 20 
4 1 Y 1 A GLY 21 ? A GLY 21 
5 1 Y 1 A THR 22 ? A THR 22 
6 1 Y 1 A TYR 23 ? A TYR 23 
7 1 Y 1 A GLY 24 ? A GLY 24 
# 
loop_
_chem_comp_atom.comp_id 
_chem_comp_atom.atom_id 
_chem_comp_atom.type_symbol 
_chem_comp_atom.pdbx_aromatic_flag 
_chem_comp_atom.pdbx_stereo_config 
_chem_comp_atom.pdbx_ordinal 
ALA N    N N N 1   
ALA CA   C N S 2   
ALA C    C N N 3   
ALA O    O N N 4   
ALA CB   C N N 5   
ALA OXT  O N N 6   
ALA H    H N N 7   
ALA H2   H N N 8   
ALA HA   H N N 9   
ALA HB1  H N N 10  
ALA HB2  H N N 11  
ALA HB3  H N N 12  
ALA HXT  H N N 13  
ARG N    N N N 14  
ARG CA   C N S 15  
ARG C    C N N 16  
ARG O    O N N 17  
ARG CB   C N N 18  
ARG CG   C N N 19  
ARG CD   C N N 20  
ARG NE   N N N 21  
ARG CZ   C N N 22  
ARG NH1  N N N 23  
ARG NH2  N N N 24  
ARG OXT  O N N 25  
ARG H    H N N 26  
ARG H2   H N N 27  
ARG HA   H N N 28  
ARG HB2  H N N 29  
ARG HB3  H N N 30  
ARG HG2  H N N 31  
ARG HG3  H N N 32  
ARG HD2  H N N 33  
ARG HD3  H N N 34  
ARG HE   H N N 35  
ARG HH11 H N N 36  
ARG HH12 H N N 37  
ARG HH21 H N N 38  
ARG HH22 H N N 39  
ARG HXT  H N N 40  
ASN N    N N N 41  
ASN CA   C N S 42  
ASN C    C N N 43  
ASN O    O N N 44  
ASN CB   C N N 45  
ASN CG   C N N 46  
ASN OD1  O N N 47  
ASN ND2  N N N 48  
ASN OXT  O N N 49  
ASN H    H N N 50  
ASN H2   H N N 51  
ASN HA   H N N 52  
ASN HB2  H N N 53  
ASN HB3  H N N 54  
ASN HD21 H N N 55  
ASN HD22 H N N 56  
ASN HXT  H N N 57  
ASP N    N N N 58  
ASP CA   C N S 59  
ASP C    C N N 60  
ASP O    O N N 61  
ASP CB   C N N 62  
ASP CG   C N N 63  
ASP OD1  O N N 64  
ASP OD2  O N N 65  
ASP OXT  O N N 66  
ASP H    H N N 67  
ASP H2   H N N 68  
ASP HA   H N N 69  
ASP HB2  H N N 70  
ASP HB3  H N N 71  
ASP HD2  H N N 72  
ASP HXT  H N N 73  
CYS N    N N N 74  
CYS CA   C N R 75  
CYS C    C N N 76  
CYS O    O N N 77  
CYS CB   C N N 78  
CYS SG   S N N 79  
CYS OXT  O N N 80  
CYS H    H N N 81  
CYS H2   H N N 82  
CYS HA   H N N 83  
CYS HB2  H N N 84  
CYS HB3  H N N 85  
CYS HG   H N N 86  
CYS HXT  H N N 87  
GLN N    N N N 88  
GLN CA   C N S 89  
GLN C    C N N 90  
GLN O    O N N 91  
GLN CB   C N N 92  
GLN CG   C N N 93  
GLN CD   C N N 94  
GLN OE1  O N N 95  
GLN NE2  N N N 96  
GLN OXT  O N N 97  
GLN H    H N N 98  
GLN H2   H N N 99  
GLN HA   H N N 100 
GLN HB2  H N N 101 
GLN HB3  H N N 102 
GLN HG2  H N N 103 
GLN HG3  H N N 104 
GLN HE21 H N N 105 
GLN HE22 H N N 106 
GLN HXT  H N N 107 
GLU N    N N N 108 
GLU CA   C N S 109 
GLU C    C N N 110 
GLU O    O N N 111 
GLU CB   C N N 112 
GLU CG   C N N 113 
GLU CD   C N N 114 
GLU OE1  O N N 115 
GLU OE2  O N N 116 
GLU OXT  O N N 117 
GLU H    H N N 118 
GLU H2   H N N 119 
GLU HA   H N N 120 
GLU HB2  H N N 121 
GLU HB3  H N N 122 
GLU HG2  H N N 123 
GLU HG3  H N N 124 
GLU HE2  H N N 125 
GLU HXT  H N N 126 
GLY N    N N N 127 
GLY CA   C N N 128 
GLY C    C N N 129 
GLY O    O N N 130 
GLY OXT  O N N 131 
GLY H    H N N 132 
GLY H2   H N N 133 
GLY HA2  H N N 134 
GLY HA3  H N N 135 
GLY HXT  H N N 136 
HIS N    N N N 137 
HIS CA   C N S 138 
HIS C    C N N 139 
HIS O    O N N 140 
HIS CB   C N N 141 
HIS CG   C Y N 142 
HIS ND1  N Y N 143 
HIS CD2  C Y N 144 
HIS CE1  C Y N 145 
HIS NE2  N Y N 146 
HIS OXT  O N N 147 
HIS H    H N N 148 
HIS H2   H N N 149 
HIS HA   H N N 150 
HIS HB2  H N N 151 
HIS HB3  H N N 152 
HIS HD1  H N N 153 
HIS HD2  H N N 154 
HIS HE1  H N N 155 
HIS HE2  H N N 156 
HIS HXT  H N N 157 
HOH O    O N N 158 
HOH H1   H N N 159 
HOH H2   H N N 160 
ILE N    N N N 161 
ILE CA   C N S 162 
ILE C    C N N 163 
ILE O    O N N 164 
ILE CB   C N S 165 
ILE CG1  C N N 166 
ILE CG2  C N N 167 
ILE CD1  C N N 168 
ILE OXT  O N N 169 
ILE H    H N N 170 
ILE H2   H N N 171 
ILE HA   H N N 172 
ILE HB   H N N 173 
ILE HG12 H N N 174 
ILE HG13 H N N 175 
ILE HG21 H N N 176 
ILE HG22 H N N 177 
ILE HG23 H N N 178 
ILE HD11 H N N 179 
ILE HD12 H N N 180 
ILE HD13 H N N 181 
ILE HXT  H N N 182 
LEU N    N N N 183 
LEU CA   C N S 184 
LEU C    C N N 185 
LEU O    O N N 186 
LEU CB   C N N 187 
LEU CG   C N N 188 
LEU CD1  C N N 189 
LEU CD2  C N N 190 
LEU OXT  O N N 191 
LEU H    H N N 192 
LEU H2   H N N 193 
LEU HA   H N N 194 
LEU HB2  H N N 195 
LEU HB3  H N N 196 
LEU HG   H N N 197 
LEU HD11 H N N 198 
LEU HD12 H N N 199 
LEU HD13 H N N 200 
LEU HD21 H N N 201 
LEU HD22 H N N 202 
LEU HD23 H N N 203 
LEU HXT  H N N 204 
LYS N    N N N 205 
LYS CA   C N S 206 
LYS C    C N N 207 
LYS O    O N N 208 
LYS CB   C N N 209 
LYS CG   C N N 210 
LYS CD   C N N 211 
LYS CE   C N N 212 
LYS NZ   N N N 213 
LYS OXT  O N N 214 
LYS H    H N N 215 
LYS H2   H N N 216 
LYS HA   H N N 217 
LYS HB2  H N N 218 
LYS HB3  H N N 219 
LYS HG2  H N N 220 
LYS HG3  H N N 221 
LYS HD2  H N N 222 
LYS HD3  H N N 223 
LYS HE2  H N N 224 
LYS HE3  H N N 225 
LYS HZ1  H N N 226 
LYS HZ2  H N N 227 
LYS HZ3  H N N 228 
LYS HXT  H N N 229 
PHE N    N N N 230 
PHE CA   C N S 231 
PHE C    C N N 232 
PHE O    O N N 233 
PHE CB   C N N 234 
PHE CG   C Y N 235 
PHE CD1  C Y N 236 
PHE CD2  C Y N 237 
PHE CE1  C Y N 238 
PHE CE2  C Y N 239 
PHE CZ   C Y N 240 
PHE OXT  O N N 241 
PHE H    H N N 242 
PHE H2   H N N 243 
PHE HA   H N N 244 
PHE HB2  H N N 245 
PHE HB3  H N N 246 
PHE HD1  H N N 247 
PHE HD2  H N N 248 
PHE HE1  H N N 249 
PHE HE2  H N N 250 
PHE HZ   H N N 251 
PHE HXT  H N N 252 
PRO N    N N N 253 
PRO CA   C N S 254 
PRO C    C N N 255 
PRO O    O N N 256 
PRO CB   C N N 257 
PRO CG   C N N 258 
PRO CD   C N N 259 
PRO OXT  O N N 260 
PRO H    H N N 261 
PRO HA   H N N 262 
PRO HB2  H N N 263 
PRO HB3  H N N 264 
PRO HG2  H N N 265 
PRO HG3  H N N 266 
PRO HD2  H N N 267 
PRO HD3  H N N 268 
PRO HXT  H N N 269 
SER N    N N N 270 
SER CA   C N S 271 
SER C    C N N 272 
SER O    O N N 273 
SER CB   C N N 274 
SER OG   O N N 275 
SER OXT  O N N 276 
SER H    H N N 277 
SER H2   H N N 278 
SER HA   H N N 279 
SER HB2  H N N 280 
SER HB3  H N N 281 
SER HG   H N N 282 
SER HXT  H N N 283 
THR N    N N N 284 
THR CA   C N S 285 
THR C    C N N 286 
THR O    O N N 287 
THR CB   C N R 288 
THR OG1  O N N 289 
THR CG2  C N N 290 
THR OXT  O N N 291 
THR H    H N N 292 
THR H2   H N N 293 
THR HA   H N N 294 
THR HB   H N N 295 
THR HG1  H N N 296 
THR HG21 H N N 297 
THR HG22 H N N 298 
THR HG23 H N N 299 
THR HXT  H N N 300 
TYR N    N N N 301 
TYR CA   C N S 302 
TYR C    C N N 303 
TYR O    O N N 304 
TYR CB   C N N 305 
TYR CG   C Y N 306 
TYR CD1  C Y N 307 
TYR CD2  C Y N 308 
TYR CE1  C Y N 309 
TYR CE2  C Y N 310 
TYR CZ   C Y N 311 
TYR OH   O N N 312 
TYR OXT  O N N 313 
TYR H    H N N 314 
TYR H2   H N N 315 
TYR HA   H N N 316 
TYR HB2  H N N 317 
TYR HB3  H N N 318 
TYR HD1  H N N 319 
TYR HD2  H N N 320 
TYR HE1  H N N 321 
TYR HE2  H N N 322 
TYR HH   H N N 323 
TYR HXT  H N N 324 
VAL N    N N N 325 
VAL CA   C N S 326 
VAL C    C N N 327 
VAL O    O N N 328 
VAL CB   C N N 329 
VAL CG1  C N N 330 
VAL CG2  C N N 331 
VAL OXT  O N N 332 
VAL H    H N N 333 
VAL H2   H N N 334 
VAL HA   H N N 335 
VAL HB   H N N 336 
VAL HG11 H N N 337 
VAL HG12 H N N 338 
VAL HG13 H N N 339 
VAL HG21 H N N 340 
VAL HG22 H N N 341 
VAL HG23 H N N 342 
VAL HXT  H N N 343 
# 
loop_
_chem_comp_bond.comp_id 
_chem_comp_bond.atom_id_1 
_chem_comp_bond.atom_id_2 
_chem_comp_bond.value_order 
_chem_comp_bond.pdbx_aromatic_flag 
_chem_comp_bond.pdbx_stereo_config 
_chem_comp_bond.pdbx_ordinal 
ALA N   CA   sing N N 1   
ALA N   H    sing N N 2   
ALA N   H2   sing N N 3   
ALA CA  C    sing N N 4   
ALA CA  CB   sing N N 5   
ALA CA  HA   sing N N 6   
ALA C   O    doub N N 7   
ALA C   OXT  sing N N 8   
ALA CB  HB1  sing N N 9   
ALA CB  HB2  sing N N 10  
ALA CB  HB3  sing N N 11  
ALA OXT HXT  sing N N 12  
ARG N   CA   sing N N 13  
ARG N   H    sing N N 14  
ARG N   H2   sing N N 15  
ARG CA  C    sing N N 16  
ARG CA  CB   sing N N 17  
ARG CA  HA   sing N N 18  
ARG C   O    doub N N 19  
ARG C   OXT  sing N N 20  
ARG CB  CG   sing N N 21  
ARG CB  HB2  sing N N 22  
ARG CB  HB3  sing N N 23  
ARG CG  CD   sing N N 24  
ARG CG  HG2  sing N N 25  
ARG CG  HG3  sing N N 26  
ARG CD  NE   sing N N 27  
ARG CD  HD2  sing N N 28  
ARG CD  HD3  sing N N 29  
ARG NE  CZ   sing N N 30  
ARG NE  HE   sing N N 31  
ARG CZ  NH1  sing N N 32  
ARG CZ  NH2  doub N N 33  
ARG NH1 HH11 sing N N 34  
ARG NH1 HH12 sing N N 35  
ARG NH2 HH21 sing N N 36  
ARG NH2 HH22 sing N N 37  
ARG OXT HXT  sing N N 38  
ASN N   CA   sing N N 39  
ASN N   H    sing N N 40  
ASN N   H2   sing N N 41  
ASN CA  C    sing N N 42  
ASN CA  CB   sing N N 43  
ASN CA  HA   sing N N 44  
ASN C   O    doub N N 45  
ASN C   OXT  sing N N 46  
ASN CB  CG   sing N N 47  
ASN CB  HB2  sing N N 48  
ASN CB  HB3  sing N N 49  
ASN CG  OD1  doub N N 50  
ASN CG  ND2  sing N N 51  
ASN ND2 HD21 sing N N 52  
ASN ND2 HD22 sing N N 53  
ASN OXT HXT  sing N N 54  
ASP N   CA   sing N N 55  
ASP N   H    sing N N 56  
ASP N   H2   sing N N 57  
ASP CA  C    sing N N 58  
ASP CA  CB   sing N N 59  
ASP CA  HA   sing N N 60  
ASP C   O    doub N N 61  
ASP C   OXT  sing N N 62  
ASP CB  CG   sing N N 63  
ASP CB  HB2  sing N N 64  
ASP CB  HB3  sing N N 65  
ASP CG  OD1  doub N N 66  
ASP CG  OD2  sing N N 67  
ASP OD2 HD2  sing N N 68  
ASP OXT HXT  sing N N 69  
CYS N   CA   sing N N 70  
CYS N   H    sing N N 71  
CYS N   H2   sing N N 72  
CYS CA  C    sing N N 73  
CYS CA  CB   sing N N 74  
CYS CA  HA   sing N N 75  
CYS C   O    doub N N 76  
CYS C   OXT  sing N N 77  
CYS CB  SG   sing N N 78  
CYS CB  HB2  sing N N 79  
CYS CB  HB3  sing N N 80  
CYS SG  HG   sing N N 81  
CYS OXT HXT  sing N N 82  
GLN N   CA   sing N N 83  
GLN N   H    sing N N 84  
GLN N   H2   sing N N 85  
GLN CA  C    sing N N 86  
GLN CA  CB   sing N N 87  
GLN CA  HA   sing N N 88  
GLN C   O    doub N N 89  
GLN C   OXT  sing N N 90  
GLN CB  CG   sing N N 91  
GLN CB  HB2  sing N N 92  
GLN CB  HB3  sing N N 93  
GLN CG  CD   sing N N 94  
GLN CG  HG2  sing N N 95  
GLN CG  HG3  sing N N 96  
GLN CD  OE1  doub N N 97  
GLN CD  NE2  sing N N 98  
GLN NE2 HE21 sing N N 99  
GLN NE2 HE22 sing N N 100 
GLN OXT HXT  sing N N 101 
GLU N   CA   sing N N 102 
GLU N   H    sing N N 103 
GLU N   H2   sing N N 104 
GLU CA  C    sing N N 105 
GLU CA  CB   sing N N 106 
GLU CA  HA   sing N N 107 
GLU C   O    doub N N 108 
GLU C   OXT  sing N N 109 
GLU CB  CG   sing N N 110 
GLU CB  HB2  sing N N 111 
GLU CB  HB3  sing N N 112 
GLU CG  CD   sing N N 113 
GLU CG  HG2  sing N N 114 
GLU CG  HG3  sing N N 115 
GLU CD  OE1  doub N N 116 
GLU CD  OE2  sing N N 117 
GLU OE2 HE2  sing N N 118 
GLU OXT HXT  sing N N 119 
GLY N   CA   sing N N 120 
GLY N   H    sing N N 121 
GLY N   H2   sing N N 122 
GLY CA  C    sing N N 123 
GLY CA  HA2  sing N N 124 
GLY CA  HA3  sing N N 125 
GLY C   O    doub N N 126 
GLY C   OXT  sing N N 127 
GLY OXT HXT  sing N N 128 
HIS N   CA   sing N N 129 
HIS N   H    sing N N 130 
HIS N   H2   sing N N 131 
HIS CA  C    sing N N 132 
HIS CA  CB   sing N N 133 
HIS CA  HA   sing N N 134 
HIS C   O    doub N N 135 
HIS C   OXT  sing N N 136 
HIS CB  CG   sing N N 137 
HIS CB  HB2  sing N N 138 
HIS CB  HB3  sing N N 139 
HIS CG  ND1  sing Y N 140 
HIS CG  CD2  doub Y N 141 
HIS ND1 CE1  doub Y N 142 
HIS ND1 HD1  sing N N 143 
HIS CD2 NE2  sing Y N 144 
HIS CD2 HD2  sing N N 145 
HIS CE1 NE2  sing Y N 146 
HIS CE1 HE1  sing N N 147 
HIS NE2 HE2  sing N N 148 
HIS OXT HXT  sing N N 149 
HOH O   H1   sing N N 150 
HOH O   H2   sing N N 151 
ILE N   CA   sing N N 152 
ILE N   H    sing N N 153 
ILE N   H2   sing N N 154 
ILE CA  C    sing N N 155 
ILE CA  CB   sing N N 156 
ILE CA  HA   sing N N 157 
ILE C   O    doub N N 158 
ILE C   OXT  sing N N 159 
ILE CB  CG1  sing N N 160 
ILE CB  CG2  sing N N 161 
ILE CB  HB   sing N N 162 
ILE CG1 CD1  sing N N 163 
ILE CG1 HG12 sing N N 164 
ILE CG1 HG13 sing N N 165 
ILE CG2 HG21 sing N N 166 
ILE CG2 HG22 sing N N 167 
ILE CG2 HG23 sing N N 168 
ILE CD1 HD11 sing N N 169 
ILE CD1 HD12 sing N N 170 
ILE CD1 HD13 sing N N 171 
ILE OXT HXT  sing N N 172 
LEU N   CA   sing N N 173 
LEU N   H    sing N N 174 
LEU N   H2   sing N N 175 
LEU CA  C    sing N N 176 
LEU CA  CB   sing N N 177 
LEU CA  HA   sing N N 178 
LEU C   O    doub N N 179 
LEU C   OXT  sing N N 180 
LEU CB  CG   sing N N 181 
LEU CB  HB2  sing N N 182 
LEU CB  HB3  sing N N 183 
LEU CG  CD1  sing N N 184 
LEU CG  CD2  sing N N 185 
LEU CG  HG   sing N N 186 
LEU CD1 HD11 sing N N 187 
LEU CD1 HD12 sing N N 188 
LEU CD1 HD13 sing N N 189 
LEU CD2 HD21 sing N N 190 
LEU CD2 HD22 sing N N 191 
LEU CD2 HD23 sing N N 192 
LEU OXT HXT  sing N N 193 
LYS N   CA   sing N N 194 
LYS N   H    sing N N 195 
LYS N   H2   sing N N 196 
LYS CA  C    sing N N 197 
LYS CA  CB   sing N N 198 
LYS CA  HA   sing N N 199 
LYS C   O    doub N N 200 
LYS C   OXT  sing N N 201 
LYS CB  CG   sing N N 202 
LYS CB  HB2  sing N N 203 
LYS CB  HB3  sing N N 204 
LYS CG  CD   sing N N 205 
LYS CG  HG2  sing N N 206 
LYS CG  HG3  sing N N 207 
LYS CD  CE   sing N N 208 
LYS CD  HD2  sing N N 209 
LYS CD  HD3  sing N N 210 
LYS CE  NZ   sing N N 211 
LYS CE  HE2  sing N N 212 
LYS CE  HE3  sing N N 213 
LYS NZ  HZ1  sing N N 214 
LYS NZ  HZ2  sing N N 215 
LYS NZ  HZ3  sing N N 216 
LYS OXT HXT  sing N N 217 
PHE N   CA   sing N N 218 
PHE N   H    sing N N 219 
PHE N   H2   sing N N 220 
PHE CA  C    sing N N 221 
PHE CA  CB   sing N N 222 
PHE CA  HA   sing N N 223 
PHE C   O    doub N N 224 
PHE C   OXT  sing N N 225 
PHE CB  CG   sing N N 226 
PHE CB  HB2  sing N N 227 
PHE CB  HB3  sing N N 228 
PHE CG  CD1  doub Y N 229 
PHE CG  CD2  sing Y N 230 
PHE CD1 CE1  sing Y N 231 
PHE CD1 HD1  sing N N 232 
PHE CD2 CE2  doub Y N 233 
PHE CD2 HD2  sing N N 234 
PHE CE1 CZ   doub Y N 235 
PHE CE1 HE1  sing N N 236 
PHE CE2 CZ   sing Y N 237 
PHE CE2 HE2  sing N N 238 
PHE CZ  HZ   sing N N 239 
PHE OXT HXT  sing N N 240 
PRO N   CA   sing N N 241 
PRO N   CD   sing N N 242 
PRO N   H    sing N N 243 
PRO CA  C    sing N N 244 
PRO CA  CB   sing N N 245 
PRO CA  HA   sing N N 246 
PRO C   O    doub N N 247 
PRO C   OXT  sing N N 248 
PRO CB  CG   sing N N 249 
PRO CB  HB2  sing N N 250 
PRO CB  HB3  sing N N 251 
PRO CG  CD   sing N N 252 
PRO CG  HG2  sing N N 253 
PRO CG  HG3  sing N N 254 
PRO CD  HD2  sing N N 255 
PRO CD  HD3  sing N N 256 
PRO OXT HXT  sing N N 257 
SER N   CA   sing N N 258 
SER N   H    sing N N 259 
SER N   H2   sing N N 260 
SER CA  C    sing N N 261 
SER CA  CB   sing N N 262 
SER CA  HA   sing N N 263 
SER C   O    doub N N 264 
SER C   OXT  sing N N 265 
SER CB  OG   sing N N 266 
SER CB  HB2  sing N N 267 
SER CB  HB3  sing N N 268 
SER OG  HG   sing N N 269 
SER OXT HXT  sing N N 270 
THR N   CA   sing N N 271 
THR N   H    sing N N 272 
THR N   H2   sing N N 273 
THR CA  C    sing N N 274 
THR CA  CB   sing N N 275 
THR CA  HA   sing N N 276 
THR C   O    doub N N 277 
THR C   OXT  sing N N 278 
THR CB  OG1  sing N N 279 
THR CB  CG2  sing N N 280 
THR CB  HB   sing N N 281 
THR OG1 HG1  sing N N 282 
THR CG2 HG21 sing N N 283 
THR CG2 HG22 sing N N 284 
THR CG2 HG23 sing N N 285 
THR OXT HXT  sing N N 286 
TYR N   CA   sing N N 287 
TYR N   H    sing N N 288 
TYR N   H2   sing N N 289 
TYR CA  C    sing N N 290 
TYR CA  CB   sing N N 291 
TYR CA  HA   sing N N 292 
TYR C   O    doub N N 293 
TYR C   OXT  sing N N 294 
TYR CB  CG   sing N N 295 
TYR CB  HB2  sing N N 296 
TYR CB  HB3  sing N N 297 
TYR CG  CD1  doub Y N 298 
TYR CG  CD2  sing Y N 299 
TYR CD1 CE1  sing Y N 300 
TYR CD1 HD1  sing N N 301 
TYR CD2 CE2  doub Y N 302 
TYR CD2 HD2  sing N N 303 
TYR CE1 CZ   doub Y N 304 
TYR CE1 HE1  sing N N 305 
TYR CE2 CZ   sing Y N 306 
TYR CE2 HE2  sing N N 307 
TYR CZ  OH   sing N N 308 
TYR OH  HH   sing N N 309 
TYR OXT HXT  sing N N 310 
VAL N   CA   sing N N 311 
VAL N   H    sing N N 312 
VAL N   H2   sing N N 313 
VAL CA  C    sing N N 314 
VAL CA  CB   sing N N 315 
VAL CA  HA   sing N N 316 
VAL C   O    doub N N 317 
VAL C   OXT  sing N N 318 
VAL CB  CG1  sing N N 319 
VAL CB  CG2  sing N N 320 
VAL CB  HB   sing N N 321 
VAL CG1 HG11 sing N N 322 
VAL CG1 HG12 sing N N 323 
VAL CG1 HG13 sing N N 324 
VAL CG2 HG21 sing N N 325 
VAL CG2 HG22 sing N N 326 
VAL CG2 HG23 sing N N 327 
VAL OXT HXT  sing N N 328 
# 
_atom_sites.entry_id                    4L8L 
_atom_sites.fract_transf_matrix[1][1]   0.00448258 
_atom_sites.fract_transf_matrix[1][2]   -0.00560937 
_atom_sites.fract_transf_matrix[1][3]   0.00347016 
_atom_sites.fract_transf_matrix[2][1]   -0.00020966 
_atom_sites.fract_transf_matrix[2][2]   -0.00431471 
_atom_sites.fract_transf_matrix[2][3]   -0.00670373 
_atom_sites.fract_transf_matrix[3][1]   0.00659266 
_atom_sites.fract_transf_matrix[3][2]   0.00367680 
_atom_sites.fract_transf_matrix[3][3]   -0.00257268 
_atom_sites.fract_transf_vector[1]      1.007605 
_atom_sites.fract_transf_vector[2]      0.169326 
_atom_sites.fract_transf_vector[3]      0.304777 
# 
loop_
_atom_type.symbol 
C 
N 
O 
S 
# 
loop_
_atom_site.group_PDB 
_atom_site.id 
_atom_site.type_symbol 
_atom_site.label_atom_id 
_atom_site.label_alt_id 
_atom_site.label_comp_id 
_atom_site.label_asym_id 
_atom_site.label_entity_id 
_atom_site.label_seq_id 
_atom_site.pdbx_PDB_ins_code 
_atom_site.Cartn_x 
_atom_site.Cartn_y 
_atom_site.Cartn_z 
_atom_site.occupancy 
_atom_site.B_iso_or_equiv 
_atom_site.pdbx_formal_charge 
_atom_site.auth_seq_id 
_atom_site.auth_comp_id 
_atom_site.auth_asym_id 
_atom_site.auth_atom_id 
_atom_site.pdbx_PDB_model_num 
ATOM   1    N N   . GLN A 1 1   ? -16.329 11.034  2.217   1.00 52.09 ? 1   GLN A N   1 
ATOM   2    C CA  . GLN A 1 1   ? -16.351 10.548  3.583   1.00 44.34 ? 1   GLN A CA  1 
ATOM   3    C C   . GLN A 1 1   ? -15.027 10.103  4.239   1.00 39.73 ? 1   GLN A C   1 
ATOM   4    O O   . GLN A 1 1   ? -14.917 10.244  5.438   1.00 40.90 ? 1   GLN A O   1 
ATOM   5    C CB  . GLN A 1 1   ? -17.473 9.543   3.914   1.00 41.03 ? 1   GLN A CB  1 
ATOM   6    C CG  . GLN A 1 1   ? -17.871 8.351   3.038   1.00 43.47 ? 1   GLN A CG  1 
ATOM   7    C CD  . GLN A 1 1   ? -19.008 7.643   3.791   1.00 54.59 ? 1   GLN A CD  1 
ATOM   8    O OE1 . GLN A 1 1   ? -20.208 7.877   3.527   1.00 54.36 ? 1   GLN A OE1 1 
ATOM   9    N NE2 . GLN A 1 1   ? -18.625 6.851   4.816   1.00 51.38 ? 1   GLN A NE2 1 
ATOM   10   N N   . GLY A 1 2   ? -14.021 9.650   3.509   1.00 30.73 ? 2   GLY A N   1 
ATOM   11   C CA  . GLY A 1 2   ? -12.878 9.087   4.193   1.00 29.78 ? 2   GLY A CA  1 
ATOM   12   C C   . GLY A 1 2   ? -11.498 9.559   3.752   1.00 27.23 ? 2   GLY A C   1 
ATOM   13   O O   . GLY A 1 2   ? -11.387 10.293  2.808   1.00 23.43 ? 2   GLY A O   1 
ATOM   14   N N   . THR A 1 3   ? -10.464 9.108   4.473   1.00 22.51 ? 3   THR A N   1 
ATOM   15   C CA  . THR A 1 3   ? -9.111  9.411   4.162   1.00 20.80 ? 3   THR A CA  1 
ATOM   16   C C   . THR A 1 3   ? -8.357  8.052   3.980   1.00 21.00 ? 3   THR A C   1 
ATOM   17   O O   . THR A 1 3   ? -8.410  7.199   4.863   1.00 20.80 ? 3   THR A O   1 
ATOM   18   C CB  . THR A 1 3   ? -8.437  10.204  5.290   1.00 23.05 ? 3   THR A CB  1 
ATOM   19   O OG1 . THR A 1 3   ? -9.156  11.456  5.501   1.00 22.71 ? 3   THR A OG1 1 
ATOM   20   C CG2 . THR A 1 3   ? -6.981  10.502  4.942   1.00 23.44 ? 3   THR A CG2 1 
ATOM   21   N N   . LEU A 1 4   ? -7.623  7.988   2.895   1.00 20.39 ? 4   LEU A N   1 
ATOM   22   C CA  . LEU A 1 4   ? -6.775  6.828   2.568   1.00 20.04 ? 4   LEU A CA  1 
ATOM   23   C C   . LEU A 1 4   ? -5.348  7.255   2.506   1.00 23.04 ? 4   LEU A C   1 
ATOM   24   O O   . LEU A 1 4   ? -5.023  8.378   2.074   1.00 21.18 ? 4   LEU A O   1 
ATOM   25   C CB  . LEU A 1 4   ? -7.155  6.253   1.248   1.00 22.91 ? 4   LEU A CB  1 
ATOM   26   C CG  . LEU A 1 4   ? -8.641  5.791   1.162   1.00 26.43 ? 4   LEU A CG  1 
ATOM   27   C CD1 . LEU A 1 4   ? -9.569  6.715   0.397   1.00 29.02 ? 4   LEU A CD1 1 
ATOM   28   C CD2 . LEU A 1 4   ? -8.750  4.395   0.560   1.00 27.00 ? 4   LEU A CD2 1 
ATOM   29   N N   . LEU A 1 5   ? -4.471  6.324   2.885   1.00 20.53 ? 5   LEU A N   1 
ATOM   30   C CA  . LEU A 1 5   ? -3.027  6.569   2.798   1.00 18.30 ? 5   LEU A CA  1 
ATOM   31   C C   . LEU A 1 5   ? -2.406  5.395   2.021   1.00 18.93 ? 5   LEU A C   1 
ATOM   32   O O   . LEU A 1 5   ? -2.584  4.241   2.398   1.00 18.12 ? 5   LEU A O   1 
ATOM   33   C CB  . LEU A 1 5   ? -2.398  6.601   4.191   1.00 17.80 ? 5   LEU A CB  1 
ATOM   34   C CG  . LEU A 1 5   ? -0.893  6.617   4.364   1.00 20.61 ? 5   LEU A CG  1 
ATOM   35   C CD1 . LEU A 1 5   ? -0.242  7.823   3.716   1.00 21.36 ? 5   LEU A CD1 1 
ATOM   36   C CD2 . LEU A 1 5   ? -0.499  6.488   5.838   1.00 21.96 ? 5   LEU A CD2 1 
ATOM   37   N N   . VAL A 1 6   ? -1.626  5.738   1.006   1.00 17.96 ? 6   VAL A N   1 
ATOM   38   C CA  . VAL A 1 6   ? -0.932  4.798   0.130   1.00 18.18 ? 6   VAL A CA  1 
ATOM   39   C C   . VAL A 1 6   ? 0.516   4.855   0.492   1.00 19.83 ? 6   VAL A C   1 
ATOM   40   O O   . VAL A 1 6   ? 1.145   5.905   0.463   1.00 19.66 ? 6   VAL A O   1 
ATOM   41   C CB  . VAL A 1 6   ? -1.163  5.112   -1.330  1.00 19.58 ? 6   VAL A CB  1 
ATOM   42   C CG1 . VAL A 1 6   ? -0.543  4.007   -2.232  1.00 20.09 ? 6   VAL A CG1 1 
ATOM   43   C CG2 . VAL A 1 6   ? -2.668  5.212   -1.634  1.00 20.02 ? 6   VAL A CG2 1 
ATOM   44   N N   . LEU A 1 7   ? 1.055   3.667   0.799   1.00 17.04 ? 7   LEU A N   1 
ATOM   45   C CA  . LEU A 1 7   ? 2.482   3.540   1.170   1.00 18.17 ? 7   LEU A CA  1 
ATOM   46   C C   . LEU A 1 7   ? 3.232   2.655   0.180   1.00 20.96 ? 7   LEU A C   1 
ATOM   47   O O   . LEU A 1 7   ? 2.762   1.572   -0.119  1.00 18.46 ? 7   LEU A O   1 
ATOM   48   C CB  . LEU A 1 7   ? 2.549   2.957   2.564   1.00 19.10 ? 7   LEU A CB  1 
ATOM   49   C CG  . LEU A 1 7   ? 1.956   3.836   3.674   1.00 21.77 ? 7   LEU A CG  1 
ATOM   50   C CD1 . LEU A 1 7   ? 1.913   3.106   5.026   1.00 20.73 ? 7   LEU A CD1 1 
ATOM   51   C CD2 . LEU A 1 7   ? 2.639   5.172   3.870   1.00 22.48 ? 7   LEU A CD2 1 
ATOM   52   N N   . HIS A 1 8   ? 4.370   3.145   -0.305  1.00 17.64 ? 8   HIS A N   1 
ATOM   53   C CA  . HIS A 1 8   ? 5.193   2.459   -1.258  1.00 17.50 ? 8   HIS A CA  1 
ATOM   54   C C   . HIS A 1 8   ? 6.516   2.157   -0.604  1.00 19.88 ? 8   HIS A C   1 
ATOM   55   O O   . HIS A 1 8   ? 7.143   3.051   -0.046  1.00 18.48 ? 8   HIS A O   1 
ATOM   56   C CB  . HIS A 1 8   ? 5.398   3.355   -2.446  1.00 18.69 ? 8   HIS A CB  1 
ATOM   57   C CG  . HIS A 1 8   ? 4.140   3.744   -3.160  1.00 19.79 ? 8   HIS A CG  1 
ATOM   58   N ND1 . HIS A 1 8   ? 3.640   5.027   -3.193  1.00 23.71 ? 8   HIS A ND1 1 
ATOM   59   C CD2 . HIS A 1 8   ? 3.337   3.005   -3.941  1.00 16.55 ? 8   HIS A CD2 1 
ATOM   60   C CE1 . HIS A 1 8   ? 2.547   5.043   -3.952  1.00 17.49 ? 8   HIS A CE1 1 
ATOM   61   N NE2 . HIS A 1 8   ? 2.387   3.836   -4.466  1.00 23.68 ? 8   HIS A NE2 1 
ATOM   62   N N   . GLY A 1 9   ? 6.975   0.915   -0.663  1.00 17.51 ? 9   GLY A N   1 
ATOM   63   C CA  . GLY A 1 9   ? 8.226   0.557   -0.002  1.00 18.33 ? 9   GLY A CA  1 
ATOM   64   C C   . GLY A 1 9   ? 9.460   0.800   -0.888  1.00 17.77 ? 9   GLY A C   1 
ATOM   65   O O   . GLY A 1 9   ? 9.448   1.548   -1.888  1.00 17.66 ? 9   GLY A O   1 
ATOM   66   N N   . PRO A 1 10  ? 10.566  0.166   -0.541  1.00 17.72 ? 10  PRO A N   1 
ATOM   67   C CA  . PRO A 1 10  ? 11.849  0.501   -1.117  1.00 18.01 ? 10  PRO A CA  1 
ATOM   68   C C   . PRO A 1 10  ? 11.945  0.164   -2.588  1.00 17.92 ? 10  PRO A C   1 
ATOM   69   O O   . PRO A 1 10  ? 11.258  -0.761  -3.067  1.00 16.48 ? 10  PRO A O   1 
ATOM   70   C CB  . PRO A 1 10  ? 12.849  -0.321  -0.256  1.00 17.84 ? 10  PRO A CB  1 
ATOM   71   C CG  . PRO A 1 10  ? 12.029  -1.427  0.278   1.00 19.50 ? 10  PRO A CG  1 
ATOM   72   C CD  . PRO A 1 10  ? 10.710  -0.821  0.557   1.00 18.76 ? 10  PRO A CD  1 
ATOM   73   N N   . ASN A 1 11  ? 12.769  0.912   -3.303  1.00 16.52 ? 11  ASN A N   1 
ATOM   74   C CA  . ASN A 1 11  ? 13.085  0.747   -4.721  1.00 17.31 ? 11  ASN A CA  1 
ATOM   75   C C   . ASN A 1 11  ? 11.986  1.206   -5.680  1.00 17.55 ? 11  ASN A C   1 
ATOM   76   O O   . ASN A 1 11  ? 12.242  1.291   -6.858  1.00 21.94 ? 11  ASN A O   1 
ATOM   77   C CB  . ASN A 1 11  ? 13.503  -0.696  -5.059  1.00 17.19 ? 11  ASN A CB  1 
ATOM   78   C CG  . ASN A 1 11  ? 14.630  -1.207  -4.132  1.00 19.36 ? 11  ASN A CG  1 
ATOM   79   O OD1 . ASN A 1 11  ? 14.568  -2.204  -3.322  1.00 22.01 ? 11  ASN A OD1 1 
ATOM   80   N ND2 . ASN A 1 11  ? 15.676  -0.584  -4.339  1.00 15.52 ? 11  ASN A ND2 1 
ATOM   81   N N   . LEU A 1 12  ? 10.763  1.454   -5.154  1.00 17.09 ? 12  LEU A N   1 
ATOM   82   C CA  . LEU A 1 12  ? 9.642   1.779   -6.039  1.00 18.03 ? 12  LEU A CA  1 
ATOM   83   C C   . LEU A 1 12  ? 9.789   3.185   -6.634  1.00 17.92 ? 12  LEU A C   1 
ATOM   84   O O   . LEU A 1 12  ? 9.120   3.518   -7.640  1.00 19.91 ? 12  LEU A O   1 
ATOM   85   C CB  . LEU A 1 12  ? 8.318   1.585   -5.362  1.00 19.22 ? 12  LEU A CB  1 
ATOM   86   C CG  . LEU A 1 12  ? 7.973   0.160   -4.916  1.00 20.06 ? 12  LEU A CG  1 
ATOM   87   C CD1 . LEU A 1 12  ? 6.697   0.128   -4.129  1.00 19.33 ? 12  LEU A CD1 1 
ATOM   88   C CD2 . LEU A 1 12  ? 7.910   -0.740  -6.147  1.00 23.87 ? 12  LEU A CD2 1 
ATOM   89   N N   . ASN A 1 13  ? 10.654  3.987   -6.062  1.00 17.06 ? 13  ASN A N   1 
ATOM   90   C CA  . ASN A 1 13  ? 11.022  5.342   -6.662  1.00 18.99 ? 13  ASN A CA  1 
ATOM   91   C C   . ASN A 1 13  ? 11.581  5.127   -8.046  1.00 19.80 ? 13  ASN A C   1 
ATOM   92   O O   . ASN A 1 13  ? 11.456  6.024   -8.901  1.00 20.70 ? 13  ASN A O   1 
ATOM   93   C CB  . ASN A 1 13  ? 12.054  6.137   -5.830  1.00 19.87 ? 13  ASN A CB  1 
ATOM   94   C CG  . ASN A 1 13  ? 13.271  5.332   -5.491  1.00 21.66 ? 13  ASN A CG  1 
ATOM   95   O OD1 . ASN A 1 13  ? 13.213  4.349   -4.767  1.00 22.24 ? 13  ASN A OD1 1 
ATOM   96   N ND2 . ASN A 1 13  ? 14.428  5.740   -6.042  1.00 20.18 ? 13  ASN A ND2 1 
ATOM   97   N N   . LEU A 1 14  ? 12.144  3.976   -8.368  1.00 18.91 ? 14  LEU A N   1 
ATOM   98   C CA  . LEU A 1 14  ? 12.730  3.689   -9.724  1.00 19.97 ? 14  LEU A CA  1 
ATOM   99   C C   . LEU A 1 14  ? 11.695  3.267   -10.764 1.00 20.90 ? 14  LEU A C   1 
ATOM   100  O O   . LEU A 1 14  ? 12.046  3.085   -11.927 1.00 22.35 ? 14  LEU A O   1 
ATOM   101  C CB  . LEU A 1 14  ? 13.773  2.621   -9.618  1.00 20.36 ? 14  LEU A CB  1 
ATOM   102  C CG  . LEU A 1 14  ? 14.967  2.949   -8.728  1.00 24.85 ? 14  LEU A CG  1 
ATOM   103  C CD1 . LEU A 1 14  ? 15.837  1.690   -8.688  1.00 25.98 ? 14  LEU A CD1 1 
ATOM   104  C CD2 . LEU A 1 14  ? 15.700  4.206   -9.159  1.00 24.97 ? 14  LEU A CD2 1 
ATOM   105  N N   . LEU A 1 15  ? 10.455  3.025   -10.350 1.00 21.38 ? 15  LEU A N   1 
ATOM   106  C CA  . LEU A 1 15  ? 9.419   2.541   -11.294 1.00 24.58 ? 15  LEU A CA  1 
ATOM   107  C C   . LEU A 1 15  ? 9.314   3.425   -12.522 1.00 23.09 ? 15  LEU A C   1 
ATOM   108  O O   . LEU A 1 15  ? 9.226   4.632   -12.367 1.00 25.06 ? 15  LEU A O   1 
ATOM   109  C CB  . LEU A 1 15  ? 8.057   2.591   -10.677 1.00 28.00 ? 15  LEU A CB  1 
ATOM   110  C CG  . LEU A 1 15  ? 7.668   1.383   -9.893  1.00 32.61 ? 15  LEU A CG  1 
ATOM   111  C CD1 . LEU A 1 15  ? 6.275   1.594   -9.299  1.00 31.95 ? 15  LEU A CD1 1 
ATOM   112  C CD2 . LEU A 1 15  ? 7.758   0.119   -10.786 1.00 35.73 ? 15  LEU A CD2 1 
ATOM   113  N N   . GLY A 1 16  ? 9.438   2.787   -13.696 1.00 27.04 ? 16  GLY A N   1 
ATOM   114  C CA  . GLY A 1 16  ? 9.215   3.407   -14.993 1.00 32.07 ? 16  GLY A CA  1 
ATOM   115  C C   . GLY A 1 16  ? 10.250  4.440   -15.348 1.00 37.59 ? 16  GLY A C   1 
ATOM   116  O O   . GLY A 1 16  ? 9.984   5.388   -16.112 1.00 36.98 ? 16  GLY A O   1 
ATOM   117  N N   . THR A 1 17  ? 11.418  4.305   -14.734 1.00 29.15 ? 17  THR A N   1 
ATOM   118  C CA  . THR A 1 17  ? 12.520  5.220   -15.007 1.00 31.62 ? 17  THR A CA  1 
ATOM   119  C C   . THR A 1 17  ? 13.557  4.467   -15.836 1.00 37.27 ? 17  THR A C   1 
ATOM   120  O O   . THR A 1 17  ? 14.350  5.172   -16.465 1.00 48.41 ? 17  THR A O   1 
ATOM   121  C CB  . THR A 1 17  ? 13.143  5.813   -13.738 1.00 31.08 ? 17  THR A CB  1 
ATOM   122  O OG1 . THR A 1 17  ? 13.879  4.800   -13.044 1.00 30.00 ? 17  THR A OG1 1 
ATOM   123  C CG2 . THR A 1 17  ? 12.052  6.455   -12.827 1.00 35.46 ? 17  THR A CG2 1 
ATOM   124  N N   . SER A 1 25  ? 5.515   1.741   -19.371 1.00 47.39 ? 25  SER A N   1 
ATOM   125  C CA  . SER A 1 25  ? 6.261   1.872   -18.115 1.00 48.30 ? 25  SER A CA  1 
ATOM   126  C C   . SER A 1 25  ? 5.825   3.078   -17.231 1.00 44.77 ? 25  SER A C   1 
ATOM   127  O O   . SER A 1 25  ? 6.255   4.235   -17.416 1.00 54.44 ? 25  SER A O   1 
ATOM   128  C CB  . SER A 1 25  ? 7.753   1.936   -18.370 1.00 50.36 ? 25  SER A CB  1 
ATOM   129  O OG  . SER A 1 25  ? 8.436   1.080   -17.462 1.00 63.57 ? 25  SER A OG  1 
ATOM   130  N N   . THR A 1 26  ? 5.116   2.748   -16.177 1.00 30.55 ? 26  THR A N   1 
ATOM   131  C CA  . THR A 1 26  ? 4.394   3.708   -15.364 1.00 28.08 ? 26  THR A CA  1 
ATOM   132  C C   . THR A 1 26  ? 5.249   4.084   -14.159 1.00 26.08 ? 26  THR A C   1 
ATOM   133  O O   . THR A 1 26  ? 5.887   3.235   -13.509 1.00 28.52 ? 26  THR A O   1 
ATOM   134  C CB  . THR A 1 26  ? 3.092   3.054   -14.878 1.00 29.24 ? 26  THR A CB  1 
ATOM   135  O OG1 . THR A 1 26  ? 2.337   2.563   -16.028 1.00 31.96 ? 26  THR A OG1 1 
ATOM   136  C CG2 . THR A 1 26  ? 2.314   3.994   -14.142 1.00 26.34 ? 26  THR A CG2 1 
ATOM   137  N N   . THR A 1 27  ? 5.232   5.354   -13.827 1.00 20.75 ? 27  THR A N   1 
ATOM   138  C CA  . THR A 1 27  ? 5.981   5.883   -12.715 1.00 21.34 ? 27  THR A CA  1 
ATOM   139  C C   . THR A 1 27  ? 5.140   5.894   -11.451 1.00 20.30 ? 27  THR A C   1 
ATOM   140  O O   . THR A 1 27  ? 3.915   5.845   -11.480 1.00 21.58 ? 27  THR A O   1 
ATOM   141  C CB  . THR A 1 27  ? 6.499   7.342   -12.938 1.00 23.35 ? 27  THR A CB  1 
ATOM   142  O OG1 . THR A 1 27  ? 5.378   8.186   -12.996 1.00 22.29 ? 27  THR A OG1 1 
ATOM   143  C CG2 . THR A 1 27  ? 7.293   7.469   -14.235 1.00 26.70 ? 27  THR A CG2 1 
ATOM   144  N N   . LEU A 1 28  ? 5.812   5.983   -10.326 1.00 23.47 ? 28  LEU A N   1 
ATOM   145  C CA  . LEU A 1 28  ? 5.123   6.192   -9.075  1.00 23.16 ? 28  LEU A CA  1 
ATOM   146  C C   . LEU A 1 28  ? 4.296   7.445   -9.096  1.00 21.93 ? 28  LEU A C   1 
ATOM   147  O O   . LEU A 1 28  ? 3.204   7.514   -8.559  1.00 21.82 ? 28  LEU A O   1 
ATOM   148  C CB  . LEU A 1 28  ? 6.159   6.284   -7.938  1.00 28.62 ? 28  LEU A CB  1 
ATOM   149  C CG  . LEU A 1 28  ? 5.777   5.691   -6.611  1.00 35.50 ? 28  LEU A CG  1 
ATOM   150  C CD1 . LEU A 1 28  ? 5.110   4.342   -6.741  1.00 31.79 ? 28  LEU A CD1 1 
ATOM   151  C CD2 . LEU A 1 28  ? 7.036   5.595   -5.793  1.00 31.85 ? 28  LEU A CD2 1 
ATOM   152  N N   . GLY A 1 29  ? 4.815   8.536   -9.688  1.00 20.28 ? 29  GLY A N   1 
ATOM   153  C CA  . GLY A 1 29  ? 4.045   9.738   -9.744  1.00 22.17 ? 29  GLY A CA  1 
ATOM   154  C C   . GLY A 1 29  ? 2.736   9.631   -10.514 1.00 20.48 ? 29  GLY A C   1 
ATOM   155  O O   . GLY A 1 29  ? 1.697   10.183  -10.126 1.00 21.59 ? 29  GLY A O   1 
ATOM   156  N N   . GLN A 1 30  ? 2.793   8.879   -11.604 1.00 21.43 ? 30  GLN A N   1 
ATOM   157  C CA  . GLN A 1 30  ? 1.607   8.583   -12.381 1.00 21.56 ? 30  GLN A CA  1 
ATOM   158  C C   . GLN A 1 30  ? 0.584   7.769   -11.611 1.00 21.84 ? 30  GLN A C   1 
ATOM   159  O O   . GLN A 1 30  ? -0.613  8.033   -11.618 1.00 22.06 ? 30  GLN A O   1 
ATOM   160  C CB  . GLN A 1 30  ? 1.955   7.808   -13.631 1.00 22.36 ? 30  GLN A CB  1 
ATOM   161  C CG  . GLN A 1 30  ? 2.684   8.664   -14.656 1.00 24.40 ? 30  GLN A CG  1 
ATOM   162  C CD  . GLN A 1 30  ? 3.136   7.910   -15.909 1.00 28.38 ? 30  GLN A CD  1 
ATOM   163  O OE1 . GLN A 1 30  ? 3.812   6.930   -15.881 1.00 27.62 ? 30  GLN A OE1 1 
ATOM   164  N NE2 . GLN A 1 30  ? 2.646   8.351   -17.019 1.00 37.70 ? 30  GLN A NE2 1 
ATOM   165  N N   . ILE A 1 31  ? 1.086   6.773   -10.891 1.00 20.20 ? 31  ILE A N   1 
ATOM   166  C CA  . ILE A 1 31  ? 0.181   5.957   -10.021 1.00 20.18 ? 31  ILE A CA  1 
ATOM   167  C C   . ILE A 1 31  ? -0.494  6.874   -8.982  1.00 19.67 ? 31  ILE A C   1 
ATOM   168  O O   . ILE A 1 31  ? -1.733  6.817   -8.761  1.00 23.61 ? 31  ILE A O   1 
ATOM   169  C CB  . ILE A 1 31  ? 0.988   4.817   -9.379  1.00 20.71 ? 31  ILE A CB  1 
ATOM   170  C CG1 . ILE A 1 31  ? 1.445   3.811   -10.459 1.00 21.39 ? 31  ILE A CG1 1 
ATOM   171  C CG2 . ILE A 1 31  ? 0.177   4.218   -8.209  1.00 23.08 ? 31  ILE A CG2 1 
ATOM   172  C CD1 . ILE A 1 31  ? 2.583   2.867   -9.981  1.00 21.93 ? 31  ILE A CD1 1 
ATOM   173  N N   . ASN A 1 32  ? 0.303   7.668   -8.289  1.00 20.52 ? 32  ASN A N   1 
ATOM   174  C CA  . ASN A 1 32  ? -0.166  8.489   -7.170  1.00 20.74 ? 32  ASN A CA  1 
ATOM   175  C C   . ASN A 1 32  ? -1.215  9.506   -7.681  1.00 23.48 ? 32  ASN A C   1 
ATOM   176  O O   . ASN A 1 32  ? -2.240  9.721   -7.057  1.00 22.71 ? 32  ASN A O   1 
ATOM   177  C CB  . ASN A 1 32  ? 1.001   9.184   -6.469  1.00 24.31 ? 32  ASN A CB  1 
ATOM   178  C CG  . ASN A 1 32  ? 1.813   8.239   -5.569  1.00 21.80 ? 32  ASN A CG  1 
ATOM   179  O OD1 . ASN A 1 32  ? 3.072   8.397   -5.315  1.00 27.67 ? 32  ASN A OD1 1 
ATOM   180  N ND2 . ASN A 1 32  ? 1.133   7.237   -5.094  1.00 18.96 ? 32  ASN A ND2 1 
ATOM   181  N N   . GLN A 1 33  ? -0.922  10.111  -8.828  1.00 23.07 ? 33  GLN A N   1 
ATOM   182  C CA  . GLN A 1 33  ? -1.874  11.139  -9.328  1.00 26.92 ? 33  GLN A CA  1 
ATOM   183  C C   . GLN A 1 33  ? -3.227  10.484  -9.685  1.00 28.18 ? 33  GLN A C   1 
ATOM   184  O O   . GLN A 1 33  ? -4.312  11.024  -9.438  1.00 26.63 ? 33  GLN A O   1 
ATOM   185  C CB  . GLN A 1 33  ? -1.311  11.823  -10.574 1.00 33.26 ? 33  GLN A CB  1 
ATOM   186  C CG  . GLN A 1 33  ? -2.435  12.636  -11.156 1.00 38.38 ? 33  GLN A CG  1 
ATOM   187  C CD  . GLN A 1 33  ? -2.037  13.267  -12.431 1.00 42.68 ? 33  GLN A CD  1 
ATOM   188  O OE1 . GLN A 1 33  ? -1.743  14.453  -12.465 1.00 47.57 ? 33  GLN A OE1 1 
ATOM   189  N NE2 . GLN A 1 33  ? -2.010  12.474  -13.485 1.00 40.90 ? 33  GLN A NE2 1 
ATOM   190  N N   . ASP A 1 34  ? -3.154  9.305   -10.296 1.00 25.46 ? 34  ASP A N   1 
ATOM   191  C CA  . ASP A 1 34  ? -4.351  8.562   -10.651 1.00 25.74 ? 34  ASP A CA  1 
ATOM   192  C C   . ASP A 1 34  ? -5.163  8.116   -9.426  1.00 25.83 ? 34  ASP A C   1 
ATOM   193  O O   . ASP A 1 34  ? -6.387  8.236   -9.375  1.00 24.94 ? 34  ASP A O   1 
ATOM   194  C CB  . ASP A 1 34  ? -3.942  7.419   -11.553 1.00 28.10 ? 34  ASP A CB  1 
ATOM   195  C CG  . ASP A 1 34  ? -5.090  6.689   -12.084 1.00 36.57 ? 34  ASP A CG  1 
ATOM   196  O OD1 . ASP A 1 34  ? -5.854  7.284   -12.867 1.00 37.52 ? 34  ASP A OD1 1 
ATOM   197  O OD2 . ASP A 1 34  ? -5.256  5.538   -11.674 1.00 35.58 ? 34  ASP A OD2 1 
ATOM   198  N N   . LEU A 1 35  ? -4.477  7.668   -8.397  1.00 21.25 ? 35  LEU A N   1 
ATOM   199  C CA  . LEU A 1 35  ? -5.148  7.357   -7.155  1.00 21.98 ? 35  LEU A CA  1 
ATOM   200  C C   . LEU A 1 35  ? -5.794  8.573   -6.505  1.00 24.31 ? 35  LEU A C   1 
ATOM   201  O O   . LEU A 1 35  ? -6.910  8.534   -5.991  1.00 23.73 ? 35  LEU A O   1 
ATOM   202  C CB  . LEU A 1 35  ? -4.162  6.707   -6.160  1.00 21.34 ? 35  LEU A CB  1 
ATOM   203  C CG  . LEU A 1 35  ? -3.549  5.353   -6.606  1.00 22.44 ? 35  LEU A CG  1 
ATOM   204  C CD1 . LEU A 1 35  ? -2.579  4.897   -5.537  1.00 22.72 ? 35  LEU A CD1 1 
ATOM   205  C CD2 . LEU A 1 35  ? -4.588  4.293   -6.888  1.00 25.63 ? 35  LEU A CD2 1 
ATOM   206  N N   . GLU A 1 36  ? -5.056  9.651   -6.431  1.00 23.17 ? 36  GLU A N   1 
ATOM   207  C CA  . GLU A 1 36  ? -5.622  10.858  -5.805  1.00 25.92 ? 36  GLU A CA  1 
ATOM   208  C C   . GLU A 1 36  ? -6.901  11.290  -6.564  1.00 31.13 ? 36  GLU A C   1 
ATOM   209  O O   . GLU A 1 36  ? -7.924  11.644  -5.928  1.00 27.66 ? 36  GLU A O   1 
ATOM   210  C CB  . GLU A 1 36  ? -4.607  11.998  -5.928  1.00 27.51 ? 36  GLU A CB  1 
ATOM   211  C CG  . GLU A 1 36  ? -3.479  11.979  -4.951  1.00 29.47 ? 36  GLU A CG  1 
ATOM   212  C CD  . GLU A 1 36  ? -2.402  13.041  -5.263  1.00 33.49 ? 36  GLU A CD  1 
ATOM   213  O OE1 . GLU A 1 36  ? -2.340  13.589  -6.406  1.00 33.31 ? 36  GLU A OE1 1 
ATOM   214  O OE2 . GLU A 1 36  ? -1.558  13.290  -4.412  1.00 35.18 ? 36  GLU A OE2 1 
ATOM   215  N N   . ARG A 1 37  ? -6.806  11.288  -7.888  1.00 30.90 ? 37  ARG A N   1 
ATOM   216  C CA  . ARG A 1 37  ? -7.947  11.636  -8.763  1.00 33.68 ? 37  ARG A CA  1 
ATOM   217  C C   . ARG A 1 37  ? -9.140  10.790  -8.518  1.00 32.67 ? 37  ARG A C   1 
ATOM   218  O O   . ARG A 1 37  ? -10.225 11.293  -8.301  1.00 27.75 ? 37  ARG A O   1 
ATOM   219  C CB  . ARG A 1 37  ? -7.554  11.594  -10.232 1.00 36.79 ? 37  ARG A CB  1 
ATOM   220  C CG  . ARG A 1 37  ? -8.755  11.851  -11.165 1.00 44.14 ? 37  ARG A CG  1 
ATOM   221  C CD  . ARG A 1 37  ? -8.433  11.688  -12.662 1.00 46.04 ? 37  ARG A CD  1 
ATOM   222  N NE  . ARG A 1 37  ? -8.111  10.300  -13.026 1.00 56.62 ? 37  ARG A NE  1 
ATOM   223  C CZ  . ARG A 1 37  ? -8.989  9.298   -13.130 1.00 60.34 ? 37  ARG A CZ  1 
ATOM   224  N NH1 . ARG A 1 37  ? -10.283 9.469   -12.898 1.00 64.47 ? 37  ARG A NH1 1 
ATOM   225  N NH2 . ARG A 1 37  ? -8.563  8.096   -13.471 1.00 66.52 ? 37  ARG A NH2 1 
ATOM   226  N N   . ARG A 1 38  ? -8.953  9.468   -8.498  1.00 29.23 ? 38  ARG A N   1 
ATOM   227  C CA  . ARG A 1 38  ? -10.060 8.562   -8.317  1.00 26.84 ? 38  ARG A CA  1 
ATOM   228  C C   . ARG A 1 38  ? -10.687 8.672   -6.927  1.00 27.01 ? 38  ARG A C   1 
ATOM   229  O O   . ARG A 1 38  ? -11.880 8.601   -6.780  1.00 28.67 ? 38  ARG A O   1 
ATOM   230  C CB  . ARG A 1 38  ? -9.608  7.144   -8.560  1.00 28.77 ? 38  ARG A CB  1 
ATOM   231  C CG  . ARG A 1 38  ? -9.192  6.943   -10.007 1.00 33.76 ? 38  ARG A CG  1 
ATOM   232  C CD  . ARG A 1 38  ? -8.659  5.527   -10.258 1.00 37.18 ? 38  ARG A CD  1 
ATOM   233  N NE  . ARG A 1 38  ? -8.240  5.367   -11.650 1.00 40.50 ? 38  ARG A NE  1 
ATOM   234  C CZ  . ARG A 1 38  ? -9.029  4.968   -12.657 1.00 43.56 ? 38  ARG A CZ  1 
ATOM   235  N NH1 . ARG A 1 38  ? -10.303 4.677   -12.476 1.00 42.04 ? 38  ARG A NH1 1 
ATOM   236  N NH2 . ARG A 1 38  ? -8.510  4.873   -13.866 1.00 47.18 ? 38  ARG A NH2 1 
ATOM   237  N N   . ALA A 1 39  ? -9.830  8.781   -5.897  1.00 24.90 ? 39  ALA A N   1 
ATOM   238  C CA  . ALA A 1 39  ? -10.296 8.952   -4.549  1.00 26.53 ? 39  ALA A CA  1 
ATOM   239  C C   . ALA A 1 39  ? -11.177 10.229  -4.432  1.00 28.60 ? 39  ALA A C   1 
ATOM   240  O O   . ALA A 1 39  ? -12.271 10.197  -3.804  1.00 30.67 ? 39  ALA A O   1 
ATOM   241  C CB  . ALA A 1 39  ? -9.139  9.080   -3.583  1.00 27.34 ? 39  ALA A CB  1 
ATOM   242  N N   . ARG A 1 40  ? -10.664 11.291  -5.003  1.00 29.78 ? 40  ARG A N   1 
ATOM   243  C CA  . ARG A 1 40  ? -11.327 12.606  -4.971  1.00 37.09 ? 40  ARG A CA  1 
ATOM   244  C C   . ARG A 1 40  ? -12.662 12.560  -5.681  1.00 36.07 ? 40  ARG A C   1 
ATOM   245  O O   . ARG A 1 40  ? -13.688 12.988  -5.129  1.00 34.11 ? 40  ARG A O   1 
ATOM   246  C CB  . ARG A 1 40  ? -10.470 13.652  -5.617  1.00 40.27 ? 40  ARG A CB  1 
ATOM   247  C CG  . ARG A 1 40  ? -10.963 15.062  -5.339  1.00 47.48 ? 40  ARG A CG  1 
ATOM   248  C CD  . ARG A 1 40  ? -9.903  16.085  -5.735  1.00 56.23 ? 40  ARG A CD  1 
ATOM   249  N NE  . ARG A 1 40  ? -9.297  15.783  -7.049  1.00 61.54 ? 40  ARG A NE  1 
ATOM   250  C CZ  . ARG A 1 40  ? -7.993  15.582  -7.280  1.00 60.77 ? 40  ARG A CZ  1 
ATOM   251  N NH1 . ARG A 1 40  ? -7.108  15.660  -6.294  1.00 58.98 ? 40  ARG A NH1 1 
ATOM   252  N NH2 . ARG A 1 40  ? -7.571  15.323  -8.524  1.00 61.18 ? 40  ARG A NH2 1 
ATOM   253  N N   . GLU A 1 41  ? -12.697 11.951  -6.848  1.00 37.26 ? 41  GLU A N   1 
ATOM   254  C CA  . GLU A 1 41  ? -14.002 11.766  -7.546  1.00 36.13 ? 41  GLU A CA  1 
ATOM   255  C C   . GLU A 1 41  ? -15.032 11.048  -6.734  1.00 37.17 ? 41  GLU A C   1 
ATOM   256  O O   . GLU A 1 41  ? -16.231 11.327  -6.886  1.00 41.49 ? 41  GLU A O   1 
ATOM   257  C CB  . GLU A 1 41  ? -13.799 11.026  -8.854  1.00 38.12 ? 41  GLU A CB  1 
ATOM   258  C CG  . GLU A 1 41  ? -13.181 11.948  -9.891  1.00 46.02 ? 41  GLU A CG  1 
ATOM   259  C CD  . GLU A 1 41  ? -12.692 11.182  -11.124 1.00 56.55 ? 41  GLU A CD  1 
ATOM   260  O OE1 . GLU A 1 41  ? -12.941 9.943   -11.208 1.00 57.90 ? 41  GLU A OE1 1 
ATOM   261  O OE2 . GLU A 1 41  ? -12.041 11.824  -11.980 1.00 53.93 ? 41  GLU A OE2 1 
ATOM   262  N N   . ALA A 1 42  ? -14.602 10.097  -5.899  1.00 30.49 ? 42  ALA A N   1 
ATOM   263  C CA  . ALA A 1 42  ? -15.467 9.358   -5.020  1.00 30.89 ? 42  ALA A CA  1 
ATOM   264  C C   . ALA A 1 42  ? -15.682 10.075  -3.681  1.00 32.73 ? 42  ALA A C   1 
ATOM   265  O O   . ALA A 1 42  ? -16.291 9.495   -2.800  1.00 38.82 ? 42  ALA A O   1 
ATOM   266  C CB  . ALA A 1 42  ? -14.922 7.929   -4.783  1.00 33.87 ? 42  ALA A CB  1 
ATOM   267  N N   . GLY A 1 43  ? -15.192 11.296  -3.510  1.00 32.70 ? 43  GLY A N   1 
ATOM   268  C CA  . GLY A 1 43  ? -15.443 12.026  -2.273  1.00 31.69 ? 43  GLY A CA  1 
ATOM   269  C C   . GLY A 1 43  ? -14.468 11.808  -1.130  1.00 34.99 ? 43  GLY A C   1 
ATOM   270  O O   . GLY A 1 43  ? -14.741 12.206  -0.006  1.00 32.42 ? 43  GLY A O   1 
ATOM   271  N N   . HIS A 1 44  ? -13.345 11.126  -1.383  1.00 29.51 ? 44  HIS A N   1 
ATOM   272  C CA  . HIS A 1 44  ? -12.383 10.818  -0.315  1.00 26.60 ? 44  HIS A CA  1 
ATOM   273  C C   . HIS A 1 44  ? -11.095 11.619  -0.514  1.00 27.73 ? 44  HIS A C   1 
ATOM   274  O O   . HIS A 1 44  ? -10.807 12.127  -1.614  1.00 31.32 ? 44  HIS A O   1 
ATOM   275  C CB  . HIS A 1 44  ? -12.107 9.258   -0.336  1.00 27.12 ? 44  HIS A CB  1 
ATOM   276  C CG  . HIS A 1 44  ? -13.324 8.438   -0.044  1.00 29.91 ? 44  HIS A CG  1 
ATOM   277  N ND1 . HIS A 1 44  ? -14.082 7.873   -1.044  1.00 38.51 ? 44  HIS A ND1 1 
ATOM   278  C CD2 . HIS A 1 44  ? -13.981 8.171   1.108   1.00 31.70 ? 44  HIS A CD2 1 
ATOM   279  C CE1 . HIS A 1 44  ? -15.110 7.239   -0.510  1.00 34.29 ? 44  HIS A CE1 1 
ATOM   280  N NE2 . HIS A 1 44  ? -15.076 7.423   0.794   1.00 41.47 ? 44  HIS A NE2 1 
ATOM   281  N N   . HIS A 1 45  ? -10.266 11.665  0.528   1.00 26.14 ? 45  HIS A N   1 
ATOM   282  C CA  . HIS A 1 45  ? -8.997  12.328  0.491   1.00 24.26 ? 45  HIS A CA  1 
ATOM   283  C C   . HIS A 1 45  ? -7.875  11.259  0.509   1.00 22.63 ? 45  HIS A C   1 
ATOM   284  O O   . HIS A 1 45  ? -7.846  10.481  1.442   1.00 24.42 ? 45  HIS A O   1 
ATOM   285  C CB  . HIS A 1 45  ? -8.894  13.229  1.704   1.00 28.76 ? 45  HIS A CB  1 
ATOM   286  C CG  . HIS A 1 45  ? -7.620  14.011  1.768   1.00 23.67 ? 45  HIS A CG  1 
ATOM   287  N ND1 . HIS A 1 45  ? -6.973  14.295  2.943   1.00 28.20 ? 45  HIS A ND1 1 
ATOM   288  C CD2 . HIS A 1 45  ? -6.849  14.542  0.780   1.00 25.59 ? 45  HIS A CD2 1 
ATOM   289  C CE1 . HIS A 1 45  ? -5.881  14.996  2.700   1.00 25.81 ? 45  HIS A CE1 1 
ATOM   290  N NE2 . HIS A 1 45  ? -5.781  15.149  1.394   1.00 29.08 ? 45  HIS A NE2 1 
ATOM   291  N N   . LEU A 1 46  ? -6.920  11.320  -0.402  1.00 23.06 ? 46  LEU A N   1 
ATOM   292  C CA  . LEU A 1 46  ? -5.844  10.307  -0.444  1.00 21.74 ? 46  LEU A CA  1 
ATOM   293  C C   . LEU A 1 46  ? -4.474  10.929  -0.371  1.00 20.69 ? 46  LEU A C   1 
ATOM   294  O O   . LEU A 1 46  ? -4.181  11.936  -1.063  1.00 21.99 ? 46  LEU A O   1 
ATOM   295  C CB  . LEU A 1 46  ? -6.011  9.457   -1.675  1.00 22.81 ? 46  LEU A CB  1 
ATOM   296  C CG  . LEU A 1 46  ? -5.022  8.276   -1.880  1.00 21.96 ? 46  LEU A CG  1 
ATOM   297  C CD1 . LEU A 1 46  ? -5.690  7.113   -2.581  1.00 22.76 ? 46  LEU A CD1 1 
ATOM   298  C CD2 . LEU A 1 46  ? -3.869  8.723   -2.689  1.00 22.81 ? 46  LEU A CD2 1 
ATOM   299  N N   . LEU A 1 47  ? -3.686  10.397  0.543   1.00 19.57 ? 47  LEU A N   1 
ATOM   300  C CA  . LEU A 1 47  ? -2.320  10.805  0.796   1.00 21.73 ? 47  LEU A CA  1 
ATOM   301  C C   . LEU A 1 47  ? -1.414  9.624   0.394   1.00 22.55 ? 47  LEU A C   1 
ATOM   302  O O   . LEU A 1 47  ? -1.894  8.478   0.281   1.00 19.26 ? 47  LEU A O   1 
ATOM   303  C CB  . LEU A 1 47  ? -2.147  11.047  2.272   1.00 25.78 ? 47  LEU A CB  1 
ATOM   304  C CG  . LEU A 1 47  ? -3.096  12.167  2.727   1.00 29.09 ? 47  LEU A CG  1 
ATOM   305  C CD1 . LEU A 1 47  ? -3.183  12.029  4.217   1.00 34.26 ? 47  LEU A CD1 1 
ATOM   306  C CD2 . LEU A 1 47  ? -2.582  13.496  2.237   1.00 34.33 ? 47  LEU A CD2 1 
ATOM   307  N N   . HIS A 1 48  ? -0.151  9.936   0.220   1.00 21.26 ? 48  HIS A N   1 
ATOM   308  C CA  . HIS A 1 48  ? 0.825   8.901   -0.162  1.00 19.88 ? 48  HIS A CA  1 
ATOM   309  C C   . HIS A 1 48  ? 2.207   9.242   0.310   1.00 21.67 ? 48  HIS A C   1 
ATOM   310  O O   . HIS A 1 48  ? 2.585   10.400  0.556   1.00 22.52 ? 48  HIS A O   1 
ATOM   311  C CB  . HIS A 1 48  ? 0.802   8.664   -1.698  1.00 21.29 ? 48  HIS A CB  1 
ATOM   312  C CG  . HIS A 1 48  ? 1.020   9.917   -2.495  1.00 24.48 ? 48  HIS A CG  1 
ATOM   313  N ND1 . HIS A 1 48  ? 2.279   10.449  -2.716  1.00 27.40 ? 48  HIS A ND1 1 
ATOM   314  C CD2 . HIS A 1 48  ? 0.143   10.751  -3.105  1.00 31.13 ? 48  HIS A CD2 1 
ATOM   315  C CE1 . HIS A 1 48  ? 2.158   11.570  -3.418  1.00 28.95 ? 48  HIS A CE1 1 
ATOM   316  N NE2 . HIS A 1 48  ? 0.887   11.747  -3.684  1.00 30.48 ? 48  HIS A NE2 1 
ATOM   317  N N   . LEU A 1 49  ? 3.061   8.191   0.378   1.00 19.66 ? 49  LEU A N   1 
ATOM   318  C CA  . LEU A 1 49  ? 4.462   8.328   0.708   1.00 18.27 ? 49  LEU A CA  1 
ATOM   319  C C   . LEU A 1 49  ? 5.191   7.111   0.132   1.00 20.88 ? 49  LEU A C   1 
ATOM   320  O O   . LEU A 1 49  ? 4.678   5.971   0.331   1.00 19.89 ? 49  LEU A O   1 
ATOM   321  C CB  . LEU A 1 49  ? 4.686   8.280   2.173   1.00 20.46 ? 49  LEU A CB  1 
ATOM   322  C CG  . LEU A 1 49  ? 6.089   8.288   2.762   1.00 22.21 ? 49  LEU A CG  1 
ATOM   323  C CD1 . LEU A 1 49  ? 6.807   9.599   2.430   1.00 26.76 ? 49  LEU A CD1 1 
ATOM   324  C CD2 . LEU A 1 49  ? 6.076   8.050   4.227   1.00 25.81 ? 49  LEU A CD2 1 
ATOM   325  N N   . GLN A 1 50  ? 6.342   7.360   -0.466  1.00 19.48 ? 50  GLN A N   1 
ATOM   326  C CA  . GLN A 1 50  ? 7.308   6.310   -0.749  1.00 18.08 ? 50  GLN A CA  1 
ATOM   327  C C   . GLN A 1 50  ? 8.531   6.509   0.080   1.00 18.86 ? 50  GLN A C   1 
ATOM   328  O O   . GLN A 1 50  ? 8.991   7.686   0.206   1.00 18.50 ? 50  GLN A O   1 
ATOM   329  C CB  . GLN A 1 50  ? 7.639   6.239   -2.219  1.00 17.77 ? 50  GLN A CB  1 
ATOM   330  C CG  . GLN A 1 50  ? 8.484   5.028   -2.608  1.00 18.09 ? 50  GLN A CG  1 
ATOM   331  C CD  . GLN A 1 50  ? 10.009  5.264   -2.510  1.00 18.29 ? 50  GLN A CD  1 
ATOM   332  O OE1 . GLN A 1 50  ? 10.516  6.398   -2.642  1.00 19.92 ? 50  GLN A OE1 1 
ATOM   333  N NE2 . GLN A 1 50  ? 10.787  4.164   -2.326  1.00 18.75 ? 50  GLN A NE2 1 
ATOM   334  N N   . SER A 1 51  ? 9.166   5.417   0.546   1.00 17.28 ? 51  SER A N   1 
ATOM   335  C CA  . SER A 1 51  ? 10.491  5.593   1.150   1.00 16.97 ? 51  SER A CA  1 
ATOM   336  C C   . SER A 1 51  ? 11.369  4.332   1.058   1.00 16.46 ? 51  SER A C   1 
ATOM   337  O O   . SER A 1 51  ? 10.814  3.190   1.022   1.00 18.35 ? 51  SER A O   1 
ATOM   338  C CB  . SER A 1 51  ? 10.351  5.940   2.634   1.00 17.63 ? 51  SER A CB  1 
ATOM   339  O OG  . SER A 1 51  ? 11.601  6.197   3.196   1.00 18.86 ? 51  SER A OG  1 
ATOM   340  N N   . ASN A 1 52  ? 12.679  4.548   0.950   1.00 18.50 ? 52  ASN A N   1 
ATOM   341  C CA  . ASN A 1 52  ? 13.615  3.459   1.100   1.00 18.85 ? 52  ASN A CA  1 
ATOM   342  C C   . ASN A 1 52  ? 13.989  3.144   2.556   1.00 18.58 ? 52  ASN A C   1 
ATOM   343  O O   . ASN A 1 52  ? 14.695  2.193   2.835   1.00 19.62 ? 52  ASN A O   1 
ATOM   344  C CB  . ASN A 1 52  ? 14.832  3.726   0.316   1.00 18.14 ? 52  ASN A CB  1 
ATOM   345  C CG  . ASN A 1 52  ? 14.556  3.889   -1.145  1.00 19.48 ? 52  ASN A CG  1 
ATOM   346  O OD1 . ASN A 1 52  ? 15.075  4.821   -1.853  1.00 24.07 ? 52  ASN A OD1 1 
ATOM   347  N ND2 . ASN A 1 52  ? 13.736  3.103   -1.615  1.00 16.14 ? 52  ASN A ND2 1 
ATOM   348  N N   . ALA A 1 53  ? 13.507  4.006   3.469   1.00 17.92 ? 53  ALA A N   1 
ATOM   349  C CA  . ALA A 1 53  ? 13.740  3.937   4.906   1.00 18.38 ? 53  ALA A CA  1 
ATOM   350  C C   . ALA A 1 53  ? 12.608  3.337   5.667   1.00 17.95 ? 53  ALA A C   1 
ATOM   351  O O   . ALA A 1 53  ? 11.506  3.884   5.725   1.00 19.75 ? 53  ALA A O   1 
ATOM   352  C CB  . ALA A 1 53  ? 14.081  5.348   5.454   1.00 17.60 ? 53  ALA A CB  1 
ATOM   353  N N   . GLU A 1 54  ? 12.815  2.140   6.241   1.00 17.75 ? 54  GLU A N   1 
ATOM   354  C CA  . GLU A 1 54  ? 11.762  1.511   7.029   1.00 17.83 ? 54  GLU A CA  1 
ATOM   355  C C   . GLU A 1 54  ? 11.186  2.452   8.083   1.00 19.23 ? 54  GLU A C   1 
ATOM   356  O O   . GLU A 1 54  ? 9.971   2.508   8.287   1.00 18.49 ? 54  GLU A O   1 
ATOM   357  C CB  . GLU A 1 54  ? 12.370  0.255   7.705   1.00 18.50 ? 54  GLU A CB  1 
ATOM   358  C CG  . GLU A 1 54  ? 11.350  -0.548  8.481   1.00 20.27 ? 54  GLU A CG  1 
ATOM   359  C CD  . GLU A 1 54  ? 12.019  -1.701  9.232   1.00 22.23 ? 54  GLU A CD  1 
ATOM   360  O OE1 . GLU A 1 54  ? 13.119  -1.489  9.814   1.00 25.66 ? 54  GLU A OE1 1 
ATOM   361  O OE2 . GLU A 1 54  ? 11.502  -2.816  9.167   1.00 21.08 ? 54  GLU A OE2 1 
ATOM   362  N N   . TYR A 1 55  ? 12.053  3.197   8.766   1.00 19.18 ? 55  TYR A N   1 
ATOM   363  C CA  . TYR A 1 55  ? 11.580  4.032   9.886   1.00 19.24 ? 55  TYR A CA  1 
ATOM   364  C C   . TYR A 1 55  ? 10.631  5.118   9.400   1.00 17.66 ? 55  TYR A C   1 
ATOM   365  O O   . TYR A 1 55  ? 9.707   5.482   10.147  1.00 17.53 ? 55  TYR A O   1 
ATOM   366  C CB  . TYR A 1 55  ? 12.745  4.690   10.686  1.00 19.32 ? 55  TYR A CB  1 
ATOM   367  C CG  . TYR A 1 55  ? 13.338  5.970   10.015  1.00 20.40 ? 55  TYR A CG  1 
ATOM   368  C CD1 . TYR A 1 55  ? 12.729  7.199   10.240  1.00 25.29 ? 55  TYR A CD1 1 
ATOM   369  C CD2 . TYR A 1 55  ? 14.508  5.942   9.285   1.00 28.54 ? 55  TYR A CD2 1 
ATOM   370  C CE1 . TYR A 1 55  ? 13.205  8.353   9.633   1.00 27.82 ? 55  TYR A CE1 1 
ATOM   371  C CE2 . TYR A 1 55  ? 15.004  7.101   8.688   1.00 26.20 ? 55  TYR A CE2 1 
ATOM   372  C CZ  . TYR A 1 55  ? 14.386  8.283   8.886   1.00 29.82 ? 55  TYR A CZ  1 
ATOM   373  O OH  . TYR A 1 55  ? 14.891  9.437   8.250   1.00 34.28 ? 55  TYR A OH  1 
ATOM   374  N N   . GLU A 1 56  ? 10.851  5.613   8.168   1.00 17.16 ? 56  GLU A N   1 
ATOM   375  C CA  . GLU A 1 56  ? 9.958   6.694   7.666   1.00 17.58 ? 56  GLU A CA  1 
ATOM   376  C C   . GLU A 1 56  ? 8.549   6.176   7.419   1.00 17.35 ? 56  GLU A C   1 
ATOM   377  O O   . GLU A 1 56  ? 7.552   6.851   7.697   1.00 17.62 ? 56  GLU A O   1 
ATOM   378  C CB  . GLU A 1 56  ? 10.578  7.280   6.433   1.00 19.21 ? 56  GLU A CB  1 
ATOM   379  C CG  . GLU A 1 56  ? 9.849   8.518   5.923   1.00 25.55 ? 56  GLU A CG  1 
ATOM   380  C CD  . GLU A 1 56  ? 10.502  9.203   4.712   1.00 32.34 ? 56  GLU A CD  1 
ATOM   381  O OE1 . GLU A 1 56  ? 11.545  8.692   4.103   1.00 24.75 ? 56  GLU A OE1 1 
ATOM   382  O OE2 . GLU A 1 56  ? 9.895   10.300  4.368   1.00 33.11 ? 56  GLU A OE2 1 
ATOM   383  N N   . LEU A 1 57  ? 8.484   4.938   6.917   1.00 16.30 ? 57  LEU A N   1 
ATOM   384  C CA  . LEU A 1 57  ? 7.178   4.301   6.738   1.00 17.01 ? 57  LEU A CA  1 
ATOM   385  C C   . LEU A 1 57  ? 6.503   4.015   8.056   1.00 16.72 ? 57  LEU A C   1 
ATOM   386  O O   . LEU A 1 57  ? 5.294   4.203   8.198   1.00 17.70 ? 57  LEU A O   1 
ATOM   387  C CB  . LEU A 1 57  ? 7.353   3.073   5.867   1.00 17.97 ? 57  LEU A CB  1 
ATOM   388  C CG  . LEU A 1 57  ? 7.838   3.375   4.472   1.00 18.89 ? 57  LEU A CG  1 
ATOM   389  C CD1 . LEU A 1 57  ? 8.295   2.016   3.830   1.00 21.80 ? 57  LEU A CD1 1 
ATOM   390  C CD2 . LEU A 1 57  ? 6.781   4.072   3.625   1.00 22.32 ? 57  LEU A CD2 1 
ATOM   391  N N   . ILE A 1 58  ? 7.269   3.536   9.045   1.00 15.46 ? 58  ILE A N   1 
ATOM   392  C CA  . ILE A 1 58  ? 6.722   3.271   10.389  1.00 16.84 ? 58  ILE A CA  1 
ATOM   393  C C   . ILE A 1 58  ? 6.131   4.558   10.980  1.00 16.33 ? 58  ILE A C   1 
ATOM   394  O O   . ILE A 1 58  ? 5.003   4.597   11.497  1.00 17.12 ? 58  ILE A O   1 
ATOM   395  C CB  . ILE A 1 58  ? 7.726   2.647   11.323  1.00 16.58 ? 58  ILE A CB  1 
ATOM   396  C CG1 . ILE A 1 58  ? 8.125   1.200   10.846  1.00 16.98 ? 58  ILE A CG1 1 
ATOM   397  C CG2 . ILE A 1 58  ? 7.242   2.680   12.775  1.00 16.89 ? 58  ILE A CG2 1 
ATOM   398  C CD1 . ILE A 1 58  ? 9.363   0.646   11.576  1.00 19.37 ? 58  ILE A CD1 1 
ATOM   399  N N   . ASP A 1 59  ? 6.943   5.613   10.900  1.00 19.23 ? 59  ASP A N   1 
ATOM   400  C CA  . ASP A 1 59  ? 6.517   6.882   11.484  1.00 19.37 ? 59  ASP A CA  1 
ATOM   401  C C   . ASP A 1 59  ? 5.260   7.432   10.805  1.00 19.51 ? 59  ASP A C   1 
ATOM   402  O O   . ASP A 1 59  ? 4.383   7.986   11.424  1.00 20.59 ? 59  ASP A O   1 
ATOM   403  C CB  . ASP A 1 59  ? 7.606   7.886   11.369  1.00 20.33 ? 59  ASP A CB  1 
ATOM   404  C CG  . ASP A 1 59  ? 8.768   7.672   12.371  1.00 20.84 ? 59  ASP A CG  1 
ATOM   405  O OD1 . ASP A 1 59  ? 8.610   6.943   13.363  1.00 22.66 ? 59  ASP A OD1 1 
ATOM   406  O OD2 . ASP A 1 59  ? 9.905   8.218   12.178  1.00 21.13 ? 59  ASP A OD2 1 
ATOM   407  N N   . ARG A 1 60  ? 5.196   7.229   9.501   1.00 19.51 ? 60  ARG A N   1 
ATOM   408  C CA  . ARG A 1 60  ? 4.026   7.678   8.719   1.00 18.15 ? 60  ARG A CA  1 
ATOM   409  C C   . ARG A 1 60  ? 2.771   6.949   9.135   1.00 19.85 ? 60  ARG A C   1 
ATOM   410  O O   . ARG A 1 60  ? 1.674   7.539   9.257   1.00 19.96 ? 60  ARG A O   1 
ATOM   411  C CB  . ARG A 1 60  ? 4.264   7.570   7.210   1.00 18.14 ? 60  ARG A CB  1 
ATOM   412  C CG  . ARG A 1 60  ? 3.063   8.151   6.443   1.00 20.63 ? 60  ARG A CG  1 
ATOM   413  C CD  . ARG A 1 60  ? 3.100   9.686   6.553   1.00 22.08 ? 60  ARG A CD  1 
ATOM   414  N NE  . ARG A 1 60  ? 1.955   10.324  5.897   1.00 25.48 ? 60  ARG A NE  1 
ATOM   415  C CZ  . ARG A 1 60  ? 0.769   10.443  6.491   1.00 27.93 ? 60  ARG A CZ  1 
ATOM   416  N NH1 . ARG A 1 60  ? 0.492   9.878   7.676   1.00 26.08 ? 60  ARG A NH1 1 
ATOM   417  N NH2 . ARG A 1 60  ? -0.215  11.074  5.833   1.00 31.06 ? 60  ARG A NH2 1 
ATOM   418  N N   . ILE A 1 61  ? 2.885   5.648   9.450   1.00 17.39 ? 61  ILE A N   1 
ATOM   419  C CA  . ILE A 1 61  ? 1.788   4.867   9.920   1.00 18.51 ? 61  ILE A CA  1 
ATOM   420  C C   . ILE A 1 61  ? 1.342   5.327   11.331  1.00 19.64 ? 61  ILE A C   1 
ATOM   421  O O   . ILE A 1 61  ? 0.164   5.445   11.570  1.00 20.45 ? 61  ILE A O   1 
ATOM   422  C CB  . ILE A 1 61  ? 2.162   3.329   9.910   1.00 19.94 ? 61  ILE A CB  1 
ATOM   423  C CG1 . ILE A 1 61  ? 2.269   2.859   8.471   1.00 18.92 ? 61  ILE A CG1 1 
ATOM   424  C CG2 . ILE A 1 61  ? 1.161   2.482   10.695  1.00 19.38 ? 61  ILE A CG2 1 
ATOM   425  C CD1 . ILE A 1 61  ? 3.100   1.575   8.333   1.00 19.14 ? 61  ILE A CD1 1 
ATOM   426  N N   . HIS A 1 62  ? 2.293   5.589   12.232  1.00 18.53 ? 62  HIS A N   1 
ATOM   427  C CA  . HIS A 1 62  ? 1.962   6.090   13.536  1.00 18.06 ? 62  HIS A CA  1 
ATOM   428  C C   . HIS A 1 62  ? 1.235   7.463   13.358  1.00 20.39 ? 62  HIS A C   1 
ATOM   429  O O   . HIS A 1 62  ? 0.215   7.694   14.017  1.00 20.81 ? 62  HIS A O   1 
ATOM   430  C CB  . HIS A 1 62  ? 3.201   6.355   14.320  1.00 18.02 ? 62  HIS A CB  1 
ATOM   431  C CG  . HIS A 1 62  ? 3.916   5.092   14.708  1.00 20.57 ? 62  HIS A CG  1 
ATOM   432  N ND1 . HIS A 1 62  ? 5.073   5.073   15.446  1.00 20.25 ? 62  HIS A ND1 1 
ATOM   433  C CD2 . HIS A 1 62  ? 3.637   3.805   14.400  1.00 20.36 ? 62  HIS A CD2 1 
ATOM   434  C CE1 . HIS A 1 62  ? 5.459   3.815   15.605  1.00 21.16 ? 62  HIS A CE1 1 
ATOM   435  N NE2 . HIS A 1 62  ? 4.582   3.027   15.015  1.00 20.03 ? 62  HIS A NE2 1 
ATOM   436  N N   . ALA A 1 63  ? 1.678   8.279   12.441  1.00 20.45 ? 63  ALA A N   1 
ATOM   437  C CA  . ALA A 1 63  ? 1.058   9.597   12.283  1.00 21.85 ? 63  ALA A CA  1 
ATOM   438  C C   . ALA A 1 63  ? -0.344  9.451   11.806  1.00 24.83 ? 63  ALA A C   1 
ATOM   439  O O   . ALA A 1 63  ? -1.241  10.213  12.208  1.00 29.27 ? 63  ALA A O   1 
ATOM   440  C CB  . ALA A 1 63  ? 1.862   10.444  11.358  1.00 21.91 ? 63  ALA A CB  1 
ATOM   441  N N   . ALA A 1 64  ? -0.579  8.438   10.942  1.00 21.32 ? 64  ALA A N   1 
ATOM   442  C CA  . ALA A 1 64  ? -1.887  8.216   10.361  1.00 21.96 ? 64  ALA A CA  1 
ATOM   443  C C   . ALA A 1 64  ? -2.910  7.972   11.464  1.00 22.71 ? 64  ALA A C   1 
ATOM   444  O O   . ALA A 1 64  ? -4.075  8.405   11.304  1.00 27.54 ? 64  ALA A O   1 
ATOM   445  C CB  . ALA A 1 64  ? -1.850  7.005   9.412   1.00 22.00 ? 64  ALA A CB  1 
ATOM   446  N N   . ARG A 1 65  ? -2.506  7.285   12.542  1.00 27.41 ? 65  ARG A N   1 
ATOM   447  C CA  . ARG A 1 65  ? -3.409  6.918   13.669  1.00 31.66 ? 65  ARG A CA  1 
ATOM   448  C C   . ARG A 1 65  ? -4.022  8.182   14.278  1.00 33.09 ? 65  ARG A C   1 
ATOM   449  O O   . ARG A 1 65  ? -5.155  8.136   14.710  1.00 34.22 ? 65  ARG A O   1 
ATOM   450  C CB  . ARG A 1 65  ? -2.677  6.207   14.787  1.00 31.15 ? 65  ARG A CB  1 
ATOM   451  C CG  . ARG A 1 65  ? -3.564  5.672   15.945  1.00 34.10 ? 65  ARG A CG  1 
ATOM   452  C CD  . ARG A 1 65  ? -2.690  5.250   17.111  1.00 38.01 ? 65  ARG A CD  1 
ATOM   453  N NE  . ARG A 1 65  ? -2.197  6.445   17.829  1.00 38.10 ? 65  ARG A NE  1 
ATOM   454  C CZ  . ARG A 1 65  ? -1.669  6.419   19.075  1.00 36.05 ? 65  ARG A CZ  1 
ATOM   455  N NH1 . ARG A 1 65  ? -1.540  5.273   19.689  1.00 33.84 ? 65  ARG A NH1 1 
ATOM   456  N NH2 . ARG A 1 65  ? -1.305  7.546   19.701  1.00 37.38 ? 65  ARG A NH2 1 
ATOM   457  N N   . ASP A 1 66  ? -3.204  9.220   14.364  1.00 35.19 ? 66  ASP A N   1 
ATOM   458  C CA  . ASP A 1 66  ? -3.510  10.484  15.086  1.00 36.84 ? 66  ASP A CA  1 
ATOM   459  C C   . ASP A 1 66  ? -4.033  11.506  14.091  1.00 36.58 ? 66  ASP A C   1 
ATOM   460  O O   . ASP A 1 66  ? -4.450  12.588  14.510  1.00 33.17 ? 66  ASP A O   1 
ATOM   461  C CB  . ASP A 1 66  ? -2.257  11.066  15.789  1.00 40.79 ? 66  ASP A CB  1 
ATOM   462  C CG  . ASP A 1 66  ? -1.640  10.110  16.853  1.00 45.33 ? 66  ASP A CG  1 
ATOM   463  O OD1 . ASP A 1 66  ? -2.414  9.386   17.536  1.00 47.29 ? 66  ASP A OD1 1 
ATOM   464  O OD2 . ASP A 1 66  ? -0.388  10.073  16.953  1.00 46.74 ? 66  ASP A OD2 1 
ATOM   465  N N   . GLU A 1 67  ? -4.015  11.186  12.796  1.00 29.81 ? 67  GLU A N   1 
ATOM   466  C CA  . GLU A 1 67  ? -4.543  12.108  11.745  1.00 29.94 ? 67  GLU A CA  1 
ATOM   467  C C   . GLU A 1 67  ? -5.876  11.787  11.054  1.00 31.16 ? 67  GLU A C   1 
ATOM   468  O O   . GLU A 1 67  ? -6.176  12.417  10.052  1.00 30.89 ? 67  GLU A O   1 
ATOM   469  C CB  . GLU A 1 67  ? -3.643  12.256  10.561  1.00 34.05 ? 67  GLU A CB  1 
ATOM   470  C CG  . GLU A 1 67  ? -2.274  12.758  10.852  1.00 43.49 ? 67  GLU A CG  1 
ATOM   471  C CD  . GLU A 1 67  ? -1.345  12.450  9.665   1.00 49.88 ? 67  GLU A CD  1 
ATOM   472  O OE1 . GLU A 1 67  ? -1.719  11.708  8.645   1.00 49.55 ? 67  GLU A OE1 1 
ATOM   473  O OE2 . GLU A 1 67  ? -0.239  12.975  9.807   1.00 47.13 ? 67  GLU A OE2 1 
ATOM   474  N N   . GLY A 1 68  ? -6.609  10.806  11.519  1.00 27.83 ? 68  GLY A N   1 
ATOM   475  C CA  . GLY A 1 68  ? -7.904  10.504  10.908  1.00 29.51 ? 68  GLY A CA  1 
ATOM   476  C C   . GLY A 1 68  ? -7.885  9.592   9.669   1.00 29.70 ? 68  GLY A C   1 
ATOM   477  O O   . GLY A 1 68  ? -8.855  9.605   8.908   1.00 29.95 ? 68  GLY A O   1 
ATOM   478  N N   . VAL A 1 69  ? -6.826  8.792   9.468   1.00 23.93 ? 69  VAL A N   1 
ATOM   479  C CA  . VAL A 1 69  ? -6.767  7.924   8.273   1.00 20.70 ? 69  VAL A CA  1 
ATOM   480  C C   . VAL A 1 69  ? -7.654  6.743   8.499   1.00 19.64 ? 69  VAL A C   1 
ATOM   481  O O   . VAL A 1 69  ? -7.598  6.115   9.602   1.00 20.17 ? 69  VAL A O   1 
ATOM   482  C CB  . VAL A 1 69  ? -5.264  7.500   7.981   1.00 20.34 ? 69  VAL A CB  1 
ATOM   483  C CG1 . VAL A 1 69  ? -5.221  6.397   6.933   1.00 18.90 ? 69  VAL A CG1 1 
ATOM   484  C CG2 . VAL A 1 69  ? -4.475  8.714   7.505   1.00 22.41 ? 69  VAL A CG2 1 
ATOM   485  N N   . ASP A 1 70  ? -8.480  6.395   7.510   1.00 18.96 ? 70  ASP A N   1 
ATOM   486  C CA  . ASP A 1 70  ? -9.422  5.334   7.628   1.00 19.98 ? 70  ASP A CA  1 
ATOM   487  C C   . ASP A 1 70  ? -9.005  3.969   7.022   1.00 21.41 ? 70  ASP A C   1 
ATOM   488  O O   . ASP A 1 70  ? -9.537  2.916   7.390   1.00 21.48 ? 70  ASP A O   1 
ATOM   489  C CB  . ASP A 1 70  ? -10.760 5.738   7.022   1.00 22.92 ? 70  ASP A CB  1 
ATOM   490  C CG  . ASP A 1 70  ? -11.320 6.987   7.659   1.00 23.92 ? 70  ASP A CG  1 
ATOM   491  O OD1 . ASP A 1 70  ? -11.663 6.863   8.872   1.00 24.58 ? 70  ASP A OD1 1 
ATOM   492  O OD2 . ASP A 1 70  ? -11.383 8.000   6.937   1.00 23.22 ? 70  ASP A OD2 1 
ATOM   493  N N   . PHE A 1 71  ? -8.112  4.033   6.061   1.00 19.92 ? 71  PHE A N   1 
ATOM   494  C CA  . PHE A 1 71  ? -7.743  2.870   5.296   1.00 20.68 ? 71  PHE A CA  1 
ATOM   495  C C   . PHE A 1 71  ? -6.349  3.066   4.701   1.00 17.80 ? 71  PHE A C   1 
ATOM   496  O O   . PHE A 1 71  ? -5.964  4.157   4.236   1.00 20.15 ? 71  PHE A O   1 
ATOM   497  C CB  . PHE A 1 71  ? -8.803  2.599   4.197   1.00 20.27 ? 71  PHE A CB  1 
ATOM   498  C CG  . PHE A 1 71  ? -8.891  1.177   3.767   1.00 20.76 ? 71  PHE A CG  1 
ATOM   499  C CD1 . PHE A 1 71  ? -8.029  0.687   2.780   1.00 20.16 ? 71  PHE A CD1 1 
ATOM   500  C CD2 . PHE A 1 71  ? -9.819  0.336   4.311   1.00 20.93 ? 71  PHE A CD2 1 
ATOM   501  C CE1 . PHE A 1 71  ? -8.057  -0.620  2.447   1.00 18.93 ? 71  PHE A CE1 1 
ATOM   502  C CE2 . PHE A 1 71  ? -9.881  -0.985  3.936   1.00 21.62 ? 71  PHE A CE2 1 
ATOM   503  C CZ  . PHE A 1 71  ? -8.974  -1.477  2.996   1.00 21.92 ? 71  PHE A CZ  1 
ATOM   504  N N   . ILE A 1 72  ? -5.567  1.956   4.610   1.00 17.97 ? 72  ILE A N   1 
ATOM   505  C CA  . ILE A 1 72  ? -4.276  2.000   4.036   1.00 17.69 ? 72  ILE A CA  1 
ATOM   506  C C   . ILE A 1 72  ? -4.206  1.068   2.815   1.00 18.69 ? 72  ILE A C   1 
ATOM   507  O O   . ILE A 1 72  ? -4.733  -0.019  2.831   1.00 19.19 ? 72  ILE A O   1 
ATOM   508  C CB  . ILE A 1 72  ? -3.132  1.708   5.062   1.00 18.39 ? 72  ILE A CB  1 
ATOM   509  C CG1 . ILE A 1 72  ? -2.930  2.938   6.004   1.00 20.86 ? 72  ILE A CG1 1 
ATOM   510  C CG2 . ILE A 1 72  ? -1.802  1.296   4.426   1.00 18.32 ? 72  ILE A CG2 1 
ATOM   511  C CD1 . ILE A 1 72  ? -2.148  2.639   7.252   1.00 22.27 ? 72  ILE A CD1 1 
ATOM   512  N N   . ILE A 1 73  ? -3.494  1.485   1.802   1.00 18.23 ? 73  ILE A N   1 
ATOM   513  C CA  . ILE A 1 73  ? -3.095  0.620   0.683   1.00 17.89 ? 73  ILE A CA  1 
ATOM   514  C C   . ILE A 1 73  ? -1.571  0.597   0.714   1.00 17.64 ? 73  ILE A C   1 
ATOM   515  O O   . ILE A 1 73  ? -0.935  1.643   0.603   1.00 18.40 ? 73  ILE A O   1 
ATOM   516  C CB  . ILE A 1 73  ? -3.609  1.111   -0.654  1.00 17.46 ? 73  ILE A CB  1 
ATOM   517  C CG1 . ILE A 1 73  ? -5.110  1.097   -0.658  1.00 19.51 ? 73  ILE A CG1 1 
ATOM   518  C CG2 . ILE A 1 73  ? -2.988  0.304   -1.819  1.00 19.57 ? 73  ILE A CG2 1 
ATOM   519  C CD1 . ILE A 1 73  ? -5.705  1.830   -1.824  1.00 21.45 ? 73  ILE A CD1 1 
ATOM   520  N N   . ILE A 1 74  ? -0.990  -0.582  0.897   1.00 17.64 ? 74  ILE A N   1 
ATOM   521  C CA  . ILE A 1 74  ? 0.470   -0.720  0.989   1.00 16.89 ? 74  ILE A CA  1 
ATOM   522  C C   . ILE A 1 74  ? 1.090   -1.679  -0.018  1.00 17.53 ? 74  ILE A C   1 
ATOM   523  O O   . ILE A 1 74  ? 0.630   -2.811  -0.101  1.00 16.49 ? 74  ILE A O   1 
ATOM   524  C CB  . ILE A 1 74  ? 0.927   -0.999  2.450   1.00 17.47 ? 74  ILE A CB  1 
ATOM   525  C CG1 . ILE A 1 74  ? 2.468   -0.983  2.610   1.00 17.26 ? 74  ILE A CG1 1 
ATOM   526  C CG2 . ILE A 1 74  ? 0.313   -2.278  2.992   1.00 17.18 ? 74  ILE A CG2 1 
ATOM   527  C CD1 . ILE A 1 74  ? 2.930   -1.089  4.031   1.00 19.75 ? 74  ILE A CD1 1 
ATOM   528  N N   . ASN A 1 75  ? 2.120   -1.221  -0.684  1.00 17.28 ? 75  ASN A N   1 
ATOM   529  C CA  . ASN A 1 75  ? 3.028   -2.092  -1.446  1.00 16.31 ? 75  ASN A CA  1 
ATOM   530  C C   . ASN A 1 75  ? 4.374   -2.093  -0.694  1.00 17.50 ? 75  ASN A C   1 
ATOM   531  O O   . ASN A 1 75  ? 5.202   -1.182  -0.890  1.00 17.19 ? 75  ASN A O   1 
ATOM   532  C CB  . ASN A 1 75  ? 3.231   -1.580  -2.815  1.00 17.80 ? 75  ASN A CB  1 
ATOM   533  C CG  . ASN A 1 75  ? 4.147   -2.491  -3.632  1.00 17.59 ? 75  ASN A CG  1 
ATOM   534  O OD1 . ASN A 1 75  ? 4.767   -3.400  -3.106  1.00 19.29 ? 75  ASN A OD1 1 
ATOM   535  N ND2 . ASN A 1 75  ? 4.225   -2.197  -4.946  1.00 19.18 ? 75  ASN A ND2 1 
ATOM   536  N N   . PRO A 1 76  ? 4.585   -3.089  0.176   1.00 17.32 ? 76  PRO A N   1 
ATOM   537  C CA  . PRO A 1 76  ? 5.824   -3.104  0.960   1.00 17.77 ? 76  PRO A CA  1 
ATOM   538  C C   . PRO A 1 76  ? 7.052   -3.395  0.114   1.00 17.36 ? 76  PRO A C   1 
ATOM   539  O O   . PRO A 1 76  ? 8.163   -3.235  0.614   1.00 18.75 ? 76  PRO A O   1 
ATOM   540  C CB  . PRO A 1 76  ? 5.551   -4.163  2.041   1.00 17.79 ? 76  PRO A CB  1 
ATOM   541  C CG  . PRO A 1 76  ? 4.092   -4.517  1.945   1.00 19.11 ? 76  PRO A CG  1 
ATOM   542  C CD  . PRO A 1 76  ? 3.707   -4.239  0.488   1.00 19.76 ? 76  PRO A CD  1 
ATOM   543  N N   . ALA A 1 77  ? 6.839   -3.920  -1.082  1.00 17.17 ? 77  ALA A N   1 
ATOM   544  C CA  . ALA A 1 77  ? 7.891   -4.240  -1.981  1.00 17.17 ? 77  ALA A CA  1 
ATOM   545  C C   . ALA A 1 77  ? 8.807   -5.259  -1.263  1.00 16.25 ? 77  ALA A C   1 
ATOM   546  O O   . ALA A 1 77  ? 8.286   -6.217  -0.708  1.00 18.36 ? 77  ALA A O   1 
ATOM   547  C CB  . ALA A 1 77  ? 8.630   -2.986  -2.462  1.00 21.14 ? 77  ALA A CB  1 
ATOM   548  N N   . ALA A 1 78  ? 10.148  -5.061  -1.277  1.00 16.29 ? 78  ALA A N   1 
ATOM   549  C CA  . ALA A 1 78  ? 11.036  -6.070  -0.614  1.00 16.93 ? 78  ALA A CA  1 
ATOM   550  C C   . ALA A 1 78  ? 10.758  -6.266  0.868   1.00 17.82 ? 78  ALA A C   1 
ATOM   551  O O   . ALA A 1 78  ? 10.967  -7.364  1.405   1.00 17.53 ? 78  ALA A O   1 
ATOM   552  C CB  . ALA A 1 78  ? 12.489  -5.676  -0.850  1.00 17.10 ? 78  ALA A CB  1 
ATOM   553  N N   . PHE A 1 79  ? 10.217  -5.244  1.564   1.00 15.47 ? 79  PHE A N   1 
ATOM   554  C CA  . PHE A 1 79  ? 9.826   -5.389  2.958   1.00 16.58 ? 79  PHE A CA  1 
ATOM   555  C C   . PHE A 1 79  ? 8.695   -6.369  3.206   1.00 16.28 ? 79  PHE A C   1 
ATOM   556  O O   . PHE A 1 79  ? 8.472   -6.770  4.341   1.00 17.53 ? 79  PHE A O   1 
ATOM   557  C CB  . PHE A 1 79  ? 9.449   -3.991  3.576   1.00 17.19 ? 79  PHE A CB  1 
ATOM   558  C CG  . PHE A 1 79  ? 10.606  -2.991  3.697   1.00 16.66 ? 79  PHE A CG  1 
ATOM   559  C CD1 . PHE A 1 79  ? 11.928  -3.412  3.727   1.00 19.61 ? 79  PHE A CD1 1 
ATOM   560  C CD2 . PHE A 1 79  ? 10.358  -1.686  3.835   1.00 18.78 ? 79  PHE A CD2 1 
ATOM   561  C CE1 . PHE A 1 79  ? 12.995  -2.490  3.840   1.00 20.44 ? 79  PHE A CE1 1 
ATOM   562  C CE2 . PHE A 1 79  ? 11.420  -0.768  4.001   1.00 18.09 ? 79  PHE A CE2 1 
ATOM   563  C CZ  . PHE A 1 79  ? 12.705  -1.171  3.948   1.00 19.10 ? 79  PHE A CZ  1 
ATOM   564  N N   . THR A 1 80  ? 7.984   -6.718  2.141   1.00 16.92 ? 80  THR A N   1 
ATOM   565  C CA  . THR A 1 80  ? 6.887   -7.684  2.275   1.00 17.74 ? 80  THR A CA  1 
ATOM   566  C C   . THR A 1 80  ? 7.412   -8.933  3.033   1.00 16.06 ? 80  THR A C   1 
ATOM   567  O O   . THR A 1 80  ? 6.711   -9.516  3.820   1.00 16.78 ? 80  THR A O   1 
ATOM   568  C CB  . THR A 1 80  ? 6.440   -8.098  0.895   1.00 17.70 ? 80  THR A CB  1 
ATOM   569  O OG1 . THR A 1 80  ? 5.935   -6.973  0.134   1.00 19.44 ? 80  THR A OG1 1 
ATOM   570  C CG2 . THR A 1 80  ? 5.364   -9.223  0.933   1.00 19.07 ? 80  THR A CG2 1 
ATOM   571  N N   . HIS A 1 81  ? 8.640   -9.357  2.737   1.00 17.23 ? 81  HIS A N   1 
ATOM   572  C CA  . HIS A 1 81  ? 9.161   -10.596 3.166   1.00 19.53 ? 81  HIS A CA  1 
ATOM   573  C C   . HIS A 1 81  ? 10.006  -10.500 4.428   1.00 20.36 ? 81  HIS A C   1 
ATOM   574  O O   . HIS A 1 81  ? 10.561  -11.502 4.882   1.00 22.37 ? 81  HIS A O   1 
ATOM   575  C CB  . HIS A 1 81  ? 10.022  -11.221 2.053   1.00 19.50 ? 81  HIS A CB  1 
ATOM   576  C CG  . HIS A 1 81  ? 9.453   -11.064 0.707   1.00 19.25 ? 81  HIS A CG  1 
ATOM   577  N ND1 . HIS A 1 81  ? 8.215   -11.548 0.365   1.00 20.03 ? 81  HIS A ND1 1 
ATOM   578  C CD2 . HIS A 1 81  ? 9.854   -10.302 -0.326  1.00 19.19 ? 81  HIS A CD2 1 
ATOM   579  C CE1 . HIS A 1 81  ? 7.903   -11.134 -0.841  1.00 19.91 ? 81  HIS A CE1 1 
ATOM   580  N NE2 . HIS A 1 81  ? 8.866   -10.364 -1.274  1.00 20.20 ? 81  HIS A NE2 1 
ATOM   581  N N   . THR A 1 82  ? 10.212  -9.268  4.915   1.00 18.66 ? 82  THR A N   1 
ATOM   582  C CA  . THR A 1 82  ? 11.205  -8.983  5.936   1.00 18.52 ? 82  THR A CA  1 
ATOM   583  C C   . THR A 1 82  ? 10.754  -8.152  7.138   1.00 18.74 ? 82  THR A C   1 
ATOM   584  O O   . THR A 1 82  ? 11.283  -8.339  8.215   1.00 22.70 ? 82  THR A O   1 
ATOM   585  C CB  . THR A 1 82  ? 12.496  -8.321  5.354   1.00 20.60 ? 82  THR A CB  1 
ATOM   586  O OG1 . THR A 1 82  ? 12.201  -7.028  4.806   1.00 20.78 ? 82  THR A OG1 1 
ATOM   587  C CG2 . THR A 1 82  ? 13.004  -9.152  4.120   1.00 22.49 ? 82  THR A CG2 1 
ATOM   588  N N   . SER A 1 83  ? 9.841   -7.210  6.926   1.00 19.29 ? 83  SER A N   1 
ATOM   589  C CA  . SER A 1 83  ? 9.551   -6.221  7.948   1.00 19.47 ? 83  SER A CA  1 
ATOM   590  C C   . SER A 1 83  ? 8.405   -6.568  8.841   1.00 18.77 ? 83  SER A C   1 
ATOM   591  O O   . SER A 1 83  ? 7.210   -6.097  8.656   1.00 18.95 ? 83  SER A O   1 
ATOM   592  C CB  . SER A 1 83  ? 9.350   -4.809  7.307   1.00 19.96 ? 83  SER A CB  1 
ATOM   593  O OG  . SER A 1 83  ? 9.196   -3.852  8.338   1.00 19.14 ? 83  SER A OG  1 
ATOM   594  N N   . VAL A 1 84  ? 8.713   -7.293  9.907   1.00 17.48 ? 84  VAL A N   1 
ATOM   595  C CA  . VAL A 1 84  ? 7.732   -7.467  10.948  1.00 15.37 ? 84  VAL A CA  1 
ATOM   596  C C   . VAL A 1 84  ? 7.418   -6.109  11.618  1.00 15.66 ? 84  VAL A C   1 
ATOM   597  O O   . VAL A 1 84  ? 6.279   -5.885  12.089  1.00 16.19 ? 84  VAL A O   1 
ATOM   598  C CB  . VAL A 1 84  ? 8.236   -8.484  11.979  1.00 17.07 ? 84  VAL A CB  1 
ATOM   599  C CG1 . VAL A 1 84  ? 7.270   -8.613  13.139  1.00 17.04 ? 84  VAL A CG1 1 
ATOM   600  C CG2 . VAL A 1 84  ? 8.536   -9.824  11.313  1.00 18.06 ? 84  VAL A CG2 1 
ATOM   601  N N   . ALA A 1 85  ? 8.400   -5.189  11.631  1.00 16.37 ? 85  ALA A N   1 
ATOM   602  C CA  . ALA A 1 85  ? 8.176   -3.866  12.272  1.00 17.34 ? 85  ALA A CA  1 
ATOM   603  C C   . ALA A 1 85  ? 7.056   -3.089  11.588  1.00 17.17 ? 85  ALA A C   1 
ATOM   604  O O   . ALA A 1 85  ? 6.238   -2.481  12.255  1.00 18.57 ? 85  ALA A O   1 
ATOM   605  C CB  . ALA A 1 85  ? 9.453   -3.103  12.286  1.00 15.58 ? 85  ALA A CB  1 
ATOM   606  N N   . LEU A 1 86  ? 6.963   -3.194  10.248  1.00 15.80 ? 86  LEU A N   1 
ATOM   607  C CA  . LEU A 1 86  ? 5.877   -2.531  9.521   1.00 18.10 ? 86  LEU A CA  1 
ATOM   608  C C   . LEU A 1 86  ? 4.544   -3.229  9.728   1.00 17.57 ? 86  LEU A C   1 
ATOM   609  O O   . LEU A 1 86  ? 3.509   -2.581  9.890   1.00 17.76 ? 86  LEU A O   1 
ATOM   610  C CB  . LEU A 1 86  ? 6.204   -2.422  8.038   1.00 16.38 ? 86  LEU A CB  1 
ATOM   611  C CG  . LEU A 1 86  ? 7.090   -1.272  7.704   1.00 18.15 ? 86  LEU A CG  1 
ATOM   612  C CD1 . LEU A 1 86  ? 7.709   -1.376  6.333   1.00 20.01 ? 86  LEU A CD1 1 
ATOM   613  C CD2 . LEU A 1 86  ? 6.354   0.109   7.809   1.00 18.10 ? 86  LEU A CD2 1 
ATOM   614  N N   . ARG A 1 87  ? 4.592   -4.573  9.749   1.00 18.06 ? 87  ARG A N   1 
ATOM   615  C CA  . ARG A 1 87  ? 3.375   -5.348  10.127  1.00 17.84 ? 87  ARG A CA  1 
ATOM   616  C C   . ARG A 1 87  ? 2.820   -4.840  11.468  1.00 17.06 ? 87  ARG A C   1 
ATOM   617  O O   . ARG A 1 87  ? 1.635   -4.493  11.600  1.00 17.36 ? 87  ARG A O   1 
ATOM   618  C CB  . ARG A 1 87  ? 3.644   -6.817  10.207  1.00 18.44 ? 87  ARG A CB  1 
ATOM   619  C CG  . ARG A 1 87  ? 2.488   -7.633  10.774  1.00 17.63 ? 87  ARG A CG  1 
ATOM   620  C CD  . ARG A 1 87  ? 3.006   -8.930  11.311  1.00 18.17 ? 87  ARG A CD  1 
ATOM   621  N NE  . ARG A 1 87  ? 1.993   -9.851  11.798  1.00 19.27 ? 87  ARG A NE  1 
ATOM   622  C CZ  . ARG A 1 87  ? 1.426   -10.784 11.035  1.00 18.82 ? 87  ARG A CZ  1 
ATOM   623  N NH1 . ARG A 1 87  ? 1.702   -10.862 9.772   1.00 19.94 ? 87  ARG A NH1 1 
ATOM   624  N NH2 . ARG A 1 87  ? 0.597   -11.669 11.574  1.00 21.32 ? 87  ARG A NH2 1 
ATOM   625  N N   . ASP A 1 88  ? 3.708   -4.718  12.446  1.00 17.84 ? 88  ASP A N   1 
ATOM   626  C CA  . ASP A 1 88  ? 3.328   -4.393  13.798  1.00 18.23 ? 88  ASP A CA  1 
ATOM   627  C C   . ASP A 1 88  ? 2.888   -2.935  13.933  1.00 17.55 ? 88  ASP A C   1 
ATOM   628  O O   . ASP A 1 88  ? 2.025   -2.634  14.752  1.00 18.02 ? 88  ASP A O   1 
ATOM   629  C CB  . ASP A 1 88  ? 4.391   -4.754  14.834  1.00 18.47 ? 88  ASP A CB  1 
ATOM   630  C CG  . ASP A 1 88  ? 4.489   -6.287  15.081  1.00 23.17 ? 88  ASP A CG  1 
ATOM   631  O OD1 . ASP A 1 88  ? 3.644   -7.030  14.554  1.00 24.28 ? 88  ASP A OD1 1 
ATOM   632  O OD2 . ASP A 1 88  ? 5.368   -6.694  15.807  1.00 22.89 ? 88  ASP A OD2 1 
ATOM   633  N N   . ALA A 1 89  ? 3.437   -2.067  13.078  1.00 16.69 ? 89  ALA A N   1 
ATOM   634  C CA  . ALA A 1 89  ? 2.981   -0.650  12.996  1.00 19.04 ? 89  ALA A CA  1 
ATOM   635  C C   . ALA A 1 89  ? 1.561   -0.592  12.564  1.00 19.20 ? 89  ALA A C   1 
ATOM   636  O O   . ALA A 1 89  ? 0.709   0.088   13.179  1.00 19.50 ? 89  ALA A O   1 
ATOM   637  C CB  . ALA A 1 89  ? 3.845   0.174   12.056  1.00 18.14 ? 89  ALA A CB  1 
ATOM   638  N N   . LEU A 1 90  ? 1.244   -1.337  11.511  1.00 16.94 ? 90  LEU A N   1 
ATOM   639  C CA  . LEU A 1 90  ? -0.146  -1.408  10.988  1.00 17.72 ? 90  LEU A CA  1 
ATOM   640  C C   . LEU A 1 90  ? -1.078  -1.928  12.042  1.00 20.12 ? 90  LEU A C   1 
ATOM   641  O O   . LEU A 1 90  ? -2.166  -1.393  12.227  1.00 20.63 ? 90  LEU A O   1 
ATOM   642  C CB  . LEU A 1 90  ? -0.270  -2.267  9.677   1.00 17.40 ? 90  LEU A CB  1 
ATOM   643  C CG  . LEU A 1 90  ? 0.505   -1.630  8.515   1.00 16.37 ? 90  LEU A CG  1 
ATOM   644  C CD1 . LEU A 1 90  ? 0.645   -2.595  7.403   1.00 18.15 ? 90  LEU A CD1 1 
ATOM   645  C CD2 . LEU A 1 90  ? -0.179  -0.338  8.018   1.00 20.36 ? 90  LEU A CD2 1 
ATOM   646  N N   . LEU A 1 91  ? -0.674  -3.023  12.715  1.00 18.24 ? 91  LEU A N   1 
ATOM   647  C CA  . LEU A 1 91  ? -1.533  -3.652  13.740  1.00 22.73 ? 91  LEU A CA  1 
ATOM   648  C C   . LEU A 1 91  ? -1.685  -2.706  14.945  1.00 20.75 ? 91  LEU A C   1 
ATOM   649  O O   . LEU A 1 91  ? -2.813  -2.603  15.481  1.00 21.46 ? 91  LEU A O   1 
ATOM   650  C CB  . LEU A 1 91  ? -0.904  -4.950  14.186  1.00 23.29 ? 91  LEU A CB  1 
ATOM   651  C CG  . LEU A 1 91  ? -0.976  -6.066  13.103  1.00 22.36 ? 91  LEU A CG  1 
ATOM   652  C CD1 . LEU A 1 91  ? -0.165  -7.240  13.653  1.00 26.05 ? 91  LEU A CD1 1 
ATOM   653  C CD2 . LEU A 1 91  ? -2.470  -6.495  12.897  1.00 28.06 ? 91  LEU A CD2 1 
ATOM   654  N N   . ALA A 1 92  ? -0.626  -1.996  15.318  1.00 20.60 ? 92  ALA A N   1 
ATOM   655  C CA  . ALA A 1 92  ? -0.671  -1.080  16.475  1.00 22.78 ? 92  ALA A CA  1 
ATOM   656  C C   . ALA A 1 92  ? -1.704  0.026   16.267  1.00 22.20 ? 92  ALA A C   1 
ATOM   657  O O   . ALA A 1 92  ? -2.389  0.449   17.255  1.00 27.42 ? 92  ALA A O   1 
ATOM   658  C CB  . ALA A 1 92  ? 0.673   -0.489  16.802  1.00 23.36 ? 92  ALA A CB  1 
ATOM   659  N N   . VAL A 1 93  ? -1.777  0.581   15.052  1.00 21.56 ? 93  VAL A N   1 
ATOM   660  C CA  . VAL A 1 93  ? -2.696  1.688   14.759  1.00 21.60 ? 93  VAL A CA  1 
ATOM   661  C C   . VAL A 1 93  ? -4.145  1.270   14.392  1.00 21.54 ? 93  VAL A C   1 
ATOM   662  O O   . VAL A 1 93  ? -5.019  2.135   14.256  1.00 23.40 ? 93  VAL A O   1 
ATOM   663  C CB  . VAL A 1 93  ? -2.161  2.679   13.727  1.00 21.98 ? 93  VAL A CB  1 
ATOM   664  C CG1 . VAL A 1 93  ? -0.790  3.184   14.152  1.00 23.14 ? 93  VAL A CG1 1 
ATOM   665  C CG2 . VAL A 1 93  ? -2.100  2.035   12.344  1.00 19.85 ? 93  VAL A CG2 1 
ATOM   666  N N   . SER A 1 94  ? -4.370  -0.030  14.161  1.00 23.47 ? 94  SER A N   1 
ATOM   667  C CA  . SER A 1 94  ? -5.716  -0.640  13.849  1.00 26.37 ? 94  SER A CA  1 
ATOM   668  C C   . SER A 1 94  ? -6.405  0.021   12.639  1.00 24.46 ? 94  SER A C   1 
ATOM   669  O O   . SER A 1 94  ? -7.559  0.433   12.697  1.00 26.66 ? 94  SER A O   1 
ATOM   670  C CB  . SER A 1 94  ? -6.734  -0.560  15.031  1.00 30.95 ? 94  SER A CB  1 
ATOM   671  O OG  . SER A 1 94  ? -6.115  -0.956  16.216  1.00 35.24 ? 94  SER A OG  1 
ATOM   672  N N   . ILE A 1 95  ? -5.621  0.270   11.586  1.00 20.89 ? 95  ILE A N   1 
ATOM   673  C CA  . ILE A 1 95  ? -6.169  0.792   10.366  1.00 20.17 ? 95  ILE A CA  1 
ATOM   674  C C   . ILE A 1 95  ? -6.161  -0.347  9.349   1.00 21.19 ? 95  ILE A C   1 
ATOM   675  O O   . ILE A 1 95  ? -5.095  -0.966  9.162   1.00 20.90 ? 95  ILE A O   1 
ATOM   676  C CB  . ILE A 1 95  ? -5.340  1.925   9.823   1.00 21.53 ? 95  ILE A CB  1 
ATOM   677  C CG1 . ILE A 1 95  ? -5.452  3.193   10.748  1.00 23.43 ? 95  ILE A CG1 1 
ATOM   678  C CG2 . ILE A 1 95  ? -5.895  2.386   8.508   1.00 23.48 ? 95  ILE A CG2 1 
ATOM   679  C CD1 . ILE A 1 95  ? -4.423  4.195   10.479  1.00 25.32 ? 95  ILE A CD1 1 
ATOM   680  N N   . PRO A 1 96  ? -7.322  -0.704  8.798   1.00 20.46 ? 96  PRO A N   1 
ATOM   681  C CA  . PRO A 1 96  ? -7.363  -1.838  7.853   1.00 19.91 ? 96  PRO A CA  1 
ATOM   682  C C   . PRO A 1 96  ? -6.617  -1.512  6.579   1.00 21.02 ? 96  PRO A C   1 
ATOM   683  O O   . PRO A 1 96  ? -6.480  -0.329  6.217   1.00 19.16 ? 96  PRO A O   1 
ATOM   684  C CB  . PRO A 1 96  ? -8.823  -2.001  7.510   1.00 21.57 ? 96  PRO A CB  1 
ATOM   685  C CG  . PRO A 1 96  ? -9.465  -0.675  7.894   1.00 23.92 ? 96  PRO A CG  1 
ATOM   686  C CD  . PRO A 1 96  ? -8.653  -0.132  9.006   1.00 22.73 ? 96  PRO A CD  1 
ATOM   687  N N   . PHE A 1 97  ? -6.051  -2.532  5.931   1.00 18.41 ? 97  PHE A N   1 
ATOM   688  C CA  . PHE A 1 97  ? -5.256  -2.283  4.734   1.00 18.54 ? 97  PHE A CA  1 
ATOM   689  C C   . PHE A 1 97  ? -5.379  -3.378  3.686   1.00 18.45 ? 97  PHE A C   1 
ATOM   690  O O   . PHE A 1 97  ? -5.725  -4.545  3.989   1.00 19.02 ? 97  PHE A O   1 
ATOM   691  C CB  . PHE A 1 97  ? -3.777  -2.012  5.091   1.00 18.70 ? 97  PHE A CB  1 
ATOM   692  C CG  . PHE A 1 97  ? -3.037  -3.220  5.580   1.00 19.14 ? 97  PHE A CG  1 
ATOM   693  C CD1 . PHE A 1 97  ? -3.122  -3.588  6.875   1.00 19.17 ? 97  PHE A CD1 1 
ATOM   694  C CD2 . PHE A 1 97  ? -2.383  -4.031  4.695   1.00 20.04 ? 97  PHE A CD2 1 
ATOM   695  C CE1 . PHE A 1 97  ? -2.509  -4.724  7.339   1.00 20.25 ? 97  PHE A CE1 1 
ATOM   696  C CE2 . PHE A 1 97  ? -1.704  -5.139  5.154   1.00 20.92 ? 97  PHE A CE2 1 
ATOM   697  C CZ  . PHE A 1 97  ? -1.771  -5.479  6.472   1.00 21.30 ? 97  PHE A CZ  1 
ATOM   698  N N   . ILE A 1 98  ? -5.042  -3.040  2.470   1.00 17.43 ? 98  ILE A N   1 
ATOM   699  C CA  . ILE A 1 98  ? -4.884  -3.993  1.362   1.00 17.15 ? 98  ILE A CA  1 
ATOM   700  C C   . ILE A 1 98  ? -3.436  -3.942  0.934   1.00 17.02 ? 98  ILE A C   1 
ATOM   701  O O   . ILE A 1 98  ? -2.825  -2.862  0.834   1.00 18.12 ? 98  ILE A O   1 
ATOM   702  C CB  . ILE A 1 98  ? -5.811  -3.647  0.210   1.00 17.16 ? 98  ILE A CB  1 
ATOM   703  C CG1 . ILE A 1 98  ? -7.261  -3.895  0.570   1.00 19.12 ? 98  ILE A CG1 1 
ATOM   704  C CG2 . ILE A 1 98  ? -5.454  -4.453  -1.072  1.00 17.52 ? 98  ILE A CG2 1 
ATOM   705  C CD1 . ILE A 1 98  ? -8.271  -3.216  -0.352  1.00 18.09 ? 98  ILE A CD1 1 
ATOM   706  N N   . GLU A 1 99  ? -2.861  -5.131  0.663   1.00 17.59 ? 99  GLU A N   1 
ATOM   707  C CA  . GLU A 1 99  ? -1.514  -5.310  0.216   1.00 18.11 ? 99  GLU A CA  1 
ATOM   708  C C   . GLU A 1 99  ? -1.494  -5.417  -1.301  1.00 17.64 ? 99  GLU A C   1 
ATOM   709  O O   . GLU A 1 99  ? -2.301  -6.187  -1.893  1.00 17.19 ? 99  GLU A O   1 
ATOM   710  C CB  . GLU A 1 99  ? -0.981  -6.592  0.922   1.00 18.97 ? 99  GLU A CB  1 
ATOM   711  C CG  . GLU A 1 99  ? 0.438   -6.950  0.572   1.00 17.77 ? 99  GLU A CG  1 
ATOM   712  C CD  . GLU A 1 99  ? 0.835   -8.327  1.139   1.00 20.31 ? 99  GLU A CD  1 
ATOM   713  O OE1 . GLU A 1 99  ? -0.074  -8.970  1.756   1.00 21.39 ? 99  GLU A OE1 1 
ATOM   714  O OE2 . GLU A 1 99  ? 1.997   -8.717  1.012   1.00 21.13 ? 99  GLU A OE2 1 
ATOM   715  N N   . VAL A 1 100 ? -0.598  -4.677  -1.952  1.00 18.37 ? 100 VAL A N   1 
ATOM   716  C CA  . VAL A 1 100 ? -0.412  -4.691  -3.365  1.00 17.81 ? 100 VAL A CA  1 
ATOM   717  C C   . VAL A 1 100 ? 0.996   -5.054  -3.765  1.00 19.09 ? 100 VAL A C   1 
ATOM   718  O O   . VAL A 1 100 ? 1.956   -4.536  -3.181  1.00 19.94 ? 100 VAL A O   1 
ATOM   719  C CB  . VAL A 1 100 ? -0.756  -3.290  -3.958  1.00 19.90 ? 100 VAL A CB  1 
ATOM   720  C CG1 . VAL A 1 100 ? -0.405  -3.215  -5.477  1.00 23.35 ? 100 VAL A CG1 1 
ATOM   721  C CG2 . VAL A 1 100 ? -2.247  -2.956  -3.726  1.00 20.84 ? 100 VAL A CG2 1 
ATOM   722  N N   . HIS A 1 101 ? 1.146   -5.935  -4.765  1.00 17.62 ? 101 HIS A N   1 
ATOM   723  C CA  . HIS A 1 101 ? 2.435   -6.241  -5.382  1.00 20.68 ? 101 HIS A CA  1 
ATOM   724  C C   . HIS A 1 101 ? 2.354   -6.123  -6.851  1.00 22.66 ? 101 HIS A C   1 
ATOM   725  O O   . HIS A 1 101 ? 1.408   -6.633  -7.442  1.00 20.03 ? 101 HIS A O   1 
ATOM   726  C CB  . HIS A 1 101 ? 2.791   -7.675  -5.078  1.00 24.22 ? 101 HIS A CB  1 
ATOM   727  C CG  . HIS A 1 101 ? 2.991   -7.878  -3.639  1.00 28.51 ? 101 HIS A CG  1 
ATOM   728  N ND1 . HIS A 1 101 ? 4.089   -7.361  -2.994  1.00 38.00 ? 101 HIS A ND1 1 
ATOM   729  C CD2 . HIS A 1 101 ? 2.226   -8.460  -2.694  1.00 36.32 ? 101 HIS A CD2 1 
ATOM   730  C CE1 . HIS A 1 101 ? 3.970   -7.609  -1.701  1.00 38.38 ? 101 HIS A CE1 1 
ATOM   731  N NE2 . HIS A 1 101 ? 2.862   -8.269  -1.493  1.00 33.94 ? 101 HIS A NE2 1 
ATOM   732  N N   . LEU A 1 102 ? 3.353   -5.473  -7.466  1.00 19.77 ? 102 LEU A N   1 
ATOM   733  C CA  . LEU A 1 102 ? 3.283   -5.293  -8.899  1.00 20.29 ? 102 LEU A CA  1 
ATOM   734  C C   . LEU A 1 102 ? 3.466   -6.576  -9.664  1.00 20.66 ? 102 LEU A C   1 
ATOM   735  O O   . LEU A 1 102 ? 2.780   -6.844  -10.663 1.00 21.24 ? 102 LEU A O   1 
ATOM   736  C CB  . LEU A 1 102 ? 4.415   -4.321  -9.338  1.00 21.29 ? 102 LEU A CB  1 
ATOM   737  C CG  . LEU A 1 102 ? 4.278   -2.905  -8.718  1.00 22.96 ? 102 LEU A CG  1 
ATOM   738  C CD1 . LEU A 1 102 ? 5.625   -2.183  -8.909  1.00 27.45 ? 102 LEU A CD1 1 
ATOM   739  C CD2 . LEU A 1 102 ? 3.152   -2.194  -9.359  1.00 25.95 ? 102 LEU A CD2 1 
ATOM   740  N N   . SER A 1 103 ? 4.493   -7.316  -9.277  1.00 21.48 ? 103 SER A N   1 
ATOM   741  C CA  . SER A 1 103 ? 4.819   -8.573  -9.917  1.00 23.48 ? 103 SER A CA  1 
ATOM   742  C C   . SER A 1 103 ? 4.160   -9.756  -9.205  1.00 25.12 ? 103 SER A C   1 
ATOM   743  O O   . SER A 1 103 ? 3.756   -9.649  -8.068  1.00 24.30 ? 103 SER A O   1 
ATOM   744  C CB  . SER A 1 103 ? 6.341   -8.720  -9.944  1.00 24.09 ? 103 SER A CB  1 
ATOM   745  O OG  . SER A 1 103 ? 6.875   -9.124  -8.706  1.00 29.35 ? 103 SER A OG  1 
ATOM   746  N N   . ASN A 1 104 ? 4.040   -10.876 -9.920  1.00 20.68 ? 104 ASN A N   1 
ATOM   747  C CA  . ASN A 1 104 ? 3.456   -12.088 -9.359  1.00 19.29 ? 104 ASN A CA  1 
ATOM   748  C C   . ASN A 1 104 ? 4.557   -12.870 -8.602  1.00 21.51 ? 104 ASN A C   1 
ATOM   749  O O   . ASN A 1 104 ? 5.445   -13.441 -9.232  1.00 23.04 ? 104 ASN A O   1 
ATOM   750  C CB  . ASN A 1 104 ? 2.911   -12.948 -10.486 1.00 22.51 ? 104 ASN A CB  1 
ATOM   751  C CG  . ASN A 1 104 ? 2.208   -14.210 -9.956  1.00 23.93 ? 104 ASN A CG  1 
ATOM   752  O OD1 . ASN A 1 104 ? 2.432   -14.656 -8.804  1.00 23.66 ? 104 ASN A OD1 1 
ATOM   753  N ND2 . ASN A 1 104 ? 1.321   -14.758 -10.761 1.00 22.00 ? 104 ASN A ND2 1 
ATOM   754  N N   . VAL A 1 105 ? 4.543   -12.773 -7.269  1.00 23.06 ? 105 VAL A N   1 
ATOM   755  C CA  . VAL A 1 105 ? 5.614   -13.347 -6.454  1.00 24.51 ? 105 VAL A CA  1 
ATOM   756  C C   . VAL A 1 105 ? 5.717   -14.862 -6.608  1.00 21.67 ? 105 VAL A C   1 
ATOM   757  O O   . VAL A 1 105 ? 6.782   -15.472 -6.432  1.00 22.69 ? 105 VAL A O   1 
ATOM   758  C CB  . VAL A 1 105 ? 5.477   -12.965 -4.953  1.00 26.17 ? 105 VAL A CB  1 
ATOM   759  C CG1 . VAL A 1 105 ? 5.425   -11.426 -4.806  1.00 33.32 ? 105 VAL A CG1 1 
ATOM   760  C CG2 . VAL A 1 105 ? 4.238   -13.656 -4.293  1.00 29.04 ? 105 VAL A CG2 1 
ATOM   761  N N   . HIS A 1 106 ? 4.590   -15.475 -6.982  1.00 23.22 ? 106 HIS A N   1 
ATOM   762  C CA  . HIS A 1 106 ? 4.519   -16.955 -7.159  1.00 24.32 ? 106 HIS A CA  1 
ATOM   763  C C   . HIS A 1 106 ? 5.297   -17.457 -8.329  1.00 26.67 ? 106 HIS A C   1 
ATOM   764  O O   . HIS A 1 106 ? 5.704   -18.598 -8.314  1.00 29.21 ? 106 HIS A O   1 
ATOM   765  C CB  . HIS A 1 106 ? 3.044   -17.439 -7.133  1.00 23.53 ? 106 HIS A CB  1 
ATOM   766  C CG  . HIS A 1 106 ? 2.344   -16.991 -5.922  1.00 26.78 ? 106 HIS A CG  1 
ATOM   767  N ND1 . HIS A 1 106 ? 2.591   -17.566 -4.697  1.00 32.35 ? 106 HIS A ND1 1 
ATOM   768  C CD2 . HIS A 1 106 ? 1.502   -15.955 -5.702  1.00 30.59 ? 106 HIS A CD2 1 
ATOM   769  C CE1 . HIS A 1 106 ? 1.905   -16.924 -3.777  1.00 31.56 ? 106 HIS A CE1 1 
ATOM   770  N NE2 . HIS A 1 106 ? 1.232   -15.950 -4.358  1.00 34.81 ? 106 HIS A NE2 1 
ATOM   771  N N   . LYS A 1 107 ? 5.599   -16.587 -9.283  1.00 24.00 ? 107 LYS A N   1 
ATOM   772  C CA  . LYS A 1 107 ? 6.495   -16.845 -10.383 1.00 25.47 ? 107 LYS A CA  1 
ATOM   773  C C   . LYS A 1 107 ? 7.975   -16.720 -10.065 1.00 29.03 ? 107 LYS A C   1 
ATOM   774  O O   . LYS A 1 107 ? 8.832   -17.017 -10.919 1.00 31.81 ? 107 LYS A O   1 
ATOM   775  C CB  . LYS A 1 107 ? 6.199   -15.908 -11.534 1.00 26.31 ? 107 LYS A CB  1 
ATOM   776  C CG  . LYS A 1 107 ? 4.796   -16.153 -12.078 1.00 30.90 ? 107 LYS A CG  1 
ATOM   777  C CD  . LYS A 1 107 ? 4.533   -15.472 -13.419 1.00 29.07 ? 107 LYS A CD  1 
ATOM   778  C CE  . LYS A 1 107 ? 3.274   -16.071 -14.108 1.00 29.50 ? 107 LYS A CE  1 
ATOM   779  N NZ  . LYS A 1 107 ? 2.893   -15.141 -15.198 1.00 33.03 ? 107 LYS A NZ  1 
ATOM   780  N N   . ARG A 1 108 ? 8.259   -16.160 -8.885  1.00 23.38 ? 108 ARG A N   1 
ATOM   781  C CA  . ARG A 1 108 ? 9.597   -15.807 -8.513  1.00 21.06 ? 108 ARG A CA  1 
ATOM   782  C C   . ARG A 1 108 ? 10.174  -16.742 -7.453  1.00 21.46 ? 108 ARG A C   1 
ATOM   783  O O   . ARG A 1 108 ? 9.663   -17.822 -7.186  1.00 23.03 ? 108 ARG A O   1 
ATOM   784  C CB  . ARG A 1 108 ? 9.597   -14.350 -8.062  1.00 23.07 ? 108 ARG A CB  1 
ATOM   785  C CG  . ARG A 1 108 ? 8.991   -13.460 -9.150  1.00 26.72 ? 108 ARG A CG  1 
ATOM   786  C CD  . ARG A 1 108 ? 9.001   -12.007 -8.772  1.00 26.68 ? 108 ARG A CD  1 
ATOM   787  N NE  . ARG A 1 108 ? 10.382  -11.513 -8.806  1.00 24.52 ? 108 ARG A NE  1 
ATOM   788  C CZ  . ARG A 1 108 ? 10.780  -10.283 -8.444  1.00 28.45 ? 108 ARG A CZ  1 
ATOM   789  N NH1 . ARG A 1 108 ? 9.916   -9.416  -7.999  1.00 28.71 ? 108 ARG A NH1 1 
ATOM   790  N NH2 . ARG A 1 108 ? 12.050  -9.950  -8.530  1.00 30.85 ? 108 ARG A NH2 1 
ATOM   791  N N   . GLU A 1 109 ? 11.231  -16.301 -6.770  1.00 22.67 ? 109 GLU A N   1 
ATOM   792  C CA  . GLU A 1 109 ? 11.898  -17.149 -5.798  1.00 25.39 ? 109 GLU A CA  1 
ATOM   793  C C   . GLU A 1 109 ? 10.994  -17.524 -4.655  1.00 22.44 ? 109 GLU A C   1 
ATOM   794  O O   . GLU A 1 109 ? 10.138  -16.737 -4.188  1.00 21.76 ? 109 GLU A O   1 
ATOM   795  C CB  . GLU A 1 109 ? 13.113  -16.471 -5.230  1.00 25.87 ? 109 GLU A CB  1 
ATOM   796  C CG  . GLU A 1 109 ? 14.198  -16.137 -6.228  1.00 25.96 ? 109 GLU A CG  1 
ATOM   797  C CD  . GLU A 1 109 ? 13.984  -14.796 -6.943  1.00 27.17 ? 109 GLU A CD  1 
ATOM   798  O OE1 . GLU A 1 109 ? 12.952  -14.099 -6.755  1.00 26.11 ? 109 GLU A OE1 1 
ATOM   799  O OE2 . GLU A 1 109 ? 14.902  -14.370 -7.641  1.00 29.90 ? 109 GLU A OE2 1 
ATOM   800  N N   . PRO A 1 110 ? 11.184  -18.757 -4.104  1.00 23.67 ? 110 PRO A N   1 
ATOM   801  C CA  . PRO A 1 110 ? 10.354  -19.151 -2.984  1.00 24.69 ? 110 PRO A CA  1 
ATOM   802  C C   . PRO A 1 110 ? 10.342  -18.178 -1.823  1.00 22.95 ? 110 PRO A C   1 
ATOM   803  O O   . PRO A 1 110 ? 9.320   -18.080 -1.147  1.00 22.67 ? 110 PRO A O   1 
ATOM   804  C CB  . PRO A 1 110 ? 10.898  -20.547 -2.589  1.00 28.78 ? 110 PRO A CB  1 
ATOM   805  C CG  . PRO A 1 110 ? 11.359  -21.118 -3.867  1.00 30.54 ? 110 PRO A CG  1 
ATOM   806  C CD  . PRO A 1 110 ? 11.897  -19.931 -4.703  1.00 27.42 ? 110 PRO A CD  1 
ATOM   807  N N   . PHE A 1 111 ? 11.438  -17.484 -1.567  1.00 22.69 ? 111 PHE A N   1 
ATOM   808  C CA  . PHE A 1 111 ? 11.442  -16.574 -0.436  1.00 22.73 ? 111 PHE A CA  1 
ATOM   809  C C   . PHE A 1 111 ? 10.395  -15.476 -0.586  1.00 21.82 ? 111 PHE A C   1 
ATOM   810  O O   . PHE A 1 111 ? 9.905   -14.905 0.427   1.00 22.45 ? 111 PHE A O   1 
ATOM   811  C CB  . PHE A 1 111 ? 12.836  -15.975 -0.097  1.00 22.20 ? 111 PHE A CB  1 
ATOM   812  C CG  . PHE A 1 111 ? 13.345  -14.991 -1.058  1.00 21.80 ? 111 PHE A CG  1 
ATOM   813  C CD1 . PHE A 1 111 ? 12.907  -13.646 -1.013  1.00 20.38 ? 111 PHE A CD1 1 
ATOM   814  C CD2 . PHE A 1 111 ? 14.348  -15.337 -1.998  1.00 22.98 ? 111 PHE A CD2 1 
ATOM   815  C CE1 . PHE A 1 111 ? 13.450  -12.748 -1.967  1.00 21.72 ? 111 PHE A CE1 1 
ATOM   816  C CE2 . PHE A 1 111 ? 14.871  -14.389 -2.882  1.00 24.70 ? 111 PHE A CE2 1 
ATOM   817  C CZ  . PHE A 1 111 ? 14.364  -13.094 -2.875  1.00 22.68 ? 111 PHE A CZ  1 
ATOM   818  N N   . ARG A 1 112 ? 10.009  -15.189 -1.841  1.00 19.04 ? 112 ARG A N   1 
ATOM   819  C CA  . ARG A 1 112 ? 9.014   -14.148 -2.099  1.00 17.85 ? 112 ARG A CA  1 
ATOM   820  C C   . ARG A 1 112 ? 7.575   -14.608 -1.902  1.00 18.53 ? 112 ARG A C   1 
ATOM   821  O O   . ARG A 1 112 ? 6.650   -13.780 -1.886  1.00 21.31 ? 112 ARG A O   1 
ATOM   822  C CB  . ARG A 1 112 ? 9.209   -13.568 -3.524  1.00 18.70 ? 112 ARG A CB  1 
ATOM   823  C CG  . ARG A 1 112 ? 10.494  -12.866 -3.767  1.00 21.76 ? 112 ARG A CG  1 
ATOM   824  C CD  . ARG A 1 112 ? 10.505  -12.108 -5.086  1.00 22.44 ? 112 ARG A CD  1 
ATOM   825  N NE  . ARG A 1 112 ? 11.856  -11.747 -5.502  1.00 22.00 ? 112 ARG A NE  1 
ATOM   826  C CZ  . ARG A 1 112 ? 12.491  -10.624 -5.107  1.00 22.02 ? 112 ARG A CZ  1 
ATOM   827  N NH1 . ARG A 1 112 ? 11.859  -9.749  -4.376  1.00 22.62 ? 112 ARG A NH1 1 
ATOM   828  N NH2 . ARG A 1 112 ? 13.759  -10.404 -5.469  1.00 22.94 ? 112 ARG A NH2 1 
ATOM   829  N N   . HIS A 1 113 ? 7.399   -15.904 -1.700  1.00 20.14 ? 113 HIS A N   1 
ATOM   830  C CA  . HIS A 1 113 ? 6.107   -16.464 -1.470  1.00 20.76 ? 113 HIS A CA  1 
ATOM   831  C C   . HIS A 1 113 ? 5.556   -16.192 -0.037  1.00 24.82 ? 113 HIS A C   1 
ATOM   832  O O   . HIS A 1 113 ? 4.416   -16.478 0.221   1.00 28.78 ? 113 HIS A O   1 
ATOM   833  C CB  . HIS A 1 113 ? 6.135   -17.951 -1.742  1.00 23.62 ? 113 HIS A CB  1 
ATOM   834  C CG  . HIS A 1 113 ? 6.624   -18.285 -3.107  1.00 25.62 ? 113 HIS A CG  1 
ATOM   835  N ND1 . HIS A 1 113 ? 6.804   -19.593 -3.531  1.00 28.08 ? 113 HIS A ND1 1 
ATOM   836  C CD2 . HIS A 1 113 ? 7.048   -17.498 -4.134  1.00 26.10 ? 113 HIS A CD2 1 
ATOM   837  C CE1 . HIS A 1 113 ? 7.200   -19.578 -4.792  1.00 30.48 ? 113 HIS A CE1 1 
ATOM   838  N NE2 . HIS A 1 113 ? 7.353   -18.324 -5.172  1.00 25.37 ? 113 HIS A NE2 1 
ATOM   839  N N   . HIS A 1 114 ? 6.385   -15.708 0.873   1.00 21.28 ? 114 HIS A N   1 
ATOM   840  C CA  . HIS A 1 114 ? 5.966   -15.467 2.227   1.00 21.02 ? 114 HIS A CA  1 
ATOM   841  C C   . HIS A 1 114 ? 5.864   -13.945 2.423   1.00 19.52 ? 114 HIS A C   1 
ATOM   842  O O   . HIS A 1 114 ? 6.785   -13.207 2.056   1.00 20.71 ? 114 HIS A O   1 
ATOM   843  C CB  . HIS A 1 114 ? 7.034   -15.924 3.230   1.00 25.98 ? 114 HIS A CB  1 
ATOM   844  C CG  . HIS A 1 114 ? 6.708   -15.504 4.654   1.00 33.38 ? 114 HIS A CG  1 
ATOM   845  N ND1 . HIS A 1 114 ? 7.330   -14.458 5.310   1.00 42.53 ? 114 HIS A ND1 1 
ATOM   846  C CD2 . HIS A 1 114 ? 5.722   -15.932 5.493   1.00 42.24 ? 114 HIS A CD2 1 
ATOM   847  C CE1 . HIS A 1 114 ? 6.767   -14.284 6.495   1.00 36.99 ? 114 HIS A CE1 1 
ATOM   848  N NE2 . HIS A 1 114 ? 5.799   -15.174 6.638   1.00 39.83 ? 114 HIS A NE2 1 
ATOM   849  N N   . SER A 1 115 ? 4.779   -13.562 3.063   1.00 17.46 ? 115 SER A N   1 
ATOM   850  C CA  . SER A 1 115 ? 4.487   -12.158 3.405   1.00 16.23 ? 115 SER A CA  1 
ATOM   851  C C   . SER A 1 115 ? 4.180   -11.998 4.884   1.00 19.42 ? 115 SER A C   1 
ATOM   852  O O   . SER A 1 115 ? 3.423   -12.725 5.451   1.00 20.39 ? 115 SER A O   1 
ATOM   853  C CB  . SER A 1 115 ? 3.271   -11.668 2.630   1.00 18.37 ? 115 SER A CB  1 
ATOM   854  O OG  . SER A 1 115 ? 2.861   -10.331 3.067   1.00 19.04 ? 115 SER A OG  1 
ATOM   855  N N   . TYR A 1 116 ? 4.769   -10.976 5.483   1.00 16.64 ? 116 TYR A N   1 
ATOM   856  C CA  . TYR A 1 116 ? 4.416   -10.531 6.822   1.00 16.90 ? 116 TYR A CA  1 
ATOM   857  C C   . TYR A 1 116 ? 3.183   -9.677  6.874   1.00 16.82 ? 116 TYR A C   1 
ATOM   858  O O   . TYR A 1 116 ? 2.853   -9.122  7.938   1.00 18.60 ? 116 TYR A O   1 
ATOM   859  C CB  . TYR A 1 116 ? 5.580   -9.811  7.470   1.00 17.12 ? 116 TYR A CB  1 
ATOM   860  C CG  . TYR A 1 116 ? 6.655   -10.749 7.990   1.00 17.39 ? 116 TYR A CG  1 
ATOM   861  C CD1 . TYR A 1 116 ? 6.341   -11.747 8.945   1.00 19.48 ? 116 TYR A CD1 1 
ATOM   862  C CD2 . TYR A 1 116 ? 7.929   -10.683 7.499   1.00 20.43 ? 116 TYR A CD2 1 
ATOM   863  C CE1 . TYR A 1 116 ? 7.333   -12.583 9.361   1.00 22.66 ? 116 TYR A CE1 1 
ATOM   864  C CE2 . TYR A 1 116 ? 8.932   -11.504 7.958   1.00 24.43 ? 116 TYR A CE2 1 
ATOM   865  C CZ  . TYR A 1 116 ? 8.582   -12.467 8.904   1.00 27.18 ? 116 TYR A CZ  1 
ATOM   866  O OH  . TYR A 1 116 ? 9.486   -13.372 9.391   1.00 26.38 ? 116 TYR A OH  1 
ATOM   867  N N   . PHE A 1 117 ? 2.480   -9.511  5.762   1.00 16.69 ? 117 PHE A N   1 
ATOM   868  C CA  . PHE A 1 117 ? 1.307   -8.662  5.673   1.00 18.18 ? 117 PHE A CA  1 
ATOM   869  C C   . PHE A 1 117 ? 0.041   -9.386  5.376   1.00 19.13 ? 117 PHE A C   1 
ATOM   870  O O   . PHE A 1 117 ? -1.060  -8.979  5.801   1.00 18.67 ? 117 PHE A O   1 
ATOM   871  C CB  . PHE A 1 117 ? 1.555   -7.527  4.640   1.00 17.15 ? 117 PHE A CB  1 
ATOM   872  C CG  . PHE A 1 117 ? 2.723   -6.656  5.046   1.00 17.55 ? 117 PHE A CG  1 
ATOM   873  C CD1 . PHE A 1 117 ? 4.059   -7.053  4.791   1.00 16.66 ? 117 PHE A CD1 1 
ATOM   874  C CD2 . PHE A 1 117 ? 2.521   -5.497  5.785   1.00 17.91 ? 117 PHE A CD2 1 
ATOM   875  C CE1 . PHE A 1 117 ? 5.137   -6.337  5.222   1.00 18.82 ? 117 PHE A CE1 1 
ATOM   876  C CE2 . PHE A 1 117 ? 3.631   -4.758  6.218   1.00 16.19 ? 117 PHE A CE2 1 
ATOM   877  C CZ  . PHE A 1 117 ? 4.925   -5.185  5.965   1.00 18.68 ? 117 PHE A CZ  1 
ATOM   878  N N   . SER A 1 118 ? 0.148   -10.413 4.546   1.00 18.42 ? 118 SER A N   1 
ATOM   879  C CA  . SER A 1 118 ? -1.049  -10.961 3.948   1.00 19.89 ? 118 SER A CA  1 
ATOM   880  C C   . SER A 1 118 ? -2.045  -11.463 4.959   1.00 18.30 ? 118 SER A C   1 
ATOM   881  O O   . SER A 1 118 ? -3.283  -11.297 4.768   1.00 21.67 ? 118 SER A O   1 
ATOM   882  C CB  . SER A 1 118 ? -0.703  -12.075 2.921   1.00 19.92 ? 118 SER A CB  1 
ATOM   883  O OG  . SER A 1 118 ? 0.165   -11.612 1.898   1.00 19.69 ? 118 SER A OG  1 
ATOM   884  N N   . ASP A 1 119 ? -1.559  -12.099 6.032   1.00 19.62 ? 119 ASP A N   1 
ATOM   885  C CA  . ASP A 1 119 ? -2.525  -12.709 6.991   1.00 21.38 ? 119 ASP A CA  1 
ATOM   886  C C   . ASP A 1 119 ? -3.256  -11.738 7.845   1.00 22.38 ? 119 ASP A C   1 
ATOM   887  O O   . ASP A 1 119 ? -4.138  -12.122 8.552   1.00 25.52 ? 119 ASP A O   1 
ATOM   888  C CB  . ASP A 1 119 ? -1.855  -13.747 7.865   1.00 23.24 ? 119 ASP A CB  1 
ATOM   889  C CG  . ASP A 1 119 ? -0.681  -13.188 8.650   1.00 24.44 ? 119 ASP A CG  1 
ATOM   890  O OD1 . ASP A 1 119 ? 0.196   -12.471 8.050   1.00 24.39 ? 119 ASP A OD1 1 
ATOM   891  O OD2 . ASP A 1 119 ? -0.597  -13.540 9.848   1.00 30.87 ? 119 ASP A OD2 1 
ATOM   892  N N   . VAL A 1 120 ? -2.840  -10.487 7.829   1.00 19.45 ? 120 VAL A N   1 
ATOM   893  C CA  . VAL A 1 120 ? -3.515  -9.459  8.552   1.00 20.26 ? 120 VAL A CA  1 
ATOM   894  C C   . VAL A 1 120 ? -4.105  -8.375  7.674   1.00 19.12 ? 120 VAL A C   1 
ATOM   895  O O   . VAL A 1 120 ? -4.725  -7.438  8.193   1.00 21.54 ? 120 VAL A O   1 
ATOM   896  C CB  . VAL A 1 120 ? -2.678  -8.876  9.688   1.00 22.82 ? 120 VAL A CB  1 
ATOM   897  C CG1 . VAL A 1 120 ? -2.477  -9.926  10.769  1.00 24.55 ? 120 VAL A CG1 1 
ATOM   898  C CG2 . VAL A 1 120 ? -1.340  -8.339  9.189   1.00 21.77 ? 120 VAL A CG2 1 
ATOM   899  N N   . ALA A 1 121 ? -3.972  -8.474  6.380   1.00 18.33 ? 121 ALA A N   1 
ATOM   900  C CA  . ALA A 1 121 ? -4.554  -7.556  5.426   1.00 19.34 ? 121 ALA A CA  1 
ATOM   901  C C   . ALA A 1 121 ? -6.003  -7.943  5.210   1.00 19.78 ? 121 ALA A C   1 
ATOM   902  O O   . ALA A 1 121 ? -6.362  -9.119  5.331   1.00 19.71 ? 121 ALA A O   1 
ATOM   903  C CB  . ALA A 1 121 ? -3.862  -7.676  4.061   1.00 20.66 ? 121 ALA A CB  1 
ATOM   904  N N   . VAL A 1 122 ? -6.818  -6.979  4.801   1.00 17.80 ? 122 VAL A N   1 
ATOM   905  C CA  . VAL A 1 122 ? -8.141  -7.303  4.224   1.00 18.74 ? 122 VAL A CA  1 
ATOM   906  C C   . VAL A 1 122 ? -8.002  -8.289  3.061   1.00 20.44 ? 122 VAL A C   1 
ATOM   907  O O   . VAL A 1 122 ? -8.679  -9.323  2.978   1.00 21.12 ? 122 VAL A O   1 
ATOM   908  C CB  . VAL A 1 122 ? -8.868  -6.097  3.800   1.00 20.10 ? 122 VAL A CB  1 
ATOM   909  C CG1 . VAL A 1 122 ? -10.202 -6.476  3.210   1.00 23.09 ? 122 VAL A CG1 1 
ATOM   910  C CG2 . VAL A 1 122 ? -9.117  -5.166  5.014   1.00 21.00 ? 122 VAL A CG2 1 
ATOM   911  N N   . GLY A 1 123 ? -7.144  -7.950  2.140   1.00 17.91 ? 123 GLY A N   1 
ATOM   912  C CA  . GLY A 1 123 ? -6.832  -8.788  1.016   1.00 18.70 ? 123 GLY A CA  1 
ATOM   913  C C   . GLY A 1 123 ? -5.554  -8.373  0.354   1.00 18.61 ? 123 GLY A C   1 
ATOM   914  O O   . GLY A 1 123 ? -4.860  -7.412  0.785   1.00 18.93 ? 123 GLY A O   1 
ATOM   915  N N   . VAL A 1 124 ? -5.319  -9.000  -0.789  1.00 16.57 ? 124 VAL A N   1 
ATOM   916  C CA  . VAL A 1 124 ? -4.076  -8.913  -1.517  1.00 17.67 ? 124 VAL A CA  1 
ATOM   917  C C   . VAL A 1 124 ? -4.293  -8.915  -3.008  1.00 19.84 ? 124 VAL A C   1 
ATOM   918  O O   . VAL A 1 124 ? -5.109  -9.699  -3.488  1.00 19.90 ? 124 VAL A O   1 
ATOM   919  C CB  . VAL A 1 124 ? -3.104  -10.057 -1.192  1.00 21.67 ? 124 VAL A CB  1 
ATOM   920  C CG1 . VAL A 1 124 ? -1.704  -9.765  -1.781  1.00 21.49 ? 124 VAL A CG1 1 
ATOM   921  C CG2 . VAL A 1 124 ? -2.946  -10.318 0.319   1.00 23.03 ? 124 VAL A CG2 1 
ATOM   922  N N   . ILE A 1 125 ? -3.588  -8.013  -3.736  1.00 17.53 ? 125 ILE A N   1 
ATOM   923  C CA  . ILE A 1 125 ? -3.579  -7.972  -5.183  1.00 19.65 ? 125 ILE A CA  1 
ATOM   924  C C   . ILE A 1 125 ? -2.158  -8.157  -5.646  1.00 20.70 ? 125 ILE A C   1 
ATOM   925  O O   . ILE A 1 125 ? -1.299  -7.373  -5.266  1.00 19.27 ? 125 ILE A O   1 
ATOM   926  C CB  . ILE A 1 125 ? -4.118  -6.664  -5.745  1.00 20.20 ? 125 ILE A CB  1 
ATOM   927  C CG1 . ILE A 1 125 ? -5.557  -6.535  -5.227  1.00 23.53 ? 125 ILE A CG1 1 
ATOM   928  C CG2 . ILE A 1 125 ? -3.999  -6.637  -7.252  1.00 21.91 ? 125 ILE A CG2 1 
ATOM   929  C CD1 . ILE A 1 125 ? -6.227  -5.272  -5.618  1.00 27.24 ? 125 ILE A CD1 1 
ATOM   930  N N   A CYS A 1 126 ? -1.888  -9.199  -6.441  0.50 20.84 ? 126 CYS A N   1 
ATOM   931  N N   B CYS A 1 126 ? -1.901  -9.162  -6.473  0.50 20.71 ? 126 CYS A N   1 
ATOM   932  C CA  A CYS A 1 126 ? -0.513  -9.502  -6.846  0.50 24.15 ? 126 CYS A CA  1 
ATOM   933  C CA  B CYS A 1 126 ? -0.560  -9.286  -6.968  0.50 24.61 ? 126 CYS A CA  1 
ATOM   934  C C   A CYS A 1 126 ? -0.404  -9.761  -8.353  0.50 25.10 ? 126 CYS A C   1 
ATOM   935  C C   B CYS A 1 126 ? -0.460  -9.667  -8.396  0.50 24.92 ? 126 CYS A C   1 
ATOM   936  O O   A CYS A 1 126 ? -1.294  -10.400 -8.909  0.50 22.63 ? 126 CYS A O   1 
ATOM   937  O O   B CYS A 1 126 ? -1.311  -10.381 -8.917  0.50 21.68 ? 126 CYS A O   1 
ATOM   938  C CB  A CYS A 1 126 ? 0.069   -10.534 -5.848  0.50 33.97 ? 126 CYS A CB  1 
ATOM   939  C CB  B CYS A 1 126 ? 0.215   -10.229 -6.137  0.50 31.57 ? 126 CYS A CB  1 
ATOM   940  S SG  A CYS A 1 126 ? 0.949   -12.060 -6.279  0.50 33.63 ? 126 CYS A SG  1 
ATOM   941  S SG  B CYS A 1 126 ? -0.251  -11.883 -6.554  0.50 31.95 ? 126 CYS A SG  1 
ATOM   942  N N   . GLY A 1 127 ? 0.571   -9.135  -9.042  1.00 20.57 ? 127 GLY A N   1 
ATOM   943  C CA  . GLY A 1 127 ? 0.924   -9.516  -10.372 1.00 21.88 ? 127 GLY A CA  1 
ATOM   944  C C   . GLY A 1 127 ? 0.248   -8.776  -11.479 1.00 21.26 ? 127 GLY A C   1 
ATOM   945  O O   . GLY A 1 127 ? 0.442   -9.049  -12.672 1.00 25.90 ? 127 GLY A O   1 
ATOM   946  N N   . LEU A 1 128 ? -0.559  -7.784  -11.113 1.00 20.24 ? 128 LEU A N   1 
ATOM   947  C CA  . LEU A 1 128 ? -1.317  -7.048  -12.070 1.00 20.70 ? 128 LEU A CA  1 
ATOM   948  C C   . LEU A 1 128 ? -0.725  -5.679  -12.456 1.00 22.37 ? 128 LEU A C   1 
ATOM   949  O O   . LEU A 1 128 ? -1.407  -4.897  -13.152 1.00 22.72 ? 128 LEU A O   1 
ATOM   950  C CB  . LEU A 1 128 ? -2.776  -6.863  -11.554 1.00 20.65 ? 128 LEU A CB  1 
ATOM   951  C CG  . LEU A 1 128 ? -3.483  -8.188  -11.205 1.00 21.21 ? 128 LEU A CG  1 
ATOM   952  C CD1 . LEU A 1 128 ? -4.922  -7.972  -10.838 1.00 21.21 ? 128 LEU A CD1 1 
ATOM   953  C CD2 . LEU A 1 128 ? -3.454  -9.195  -12.361 1.00 22.04 ? 128 LEU A CD2 1 
ATOM   954  N N   . GLY A 1 129 ? 0.548   -5.487  -12.096 1.00 23.26 ? 129 GLY A N   1 
ATOM   955  C CA  . GLY A 1 129 ? 1.271   -4.290  -12.415 1.00 24.32 ? 129 GLY A CA  1 
ATOM   956  C C   . GLY A 1 129 ? 0.680   -3.106  -11.689 1.00 20.60 ? 129 GLY A C   1 
ATOM   957  O O   . GLY A 1 129 ? 0.060   -3.226  -10.630 1.00 21.21 ? 129 GLY A O   1 
ATOM   958  N N   . ALA A 1 130 ? 0.974   -1.916  -12.237 1.00 20.21 ? 130 ALA A N   1 
ATOM   959  C CA  . ALA A 1 130 ? 0.643   -0.653  -11.586 1.00 21.93 ? 130 ALA A CA  1 
ATOM   960  C C   . ALA A 1 130 ? -0.854  -0.503  -11.345 1.00 19.94 ? 130 ALA A C   1 
ATOM   961  O O   . ALA A 1 130 ? -1.290  0.137   -10.374 1.00 19.53 ? 130 ALA A O   1 
ATOM   962  C CB  . ALA A 1 130 ? 1.208   0.509   -12.437 1.00 24.62 ? 130 ALA A CB  1 
ATOM   963  N N   . THR A 1 131 ? -1.664  -1.069  -12.268 1.00 20.56 ? 131 THR A N   1 
ATOM   964  C CA  . THR A 1 131 ? -3.131  -1.112  -12.119 1.00 22.08 ? 131 THR A CA  1 
ATOM   965  C C   . THR A 1 131 ? -3.607  -1.725  -10.811 1.00 20.73 ? 131 THR A C   1 
ATOM   966  O O   . THR A 1 131 ? -4.656  -1.379  -10.298 1.00 20.62 ? 131 THR A O   1 
ATOM   967  C CB  . THR A 1 131 ? -3.739  -1.824  -13.314 1.00 26.36 ? 131 THR A CB  1 
ATOM   968  O OG1 . THR A 1 131 ? -3.646  -0.906  -14.398 1.00 31.49 ? 131 THR A OG1 1 
ATOM   969  C CG2 . THR A 1 131 ? -5.177  -2.104  -13.135 1.00 24.85 ? 131 THR A CG2 1 
ATOM   970  N N   . GLY A 1 132 ? -2.813  -2.569  -10.214 1.00 19.10 ? 132 GLY A N   1 
ATOM   971  C CA  . GLY A 1 132 ? -3.225  -3.191  -8.945  1.00 19.87 ? 132 GLY A CA  1 
ATOM   972  C C   . GLY A 1 132 ? -3.531  -2.167  -7.855  1.00 19.48 ? 132 GLY A C   1 
ATOM   973  O O   . GLY A 1 132 ? -4.375  -2.401  -6.990  1.00 19.26 ? 132 GLY A O   1 
ATOM   974  N N   . TYR A 1 133 ? -2.860  -1.003  -7.854  1.00 18.53 ? 133 TYR A N   1 
ATOM   975  C CA  . TYR A 1 133 ? -3.174  -0.011  -6.897  1.00 18.89 ? 133 TYR A CA  1 
ATOM   976  C C   . TYR A 1 133 ? -4.598  0.586   -6.993  1.00 17.27 ? 133 TYR A C   1 
ATOM   977  O O   . TYR A 1 133 ? -5.309  0.666   -5.961  1.00 18.86 ? 133 TYR A O   1 
ATOM   978  C CB  . TYR A 1 133 ? -2.202  1.099   -6.972  1.00 19.29 ? 133 TYR A CB  1 
ATOM   979  C CG  . TYR A 1 133 ? -0.808  0.882   -6.468  1.00 20.20 ? 133 TYR A CG  1 
ATOM   980  C CD1 . TYR A 1 133 ? -0.489  1.056   -5.132  1.00 18.21 ? 133 TYR A CD1 1 
ATOM   981  C CD2 . TYR A 1 133 ? 0.235   0.571   -7.365  1.00 20.25 ? 133 TYR A CD2 1 
ATOM   982  C CE1 . TYR A 1 133 ? 0.869   0.931   -4.683  1.00 19.34 ? 133 TYR A CE1 1 
ATOM   983  C CE2 . TYR A 1 133 ? 1.556   0.473   -6.944  1.00 17.83 ? 133 TYR A CE2 1 
ATOM   984  C CZ  . TYR A 1 133 ? 1.860   0.644   -5.621  1.00 18.89 ? 133 TYR A CZ  1 
ATOM   985  O OH  . TYR A 1 133 ? 3.164   0.613   -5.163  1.00 19.08 ? 133 TYR A OH  1 
ATOM   986  N N   . ARG A 1 134 ? -4.998  0.919   -8.234  1.00 18.91 ? 134 ARG A N   1 
ATOM   987  C CA  . ARG A 1 134 ? -6.357  1.424   -8.389  1.00 21.08 ? 134 ARG A CA  1 
ATOM   988  C C   . ARG A 1 134 ? -7.415  0.393   -8.146  1.00 21.32 ? 134 ARG A C   1 
ATOM   989  O O   . ARG A 1 134 ? -8.488  0.747   -7.730  1.00 19.39 ? 134 ARG A O   1 
ATOM   990  C CB  . ARG A 1 134 ? -6.519  2.186   -9.701  1.00 27.47 ? 134 ARG A CB  1 
ATOM   991  C CG  . ARG A 1 134 ? -6.817  1.354   -10.906 1.00 28.77 ? 134 ARG A CG  1 
ATOM   992  C CD  . ARG A 1 134 ? -7.017  2.285   -12.132 1.00 40.07 ? 134 ARG A CD  1 
ATOM   993  N NE  . ARG A 1 134 ? -6.971  1.519   -13.378 1.00 39.71 ? 134 ARG A NE  1 
ATOM   994  C CZ  . ARG A 1 134 ? -7.980  0.814   -13.874 1.00 39.17 ? 134 ARG A CZ  1 
ATOM   995  N NH1 . ARG A 1 134 ? -9.128  0.729   -13.246 1.00 42.28 ? 134 ARG A NH1 1 
ATOM   996  N NH2 . ARG A 1 134 ? -7.823  0.148   -15.008 1.00 46.08 ? 134 ARG A NH2 1 
ATOM   997  N N   . LEU A 1 135 ? -7.086  -0.884  -8.338  1.00 19.64 ? 135 LEU A N   1 
ATOM   998  C CA  . LEU A 1 135 ? -8.012  -1.926  -8.039  1.00 20.72 ? 135 LEU A CA  1 
ATOM   999  C C   . LEU A 1 135 ? -8.167  -2.030  -6.506  1.00 21.85 ? 135 LEU A C   1 
ATOM   1000 O O   . LEU A 1 135 ? -9.262  -2.215  -5.974  1.00 20.64 ? 135 LEU A O   1 
ATOM   1001 C CB  . LEU A 1 135 ? -7.541  -3.253  -8.593  1.00 20.53 ? 135 LEU A CB  1 
ATOM   1002 C CG  . LEU A 1 135 ? -7.369  -3.286  -10.113 1.00 22.57 ? 135 LEU A CG  1 
ATOM   1003 C CD1 . LEU A 1 135 ? -6.880  -4.652  -10.501 1.00 24.87 ? 135 LEU A CD1 1 
ATOM   1004 C CD2 . LEU A 1 135 ? -8.658  -2.870  -10.869 1.00 24.21 ? 135 LEU A CD2 1 
ATOM   1005 N N   . ALA A 1 136 ? -7.055  -1.960  -5.776  1.00 20.21 ? 136 ALA A N   1 
ATOM   1006 C CA  . ALA A 1 136 ? -7.133  -1.939  -4.314  1.00 20.06 ? 136 ALA A CA  1 
ATOM   1007 C C   . ALA A 1 136 ? -7.928  -0.732  -3.847  1.00 20.83 ? 136 ALA A C   1 
ATOM   1008 O O   . ALA A 1 136 ? -8.718  -0.799  -2.916  1.00 19.87 ? 136 ALA A O   1 
ATOM   1009 C CB  . ALA A 1 136 ? -5.734  -1.872  -3.669  1.00 20.10 ? 136 ALA A CB  1 
ATOM   1010 N N   . LEU A 1 137 ? -7.746  0.397   -4.510  1.00 20.42 ? 137 LEU A N   1 
ATOM   1011 C CA  . LEU A 1 137 ? -8.569  1.609   -4.153  1.00 21.46 ? 137 LEU A CA  1 
ATOM   1012 C C   . LEU A 1 137 ? -10.097 1.372   -4.348  1.00 21.42 ? 137 LEU A C   1 
ATOM   1013 O O   . LEU A 1 137 ? -10.861 1.728   -3.454  1.00 24.64 ? 137 LEU A O   1 
ATOM   1014 C CB  . LEU A 1 137 ? -8.133  2.795   -4.987  1.00 21.92 ? 137 LEU A CB  1 
ATOM   1015 C CG  . LEU A 1 137 ? -8.863  4.096   -4.740  1.00 22.30 ? 137 LEU A CG  1 
ATOM   1016 C CD1 . LEU A 1 137 ? -8.818  4.538   -3.300  1.00 21.14 ? 137 LEU A CD1 1 
ATOM   1017 C CD2 . LEU A 1 137 ? -8.336  5.217   -5.645  1.00 25.37 ? 137 LEU A CD2 1 
ATOM   1018 N N   . GLU A 1 138 ? -10.563 0.793   -5.529  1.00 21.49 ? 138 GLU A N   1 
ATOM   1019 C CA  . GLU A 1 138 ? -11.942 0.369   -5.714  1.00 24.26 ? 138 GLU A CA  1 
ATOM   1020 C C   . GLU A 1 138 ? -12.373 -0.496  -4.536  1.00 23.94 ? 138 GLU A C   1 
ATOM   1021 O O   . GLU A 1 138 ? -13.413 -0.252  -3.924  1.00 24.23 ? 138 GLU A O   1 
ATOM   1022 C CB  . GLU A 1 138 ? -12.095 -0.407  -7.023  1.00 25.86 ? 138 GLU A CB  1 
ATOM   1023 C CG  . GLU A 1 138 ? -11.834 0.423   -8.270  1.00 35.64 ? 138 GLU A CG  1 
ATOM   1024 C CD  . GLU A 1 138 ? -12.743 1.631   -8.367  1.00 44.08 ? 138 GLU A CD  1 
ATOM   1025 O OE1 . GLU A 1 138 ? -13.941 1.503   -8.035  1.00 47.25 ? 138 GLU A OE1 1 
ATOM   1026 O OE2 . GLU A 1 138 ? -12.262 2.709   -8.775  1.00 52.86 ? 138 GLU A OE2 1 
ATOM   1027 N N   . SER A 1 139 ? -11.672 -1.445  -4.188  1.00 21.06 ? 139 SER A N   1 
ATOM   1028 C CA  . SER A 1 139 ? -12.040 -2.262  -3.036  1.00 21.93 ? 139 SER A CA  1 
ATOM   1029 C C   . SER A 1 139 ? -12.164 -1.464  -1.699  1.00 21.07 ? 139 SER A C   1 
ATOM   1030 O O   . SER A 1 139 ? -13.131 -1.638  -0.928  1.00 21.75 ? 139 SER A O   1 
ATOM   1031 C CB  . SER A 1 139 ? -11.086 -3.500  -2.857  1.00 20.59 ? 139 SER A CB  1 
ATOM   1032 O OG  . SER A 1 139 ? -11.457 -4.217  -1.695  1.00 21.74 ? 139 SER A OG  1 
ATOM   1033 N N   . ALA A 1 140 ? -11.168 -0.634  -1.418  1.00 20.57 ? 140 ALA A N   1 
ATOM   1034 C CA  . ALA A 1 140 ? -11.143 0.196   -0.242  1.00 20.62 ? 140 ALA A CA  1 
ATOM   1035 C C   . ALA A 1 140 ? -12.401 1.107   -0.215  1.00 21.24 ? 140 ALA A C   1 
ATOM   1036 O O   . ALA A 1 140 ? -12.962 1.328   0.867   1.00 24.09 ? 140 ALA A O   1 
ATOM   1037 C CB  . ALA A 1 140 ? -9.902  1.048   -0.252  1.00 22.29 ? 140 ALA A CB  1 
ATOM   1038 N N   . LEU A 1 141 ? -12.773 1.659   -1.351  1.00 25.36 ? 141 LEU A N   1 
ATOM   1039 C CA  . LEU A 1 141 ? -13.944 2.578   -1.376  1.00 30.18 ? 141 LEU A CA  1 
ATOM   1040 C C   . LEU A 1 141 ? -15.194 1.803   -0.947  1.00 31.59 ? 141 LEU A C   1 
ATOM   1041 O O   . LEU A 1 141 ? -16.056 2.352   -0.256  1.00 29.88 ? 141 LEU A O   1 
ATOM   1042 C CB  . LEU A 1 141 ? -14.131 3.226   -2.743  1.00 34.61 ? 141 LEU A CB  1 
ATOM   1043 C CG  . LEU A 1 141 ? -13.007 4.125   -3.295  1.00 37.96 ? 141 LEU A CG  1 
ATOM   1044 C CD1 . LEU A 1 141 ? -13.344 4.692   -4.670  1.00 43.42 ? 141 LEU A CD1 1 
ATOM   1045 C CD2 . LEU A 1 141 ? -12.637 5.168   -2.295  1.00 39.47 ? 141 LEU A CD2 1 
ATOM   1046 N N   . GLU A 1 142 ? -15.288 0.543   -1.351  1.00 25.80 ? 142 GLU A N   1 
ATOM   1047 C CA  . GLU A 1 142 ? -16.411 -0.308  -0.909  1.00 30.15 ? 142 GLU A CA  1 
ATOM   1048 C C   . GLU A 1 142 ? -16.324 -0.672  0.559   1.00 29.84 ? 142 GLU A C   1 
ATOM   1049 O O   . GLU A 1 142 ? -17.327 -0.679  1.308   1.00 30.78 ? 142 GLU A O   1 
ATOM   1050 C CB  . GLU A 1 142 ? -16.439 -1.527  -1.773  1.00 32.62 ? 142 GLU A CB  1 
ATOM   1051 C CG  . GLU A 1 142 ? -17.391 -2.605  -1.368  1.00 37.63 ? 142 GLU A CG  1 
ATOM   1052 C CD  . GLU A 1 142 ? -17.076 -3.775  -2.254  1.00 47.38 ? 142 GLU A CD  1 
ATOM   1053 O OE1 . GLU A 1 142 ? -17.354 -3.566  -3.462  1.00 41.97 ? 142 GLU A OE1 1 
ATOM   1054 O OE2 . GLU A 1 142 ? -16.449 -4.764  -1.762  1.00 40.56 ? 142 GLU A OE2 1 
ATOM   1055 N N   . GLN A 1 143 ? -15.114 -0.995  0.987   1.00 28.64 ? 143 GLN A N   1 
ATOM   1056 C CA  . GLN A 1 143 ? -14.870 -1.394  2.359   1.00 26.22 ? 143 GLN A CA  1 
ATOM   1057 C C   . GLN A 1 143 ? -15.258 -0.231  3.273   1.00 31.51 ? 143 GLN A C   1 
ATOM   1058 O O   . GLN A 1 143 ? -15.778 -0.484  4.362   1.00 33.15 ? 143 GLN A O   1 
ATOM   1059 C CB  . GLN A 1 143 ? -13.420 -1.843  2.660   1.00 30.45 ? 143 GLN A CB  1 
ATOM   1060 C CG  . GLN A 1 143 ? -12.808 -3.057  1.925   1.00 32.39 ? 143 GLN A CG  1 
ATOM   1061 C CD  . GLN A 1 143 ? -13.271 -4.353  2.443   1.00 37.65 ? 143 GLN A CD  1 
ATOM   1062 O OE1 . GLN A 1 143 ? -13.423 -4.524  3.636   1.00 37.74 ? 143 GLN A OE1 1 
ATOM   1063 N NE2 . GLN A 1 143 ? -13.522 -5.310  1.528   1.00 37.87 ? 143 GLN A NE2 1 
ATOM   1064 N N   . LEU A 1 144 ? -15.062 0.995   2.814   1.00 28.66 ? 144 LEU A N   1 
ATOM   1065 C CA  . LEU A 1 144 ? -15.333 2.171   3.642   1.00 36.09 ? 144 LEU A CA  1 
ATOM   1066 C C   . LEU A 1 144 ? -16.853 2.422   3.839   1.00 41.76 ? 144 LEU A C   1 
ATOM   1067 O O   . LEU A 1 144 ? -17.243 3.055   4.802   1.00 38.63 ? 144 LEU A O   1 
ATOM   1068 C CB  . LEU A 1 144 ? -14.645 3.408   3.078   1.00 36.57 ? 144 LEU A CB  1 
ATOM   1069 C CG  . LEU A 1 144 ? -13.114 3.442   3.350   1.00 36.34 ? 144 LEU A CG  1 
ATOM   1070 C CD1 . LEU A 1 144 ? -12.522 4.627   2.648   1.00 38.10 ? 144 LEU A CD1 1 
ATOM   1071 C CD2 . LEU A 1 144 ? -12.765 3.439   4.834   1.00 35.60 ? 144 LEU A CD2 1 
ATOM   1072 N N   . GLN A 1 145 ? -17.707 1.872   2.982   1.00 44.43 ? 145 GLN A N   1 
ATOM   1073 C CA  . GLN A 1 145 ? -19.176 2.020   3.184   1.00 49.07 ? 145 GLN A CA  1 
ATOM   1074 C C   . GLN A 1 145 ? -19.814 1.002   4.145   1.00 46.35 ? 145 GLN A C   1 
ATOM   1075 O O   . GLN A 1 145 ? -19.157 0.044   4.567   1.00 50.65 ? 145 GLN A O   1 
ATOM   1076 C CB  . GLN A 1 145 ? -19.878 2.024   1.821   1.00 47.24 ? 145 GLN A CB  1 
ATOM   1077 C CG  . GLN A 1 145 ? -19.327 3.053   0.838   1.00 49.08 ? 145 GLN A CG  1 
ATOM   1078 C CD  . GLN A 1 145 ? -19.173 4.437   1.456   1.00 54.93 ? 145 GLN A CD  1 
ATOM   1079 O OE1 . GLN A 1 145 ? -18.184 5.165   1.230   1.00 61.18 ? 145 GLN A OE1 1 
ATOM   1080 N NE2 . GLN A 1 145 ? -20.151 4.804   2.257   1.00 56.03 ? 145 GLN A NE2 1 
HETATM 1081 O O   . HOH B 2 .   ? 8.821   6.212   -10.342 1.00 25.16 ? 201 HOH A O   1 
HETATM 1082 O O   . HOH B 2 .   ? -11.458 -4.734  7.904   1.00 36.54 ? 202 HOH A O   1 
HETATM 1083 O O   . HOH B 2 .   ? 8.968   -9.204  -3.755  1.00 24.69 ? 203 HOH A O   1 
HETATM 1084 O O   . HOH B 2 .   ? -0.734  -5.591  -9.027  1.00 23.30 ? 204 HOH A O   1 
HETATM 1085 O O   . HOH B 2 .   ? 14.999  2.541   9.020   1.00 24.61 ? 205 HOH A O   1 
HETATM 1086 O O   . HOH B 2 .   ? 5.765   -4.500  -6.016  1.00 25.15 ? 206 HOH A O   1 
HETATM 1087 O O   . HOH B 2 .   ? 11.160  -6.074  11.391  1.00 24.22 ? 207 HOH A O   1 
HETATM 1088 O O   . HOH B 2 .   ? 1.636   -4.006  17.034  1.00 25.98 ? 208 HOH A O   1 
HETATM 1089 O O   . HOH B 2 .   ? 2.446   -15.421 3.046   1.00 27.61 ? 209 HOH A O   1 
HETATM 1090 O O   . HOH B 2 .   ? 7.408   9.640   8.101   1.00 24.89 ? 210 HOH A O   1 
HETATM 1091 O O   . HOH B 2 .   ? 12.912  -5.326  6.831   1.00 29.41 ? 211 HOH A O   1 
HETATM 1092 O O   . HOH B 2 .   ? 2.465   -12.332 -14.225 1.00 29.68 ? 212 HOH A O   1 
HETATM 1093 O O   . HOH B 2 .   ? 8.752   -5.944  -4.772  1.00 34.45 ? 213 HOH A O   1 
HETATM 1094 O O   . HOH B 2 .   ? 0.305   12.928  -0.016  1.00 26.20 ? 214 HOH A O   1 
HETATM 1095 O O   . HOH B 2 .   ? 12.736  -5.016  9.672   1.00 29.66 ? 215 HOH A O   1 
HETATM 1096 O O   . HOH B 2 .   ? 14.336  8.614   13.185  1.00 46.45 ? 216 HOH A O   1 
HETATM 1097 O O   . HOH B 2 .   ? -7.766  13.744  5.798   1.00 28.24 ? 217 HOH A O   1 
HETATM 1098 O O   . HOH B 2 .   ? 2.615   -1.946  -14.641 1.00 32.43 ? 218 HOH A O   1 
HETATM 1099 O O   . HOH B 2 .   ? 11.541  -5.009  -4.771  1.00 33.03 ? 219 HOH A O   1 
HETATM 1100 O O   . HOH B 2 .   ? 15.404  0.831   5.232   1.00 22.13 ? 220 HOH A O   1 
HETATM 1101 O O   . HOH B 2 .   ? 9.906   10.130  -0.007  1.00 27.37 ? 221 HOH A O   1 
HETATM 1102 O O   . HOH B 2 .   ? 5.370   10.713  9.391   1.00 31.09 ? 222 HOH A O   1 
HETATM 1103 O O   . HOH B 2 .   ? 3.931   -3.378  18.431  1.00 37.64 ? 223 HOH A O   1 
HETATM 1104 O O   . HOH B 2 .   ? 7.559   9.264   -10.132 1.00 29.55 ? 224 HOH A O   1 
HETATM 1105 O O   . HOH B 2 .   ? 13.562  7.204   0.526   1.00 21.69 ? 225 HOH A O   1 
HETATM 1106 O O   . HOH B 2 .   ? -11.105 10.489  7.805   1.00 32.55 ? 226 HOH A O   1 
HETATM 1107 O O   . HOH B 2 .   ? 10.671  -15.426 2.940   1.00 29.39 ? 227 HOH A O   1 
HETATM 1108 O O   . HOH B 2 .   ? 4.829   -10.976 -12.675 1.00 30.49 ? 228 HOH A O   1 
HETATM 1109 O O   . HOH B 2 .   ? 4.404   -12.755 -0.564  1.00 30.60 ? 229 HOH A O   1 
HETATM 1110 O O   . HOH B 2 .   ? -12.198 -3.084  5.887   1.00 38.61 ? 230 HOH A O   1 
HETATM 1111 O O   . HOH B 2 .   ? 12.938  7.636   -2.166  1.00 28.11 ? 231 HOH A O   1 
HETATM 1112 O O   . HOH B 2 .   ? -5.859  -4.242  12.227  1.00 40.77 ? 232 HOH A O   1 
HETATM 1113 O O   . HOH B 2 .   ? 0.957   -14.118 5.276   1.00 27.32 ? 233 HOH A O   1 
HETATM 1114 O O   . HOH B 2 .   ? 14.330  8.170   -7.600  1.00 38.86 ? 234 HOH A O   1 
HETATM 1115 O O   . HOH B 2 .   ? -17.276 13.789  1.004   1.00 43.34 ? 235 HOH A O   1 
HETATM 1116 O O   . HOH B 2 .   ? 6.584   7.396   15.252  1.00 21.77 ? 236 HOH A O   1 
HETATM 1117 O O   . HOH B 2 .   ? -13.828 -5.420  -1.693  1.00 28.64 ? 237 HOH A O   1 
HETATM 1118 O O   . HOH B 2 .   ? 0.489   -7.792  -15.243 1.00 37.79 ? 238 HOH A O   1 
HETATM 1119 O O   . HOH B 2 .   ? -2.248  13.433  -1.593  1.00 29.82 ? 239 HOH A O   1 
HETATM 1120 O O   . HOH B 2 .   ? 4.329   10.950  -6.389  1.00 39.35 ? 240 HOH A O   1 
HETATM 1121 O O   . HOH B 2 .   ? 15.272  -11.724 -7.363  1.00 26.94 ? 241 HOH A O   1 
HETATM 1122 O O   . HOH B 2 .   ? 11.552  8.922   -8.830  1.00 42.32 ? 242 HOH A O   1 
HETATM 1123 O O   . HOH B 2 .   ? 14.150  -18.906 -2.075  1.00 26.42 ? 243 HOH A O   1 
HETATM 1124 O O   . HOH B 2 .   ? -17.086 -7.517  -2.321  1.00 28.11 ? 244 HOH A O   1 
HETATM 1125 O O   . HOH B 2 .   ? 2.025   -14.715 0.189   1.00 36.09 ? 245 HOH A O   1 
HETATM 1126 O O   . HOH B 2 .   ? 12.652  -13.086 -9.507  1.00 36.45 ? 246 HOH A O   1 
HETATM 1127 O O   . HOH B 2 .   ? 9.820   8.809   -3.693  1.00 36.70 ? 247 HOH A O   1 
HETATM 1128 O O   . HOH B 2 .   ? -5.890  -7.379  10.706  1.00 36.42 ? 248 HOH A O   1 
HETATM 1129 O O   . HOH B 2 .   ? 10.035  9.884   10.097  1.00 35.43 ? 249 HOH A O   1 
HETATM 1130 O O   . HOH B 2 .   ? 3.159   -13.932 8.108   1.00 36.23 ? 250 HOH A O   1 
HETATM 1131 O O   . HOH B 2 .   ? -3.186  4.467   -10.099 1.00 33.04 ? 251 HOH A O   1 
HETATM 1132 O O   . HOH B 2 .   ? -1.562  2.302   19.279  1.00 38.41 ? 252 HOH A O   1 
HETATM 1133 O O   . HOH B 2 .   ? 11.054  -6.933  -7.575  1.00 45.10 ? 253 HOH A O   1 
HETATM 1134 O O   . HOH B 2 .   ? -1.527  9.779   -13.572 1.00 34.14 ? 254 HOH A O   1 
HETATM 1135 O O   . HOH B 2 .   ? -13.315 13.623  1.803   1.00 31.64 ? 255 HOH A O   1 
HETATM 1136 O O   . HOH B 2 .   ? -6.692  6.698   12.030  1.00 35.98 ? 256 HOH A O   1 
HETATM 1137 O O   . HOH B 2 .   ? 11.203  -0.632  -9.031  1.00 48.73 ? 257 HOH A O   1 
HETATM 1138 O O   . HOH B 2 .   ? 7.807   11.228  5.931   1.00 32.81 ? 258 HOH A O   1 
HETATM 1139 O O   . HOH B 2 .   ? 7.127   10.384  -7.506  1.00 41.82 ? 259 HOH A O   1 
HETATM 1140 O O   . HOH B 2 .   ? 13.915  -7.602  -7.848  1.00 38.25 ? 260 HOH A O   1 
HETATM 1141 O O   . HOH B 2 .   ? 8.188   -5.253  -8.530  1.00 54.26 ? 261 HOH A O   1 
HETATM 1142 O O   . HOH B 2 .   ? 15.161  -3.382  10.025  1.00 36.58 ? 262 HOH A O   1 
HETATM 1143 O O   . HOH B 2 .   ? -1.127  16.315  -13.994 1.00 33.57 ? 263 HOH A O   1 
HETATM 1144 O O   . HOH B 2 .   ? 12.957  -10.600 8.273   1.00 34.03 ? 264 HOH A O   1 
HETATM 1145 O O   . HOH B 2 .   ? 6.444   -7.087  -4.224  1.00 41.59 ? 265 HOH A O   1 
HETATM 1146 O O   . HOH B 2 .   ? 5.031   9.476   14.059  1.00 36.04 ? 266 HOH A O   1 
HETATM 1147 O O   . HOH B 2 .   ? 5.577   11.272  12.108  1.00 36.40 ? 267 HOH A O   1 
HETATM 1148 O O   . HOH B 2 .   ? 3.056   10.225  15.416  1.00 42.70 ? 268 HOH A O   1 
HETATM 1149 O O   . HOH B 2 .   ? 0.438   -12.884 -0.386  1.00 39.69 ? 269 HOH A O   1 
HETATM 1150 O O   . HOH B 2 .   ? 12.197  9.255   1.625   1.00 33.65 ? 270 HOH A O   1 
HETATM 1151 O O   . HOH B 2 .   ? 2.317   12.812  8.332   1.00 46.54 ? 271 HOH A O   1 
HETATM 1152 O O   . HOH B 2 .   ? 7.130   -21.757 -1.586  1.00 51.25 ? 272 HOH A O   1 
HETATM 1153 O O   . HOH B 2 .   ? -5.510  13.898  -2.387  1.00 39.00 ? 273 HOH A O   1 
HETATM 1154 O O   . HOH B 2 .   ? 4.808   11.879  -0.494  1.00 44.34 ? 274 HOH A O   1 
HETATM 1155 O O   . HOH B 2 .   ? -21.814 8.273   1.188   1.00 53.46 ? 275 HOH A O   1 
HETATM 1156 O O   . HOH B 2 .   ? 16.539  -15.613 -9.211  1.00 44.30 ? 276 HOH A O   1 
HETATM 1157 O O   . HOH B 2 .   ? -2.284  -14.758 11.494  1.00 48.05 ? 277 HOH A O   1 
HETATM 1158 O O   . HOH B 2 .   ? 8.555   -20.141 -8.454  1.00 52.68 ? 278 HOH A O   1 
HETATM 1159 O O   . HOH B 2 .   ? -4.226  -2.917  10.594  1.00 33.51 ? 279 HOH A O   1 
HETATM 1160 O O   . HOH B 2 .   ? -6.256  -5.072  7.640   1.00 22.22 ? 280 HOH A O   1 
HETATM 1161 O O   . HOH B 2 .   ? -8.745  -5.415  8.860   1.00 35.44 ? 281 HOH A O   1 
HETATM 1162 O O   . HOH B 2 .   ? -15.469 6.823   5.786   1.00 51.19 ? 282 HOH A O   1 
HETATM 1163 O O   . HOH B 2 .   ? 9.638   0.001   -14.067 1.00 40.79 ? 283 HOH A O   1 
HETATM 1164 O O   . HOH B 2 .   ? -5.011  -4.334  14.988  1.00 37.85 ? 284 HOH A O   1 
HETATM 1165 O O   . HOH B 2 .   ? 6.803   -12.252 -11.568 1.00 46.78 ? 285 HOH A O   1 
HETATM 1166 O O   . HOH B 2 .   ? -11.112 2.450   9.521   1.00 42.31 ? 286 HOH A O   1 
HETATM 1167 O O   . HOH B 2 .   ? 3.891   5.644   -19.101 1.00 42.90 ? 287 HOH A O   1 
HETATM 1168 O O   . HOH B 2 .   ? 12.042  7.165   13.546  1.00 30.08 ? 288 HOH A O   1 
HETATM 1169 O O   . HOH B 2 .   ? 12.017  -3.412  -2.957  1.00 30.00 ? 289 HOH A O   1 
HETATM 1170 O O   . HOH B 2 .   ? 1.845   12.222  -8.000  1.00 30.00 ? 290 HOH A O   1 
HETATM 1171 O O   . HOH B 2 .   ? 6.966   10.089  -1.372  1.00 30.00 ? 291 HOH A O   1 
HETATM 1172 O O   . HOH B 2 .   ? -3.218  1.925   -10.322 1.00 30.00 ? 292 HOH A O   1 
HETATM 1173 O O   . HOH B 2 .   ? 4.642   8.559   -3.014  1.00 30.00 ? 293 HOH A O   1 
HETATM 1174 O O   . HOH B 2 .   ? 2.669   11.355  3.348   1.00 30.00 ? 294 HOH A O   1 
HETATM 1175 O O   . HOH B 2 .   ? 3.935   -6.469  -13.453 1.00 30.00 ? 295 HOH A O   1 
HETATM 1176 O O   . HOH B 2 .   ? -11.123 8.419   11.583  1.00 30.00 ? 296 HOH A O   1 
HETATM 1177 O O   . HOH B 2 .   ? -9.854  2.982   -8.814  1.00 30.00 ? 297 HOH A O   1 
HETATM 1178 O O   . HOH B 2 .   ? 0.196   -16.332 -1.536  0.50 30.00 ? 298 HOH A O   1 
HETATM 1179 O O   . HOH B 2 .   ? 6.626   -6.955  -7.498  1.00 30.00 ? 299 HOH A O   1 
HETATM 1180 O O   . HOH B 2 .   ? 5.419   6.652   -17.746 1.00 30.00 ? 300 HOH A O   1 
HETATM 1181 O O   . HOH B 2 .   ? -12.217 4.807   10.099  1.00 30.00 ? 301 HOH A O   1 
HETATM 1182 O O   . HOH B 2 .   ? -12.777 8.800   9.988   1.00 30.00 ? 302 HOH A O   1 
HETATM 1183 O O   . HOH B 2 .   ? 9.517   -20.943 -6.825  1.00 30.00 ? 303 HOH A O   1 
HETATM 1184 O O   . HOH B 2 .   ? 2.091   4.543   -18.184 1.00 30.00 ? 304 HOH A O   1 
HETATM 1185 O O   . HOH B 2 .   ? 9.794   11.700  2.404   1.00 30.00 ? 305 HOH A O   1 
HETATM 1186 O O   . HOH B 2 .   ? 12.043  -13.160 9.025   1.00 30.00 ? 306 HOH A O   1 
HETATM 1187 O O   . HOH B 2 .   ? -11.954 2.039   7.470   1.00 30.00 ? 307 HOH A O   1 
HETATM 1188 O O   . HOH B 2 .   ? 0.829   12.859  3.912   1.00 30.00 ? 308 HOH A O   1 
HETATM 1189 O O   . HOH B 2 .   ? -10.147 1.531   -11.127 1.00 30.00 ? 309 HOH A O   1 
HETATM 1190 O O   . HOH B 2 .   ? -11.674 5.768   -8.739  1.00 30.00 ? 310 HOH A O   1 
HETATM 1191 O O   . HOH B 2 .   ? -8.959  11.722  -14.895 1.00 30.00 ? 311 HOH A O   1 
HETATM 1192 O O   . HOH B 2 .   ? 8.255   -4.422  -6.631  1.00 30.00 ? 312 HOH A O   1 
HETATM 1193 O O   . HOH B 2 .   ? 11.461  -15.350 6.819   1.00 30.00 ? 313 HOH A O   1 
# 
